data_3NTH
# 
_entry.id   3NTH 
# 
_audit_conform.dict_name       mmcif_pdbx.dic 
_audit_conform.dict_version    5.398 
_audit_conform.dict_location   http://mmcif.pdb.org/dictionaries/ascii/mmcif_pdbx.dic 
# 
loop_
_database_2.database_id 
_database_2.database_code 
_database_2.pdbx_database_accession 
_database_2.pdbx_DOI 
PDB   3NTH         pdb_00003nth 10.2210/pdb3nth/pdb 
RCSB  RCSB060259   ?            ?                   
WWPDB D_1000060259 ?            ?                   
# 
loop_
_pdbx_audit_revision_history.ordinal 
_pdbx_audit_revision_history.data_content_type 
_pdbx_audit_revision_history.major_revision 
_pdbx_audit_revision_history.minor_revision 
_pdbx_audit_revision_history.revision_date 
1 'Structure model' 1 0 2010-09-15 
2 'Structure model' 1 1 2011-07-13 
3 'Structure model' 1 2 2023-11-01 
4 'Structure model' 1 3 2024-11-13 
# 
_pdbx_audit_revision_details.ordinal             1 
_pdbx_audit_revision_details.revision_ordinal    1 
_pdbx_audit_revision_details.data_content_type   'Structure model' 
_pdbx_audit_revision_details.provider            repository 
_pdbx_audit_revision_details.type                'Initial release' 
_pdbx_audit_revision_details.description         ? 
_pdbx_audit_revision_details.details             ? 
# 
loop_
_pdbx_audit_revision_group.ordinal 
_pdbx_audit_revision_group.revision_ordinal 
_pdbx_audit_revision_group.data_content_type 
_pdbx_audit_revision_group.group 
1 2 'Structure model' 'Version format compliance' 
2 3 'Structure model' 'Data collection'           
3 3 'Structure model' 'Database references'       
4 3 'Structure model' 'Derived calculations'      
5 3 'Structure model' 'Refinement description'    
6 4 'Structure model' 'Structure summary'         
# 
loop_
_pdbx_audit_revision_category.ordinal 
_pdbx_audit_revision_category.revision_ordinal 
_pdbx_audit_revision_category.data_content_type 
_pdbx_audit_revision_category.category 
1 3 'Structure model' chem_comp_atom                
2 3 'Structure model' chem_comp_bond                
3 3 'Structure model' database_2                    
4 3 'Structure model' pdbx_initial_refinement_model 
5 3 'Structure model' struct_conn                   
6 4 'Structure model' pdbx_entry_details            
7 4 'Structure model' pdbx_modification_feature     
# 
loop_
_pdbx_audit_revision_item.ordinal 
_pdbx_audit_revision_item.revision_ordinal 
_pdbx_audit_revision_item.data_content_type 
_pdbx_audit_revision_item.item 
1 3 'Structure model' '_database_2.pdbx_DOI'                
2 3 'Structure model' '_database_2.pdbx_database_accession' 
3 3 'Structure model' '_struct_conn.pdbx_leaving_atom_flag' 
# 
_pdbx_database_status.status_code                     REL 
_pdbx_database_status.entry_id                        3NTH 
_pdbx_database_status.recvd_initial_deposition_date   2010-07-05 
_pdbx_database_status.deposit_site                    RCSB 
_pdbx_database_status.process_site                    PDBJ 
_pdbx_database_status.status_code_sf                  REL 
_pdbx_database_status.status_code_mr                  ? 
_pdbx_database_status.SG_entry                        ? 
_pdbx_database_status.pdb_format_compatible           Y 
_pdbx_database_status.status_code_cs                  ? 
_pdbx_database_status.status_code_nmr_data            ? 
_pdbx_database_status.methods_development_category    ? 
# 
loop_
_pdbx_database_related.db_name 
_pdbx_database_related.db_id 
_pdbx_database_related.details 
_pdbx_database_related.content_type 
PDB 3NTI . unspecified 
PDB 3NTK . unspecified 
# 
loop_
_audit_author.name 
_audit_author.pdbx_ordinal 
'Liu, H.P.'  1 
'Huang, Y.'  2 
'Li, Z.Z.'   3 
'Gong, W.M.' 4 
'Xu, R.M.'   5 
# 
_citation.id                        primary 
_citation.title                     'Structural basis for methylarginine-dependent recognition of Aubergine by Tudor' 
_citation.journal_abbrev            'Genes Dev.' 
_citation.journal_volume            24 
_citation.page_first                1876 
_citation.page_last                 1881 
_citation.year                      2010 
_citation.journal_id_ASTM           GEDEEP 
_citation.country                   US 
_citation.journal_id_ISSN           0890-9369 
_citation.journal_id_CSD            2056 
_citation.book_publisher            ? 
_citation.pdbx_database_id_PubMed   20713507 
_citation.pdbx_database_id_DOI      10.1101/gad.1956010 
# 
loop_
_citation_author.citation_id 
_citation_author.name 
_citation_author.ordinal 
_citation_author.identifier_ORCID 
primary 'Liu, H.P.'   1 ? 
primary 'Wang, J.Y.'  2 ? 
primary 'Huang, Y.'   3 ? 
primary 'Li, Z.Z.'    4 ? 
primary 'Gong, W.M.'  5 ? 
primary 'Lehmann, R.' 6 ? 
primary 'Xu, R.M.'    7 ? 
# 
loop_
_entity.id 
_entity.type 
_entity.src_method 
_entity.pdbx_description 
_entity.formula_weight 
_entity.pdbx_number_of_molecules 
_entity.pdbx_ec 
_entity.pdbx_mutation 
_entity.pdbx_fragment 
_entity.details 
1 polymer man 'Maternal protein tudor' 19568.021 1  ? ? 'the last extended Tudor domain' ? 
2 polymer syn 'peptide from Aubergine' 701.823   1  ? ? ?                                ? 
3 water   nat water                    18.015    38 ? ? ?                                ? 
# 
_entity_name_com.entity_id   2 
_entity_name_com.name        'Aub[R13(me2s)]' 
# 
loop_
_entity_poly.entity_id 
_entity_poly.type 
_entity_poly.nstd_linkage 
_entity_poly.nstd_monomer 
_entity_poly.pdbx_seq_one_letter_code 
_entity_poly.pdbx_seq_one_letter_code_can 
_entity_poly.pdbx_strand_id 
_entity_poly.pdbx_target_identifier 
1 'polypeptide(L)' no no  
;LEAELHNCVVVQFDGPMSFYVQMESDVPALEQMTDKLLDAEQDLPAFSDLKEGALCVAQFPEDEVFYRAQIRKVLDDGKC
EVHFIDFGNNAVTQQFRQLPEELAKPARYSRHCELDASTISKCDAALLQSFIDTRFSETFQVEILATKGTGTHVVRLFYQ
SKNISEKLQECQ
;
;LEAELHNCVVVQFDGPMSFYVQMESDVPALEQMTDKLLDAEQDLPAFSDLKEGALCVAQFPEDEVFYRAQIRKVLDDGKC
EVHFIDFGNNAVTQQFRQLPEELAKPARYSRHCELDASTISKCDAALLQSFIDTRFSETFQVEILATKGTGTHVVRLFYQ
SKNISEKLQECQ
;
A ? 
2 'polypeptide(L)' no yes 'ARG(2MR)GR' ARGRGR C ? 
# 
_pdbx_entity_nonpoly.entity_id   3 
_pdbx_entity_nonpoly.name        water 
_pdbx_entity_nonpoly.comp_id     HOH 
# 
loop_
_entity_poly_seq.entity_id 
_entity_poly_seq.num 
_entity_poly_seq.mon_id 
_entity_poly_seq.hetero 
1 1   LEU n 
1 2   GLU n 
1 3   ALA n 
1 4   GLU n 
1 5   LEU n 
1 6   HIS n 
1 7   ASN n 
1 8   CYS n 
1 9   VAL n 
1 10  VAL n 
1 11  VAL n 
1 12  GLN n 
1 13  PHE n 
1 14  ASP n 
1 15  GLY n 
1 16  PRO n 
1 17  MET n 
1 18  SER n 
1 19  PHE n 
1 20  TYR n 
1 21  VAL n 
1 22  GLN n 
1 23  MET n 
1 24  GLU n 
1 25  SER n 
1 26  ASP n 
1 27  VAL n 
1 28  PRO n 
1 29  ALA n 
1 30  LEU n 
1 31  GLU n 
1 32  GLN n 
1 33  MET n 
1 34  THR n 
1 35  ASP n 
1 36  LYS n 
1 37  LEU n 
1 38  LEU n 
1 39  ASP n 
1 40  ALA n 
1 41  GLU n 
1 42  GLN n 
1 43  ASP n 
1 44  LEU n 
1 45  PRO n 
1 46  ALA n 
1 47  PHE n 
1 48  SER n 
1 49  ASP n 
1 50  LEU n 
1 51  LYS n 
1 52  GLU n 
1 53  GLY n 
1 54  ALA n 
1 55  LEU n 
1 56  CYS n 
1 57  VAL n 
1 58  ALA n 
1 59  GLN n 
1 60  PHE n 
1 61  PRO n 
1 62  GLU n 
1 63  ASP n 
1 64  GLU n 
1 65  VAL n 
1 66  PHE n 
1 67  TYR n 
1 68  ARG n 
1 69  ALA n 
1 70  GLN n 
1 71  ILE n 
1 72  ARG n 
1 73  LYS n 
1 74  VAL n 
1 75  LEU n 
1 76  ASP n 
1 77  ASP n 
1 78  GLY n 
1 79  LYS n 
1 80  CYS n 
1 81  GLU n 
1 82  VAL n 
1 83  HIS n 
1 84  PHE n 
1 85  ILE n 
1 86  ASP n 
1 87  PHE n 
1 88  GLY n 
1 89  ASN n 
1 90  ASN n 
1 91  ALA n 
1 92  VAL n 
1 93  THR n 
1 94  GLN n 
1 95  GLN n 
1 96  PHE n 
1 97  ARG n 
1 98  GLN n 
1 99  LEU n 
1 100 PRO n 
1 101 GLU n 
1 102 GLU n 
1 103 LEU n 
1 104 ALA n 
1 105 LYS n 
1 106 PRO n 
1 107 ALA n 
1 108 ARG n 
1 109 TYR n 
1 110 SER n 
1 111 ARG n 
1 112 HIS n 
1 113 CYS n 
1 114 GLU n 
1 115 LEU n 
1 116 ASP n 
1 117 ALA n 
1 118 SER n 
1 119 THR n 
1 120 ILE n 
1 121 SER n 
1 122 LYS n 
1 123 CYS n 
1 124 ASP n 
1 125 ALA n 
1 126 ALA n 
1 127 LEU n 
1 128 LEU n 
1 129 GLN n 
1 130 SER n 
1 131 PHE n 
1 132 ILE n 
1 133 ASP n 
1 134 THR n 
1 135 ARG n 
1 136 PHE n 
1 137 SER n 
1 138 GLU n 
1 139 THR n 
1 140 PHE n 
1 141 GLN n 
1 142 VAL n 
1 143 GLU n 
1 144 ILE n 
1 145 LEU n 
1 146 ALA n 
1 147 THR n 
1 148 LYS n 
1 149 GLY n 
1 150 THR n 
1 151 GLY n 
1 152 THR n 
1 153 HIS n 
1 154 VAL n 
1 155 VAL n 
1 156 ARG n 
1 157 LEU n 
1 158 PHE n 
1 159 TYR n 
1 160 GLN n 
1 161 SER n 
1 162 LYS n 
1 163 ASN n 
1 164 ILE n 
1 165 SER n 
1 166 GLU n 
1 167 LYS n 
1 168 LEU n 
1 169 GLN n 
1 170 GLU n 
1 171 CYS n 
1 172 GLN n 
2 1   ALA n 
2 2   ARG n 
2 3   GLY n 
2 4   2MR n 
2 5   GLY n 
2 6   ARG n 
# 
_entity_src_gen.entity_id                          1 
_entity_src_gen.pdbx_src_id                        1 
_entity_src_gen.pdbx_alt_source_flag               sample 
_entity_src_gen.pdbx_seq_type                      ? 
_entity_src_gen.pdbx_beg_seq_num                   ? 
_entity_src_gen.pdbx_end_seq_num                   ? 
_entity_src_gen.gene_src_common_name               'Fruit fly' 
_entity_src_gen.gene_src_genus                     ? 
_entity_src_gen.pdbx_gene_src_gene                 tud 
_entity_src_gen.gene_src_species                   ? 
_entity_src_gen.gene_src_strain                    ? 
_entity_src_gen.gene_src_tissue                    ? 
_entity_src_gen.gene_src_tissue_fraction           ? 
_entity_src_gen.gene_src_details                   ? 
_entity_src_gen.pdbx_gene_src_fragment             ? 
_entity_src_gen.pdbx_gene_src_scientific_name      'Drosophila melanogaster' 
_entity_src_gen.pdbx_gene_src_ncbi_taxonomy_id     7227 
_entity_src_gen.pdbx_gene_src_variant              ? 
_entity_src_gen.pdbx_gene_src_cell_line            ? 
_entity_src_gen.pdbx_gene_src_atcc                 ? 
_entity_src_gen.pdbx_gene_src_organ                ? 
_entity_src_gen.pdbx_gene_src_organelle            ? 
_entity_src_gen.pdbx_gene_src_cell                 ? 
_entity_src_gen.pdbx_gene_src_cellular_location    ? 
_entity_src_gen.host_org_common_name               ? 
_entity_src_gen.pdbx_host_org_scientific_name      'Escherichia coli' 
_entity_src_gen.pdbx_host_org_ncbi_taxonomy_id     562 
_entity_src_gen.host_org_genus                     ? 
_entity_src_gen.pdbx_host_org_gene                 ? 
_entity_src_gen.pdbx_host_org_organ                ? 
_entity_src_gen.host_org_species                   ? 
_entity_src_gen.pdbx_host_org_tissue               ? 
_entity_src_gen.pdbx_host_org_tissue_fraction      ? 
_entity_src_gen.pdbx_host_org_strain               Rosetta 
_entity_src_gen.pdbx_host_org_variant              ? 
_entity_src_gen.pdbx_host_org_cell_line            ? 
_entity_src_gen.pdbx_host_org_atcc                 ? 
_entity_src_gen.pdbx_host_org_culture_collection   ? 
_entity_src_gen.pdbx_host_org_cell                 ? 
_entity_src_gen.pdbx_host_org_organelle            ? 
_entity_src_gen.pdbx_host_org_cellular_location    ? 
_entity_src_gen.pdbx_host_org_vector_type          plasmid 
_entity_src_gen.pdbx_host_org_vector               ? 
_entity_src_gen.host_org_details                   ? 
_entity_src_gen.expression_system_id               ? 
_entity_src_gen.plasmid_name                       pET-Smt3 
_entity_src_gen.plasmid_details                    ? 
_entity_src_gen.pdbx_description                   ? 
# 
_pdbx_entity_src_syn.entity_id              2 
_pdbx_entity_src_syn.pdbx_src_id            1 
_pdbx_entity_src_syn.pdbx_alt_source_flag   sample 
_pdbx_entity_src_syn.pdbx_beg_seq_num       ? 
_pdbx_entity_src_syn.pdbx_end_seq_num       ? 
_pdbx_entity_src_syn.organism_scientific    'Drosophila melanogaster' 
_pdbx_entity_src_syn.organism_common_name   'Fruit fly' 
_pdbx_entity_src_syn.ncbi_taxonomy_id       7227 
_pdbx_entity_src_syn.details                'This sequence occurs naturally in drosophila.' 
# 
loop_
_chem_comp.id 
_chem_comp.type 
_chem_comp.mon_nstd_flag 
_chem_comp.name 
_chem_comp.pdbx_synonyms 
_chem_comp.formula 
_chem_comp.formula_weight 
2MR 'L-peptide linking' n 'N3, N4-DIMETHYLARGININE' ? 'C8 H18 N4 O2'   202.254 
ALA 'L-peptide linking' y ALANINE                   ? 'C3 H7 N O2'     89.093  
ARG 'L-peptide linking' y ARGININE                  ? 'C6 H15 N4 O2 1' 175.209 
ASN 'L-peptide linking' y ASPARAGINE                ? 'C4 H8 N2 O3'    132.118 
ASP 'L-peptide linking' y 'ASPARTIC ACID'           ? 'C4 H7 N O4'     133.103 
CYS 'L-peptide linking' y CYSTEINE                  ? 'C3 H7 N O2 S'   121.158 
GLN 'L-peptide linking' y GLUTAMINE                 ? 'C5 H10 N2 O3'   146.144 
GLU 'L-peptide linking' y 'GLUTAMIC ACID'           ? 'C5 H9 N O4'     147.129 
GLY 'peptide linking'   y GLYCINE                   ? 'C2 H5 N O2'     75.067  
HIS 'L-peptide linking' y HISTIDINE                 ? 'C6 H10 N3 O2 1' 156.162 
HOH non-polymer         . WATER                     ? 'H2 O'           18.015  
ILE 'L-peptide linking' y ISOLEUCINE                ? 'C6 H13 N O2'    131.173 
LEU 'L-peptide linking' y LEUCINE                   ? 'C6 H13 N O2'    131.173 
LYS 'L-peptide linking' y LYSINE                    ? 'C6 H15 N2 O2 1' 147.195 
MET 'L-peptide linking' y METHIONINE                ? 'C5 H11 N O2 S'  149.211 
PHE 'L-peptide linking' y PHENYLALANINE             ? 'C9 H11 N O2'    165.189 
PRO 'L-peptide linking' y PROLINE                   ? 'C5 H9 N O2'     115.130 
SER 'L-peptide linking' y SERINE                    ? 'C3 H7 N O3'     105.093 
THR 'L-peptide linking' y THREONINE                 ? 'C4 H9 N O3'     119.119 
TYR 'L-peptide linking' y TYROSINE                  ? 'C9 H11 N O3'    181.189 
VAL 'L-peptide linking' y VALINE                    ? 'C5 H11 N O2'    117.146 
# 
loop_
_pdbx_poly_seq_scheme.asym_id 
_pdbx_poly_seq_scheme.entity_id 
_pdbx_poly_seq_scheme.seq_id 
_pdbx_poly_seq_scheme.mon_id 
_pdbx_poly_seq_scheme.ndb_seq_num 
_pdbx_poly_seq_scheme.pdb_seq_num 
_pdbx_poly_seq_scheme.auth_seq_num 
_pdbx_poly_seq_scheme.pdb_mon_id 
_pdbx_poly_seq_scheme.auth_mon_id 
_pdbx_poly_seq_scheme.pdb_strand_id 
_pdbx_poly_seq_scheme.pdb_ins_code 
_pdbx_poly_seq_scheme.hetero 
A 1 1   LEU 1   2344 ?    ?   ?   A . n 
A 1 2   GLU 2   2345 ?    ?   ?   A . n 
A 1 3   ALA 3   2346 ?    ?   ?   A . n 
A 1 4   GLU 4   2347 2347 GLU ALA A . n 
A 1 5   LEU 5   2348 2348 LEU LEU A . n 
A 1 6   HIS 6   2349 2349 HIS HIS A . n 
A 1 7   ASN 7   2350 2350 ASN ASN A . n 
A 1 8   CYS 8   2351 2351 CYS CYS A . n 
A 1 9   VAL 9   2352 2352 VAL VAL A . n 
A 1 10  VAL 10  2353 2353 VAL VAL A . n 
A 1 11  VAL 11  2354 2354 VAL VAL A . n 
A 1 12  GLN 12  2355 2355 GLN GLN A . n 
A 1 13  PHE 13  2356 2356 PHE PHE A . n 
A 1 14  ASP 14  2357 2357 ASP ASP A . n 
A 1 15  GLY 15  2358 2358 GLY GLY A . n 
A 1 16  PRO 16  2359 2359 PRO PRO A . n 
A 1 17  MET 17  2360 2360 MET MET A . n 
A 1 18  SER 18  2361 2361 SER SER A . n 
A 1 19  PHE 19  2362 2362 PHE PHE A . n 
A 1 20  TYR 20  2363 2363 TYR TYR A . n 
A 1 21  VAL 21  2364 2364 VAL VAL A . n 
A 1 22  GLN 22  2365 2365 GLN GLN A . n 
A 1 23  MET 23  2366 2366 MET MET A . n 
A 1 24  GLU 24  2367 2367 GLU GLU A . n 
A 1 25  SER 25  2368 2368 SER SER A . n 
A 1 26  ASP 26  2369 2369 ASP ASP A . n 
A 1 27  VAL 27  2370 2370 VAL VAL A . n 
A 1 28  PRO 28  2371 2371 PRO PRO A . n 
A 1 29  ALA 29  2372 2372 ALA ALA A . n 
A 1 30  LEU 30  2373 2373 LEU LEU A . n 
A 1 31  GLU 31  2374 2374 GLU GLU A . n 
A 1 32  GLN 32  2375 2375 GLN GLN A . n 
A 1 33  MET 33  2376 2376 MET MET A . n 
A 1 34  THR 34  2377 2377 THR THR A . n 
A 1 35  ASP 35  2378 2378 ASP ASP A . n 
A 1 36  LYS 36  2379 2379 LYS LYS A . n 
A 1 37  LEU 37  2380 2380 LEU LEU A . n 
A 1 38  LEU 38  2381 2381 LEU LEU A . n 
A 1 39  ASP 39  2382 2382 ASP ASP A . n 
A 1 40  ALA 40  2383 2383 ALA ALA A . n 
A 1 41  GLU 41  2384 2384 GLU GLU A . n 
A 1 42  GLN 42  2385 2385 GLN GLN A . n 
A 1 43  ASP 43  2386 2386 ASP ASP A . n 
A 1 44  LEU 44  2387 2387 LEU LEU A . n 
A 1 45  PRO 45  2388 2388 PRO PRO A . n 
A 1 46  ALA 46  2389 2389 ALA ALA A . n 
A 1 47  PHE 47  2390 2390 PHE PHE A . n 
A 1 48  SER 48  2391 2391 SER SER A . n 
A 1 49  ASP 49  2392 2392 ASP ASP A . n 
A 1 50  LEU 50  2393 2393 LEU LEU A . n 
A 1 51  LYS 51  2394 2394 LYS LYS A . n 
A 1 52  GLU 52  2395 2395 GLU GLU A . n 
A 1 53  GLY 53  2396 2396 GLY GLY A . n 
A 1 54  ALA 54  2397 2397 ALA ALA A . n 
A 1 55  LEU 55  2398 2398 LEU LEU A . n 
A 1 56  CYS 56  2399 2399 CYS CYS A . n 
A 1 57  VAL 57  2400 2400 VAL VAL A . n 
A 1 58  ALA 58  2401 2401 ALA ALA A . n 
A 1 59  GLN 59  2402 2402 GLN GLN A . n 
A 1 60  PHE 60  2403 2403 PHE PHE A . n 
A 1 61  PRO 61  2404 2404 PRO PRO A . n 
A 1 62  GLU 62  2405 2405 GLU GLU A . n 
A 1 63  ASP 63  2406 2406 ASP ASP A . n 
A 1 64  GLU 64  2407 2407 GLU GLU A . n 
A 1 65  VAL 65  2408 2408 VAL VAL A . n 
A 1 66  PHE 66  2409 2409 PHE PHE A . n 
A 1 67  TYR 67  2410 2410 TYR TYR A . n 
A 1 68  ARG 68  2411 2411 ARG ARG A . n 
A 1 69  ALA 69  2412 2412 ALA ALA A . n 
A 1 70  GLN 70  2413 2413 GLN GLN A . n 
A 1 71  ILE 71  2414 2414 ILE ILE A . n 
A 1 72  ARG 72  2415 2415 ARG ARG A . n 
A 1 73  LYS 73  2416 2416 LYS LYS A . n 
A 1 74  VAL 74  2417 2417 VAL VAL A . n 
A 1 75  LEU 75  2418 2418 LEU LEU A . n 
A 1 76  ASP 76  2419 2419 ASP ASP A . n 
A 1 77  ASP 77  2420 2420 ASP ASP A . n 
A 1 78  GLY 78  2421 2421 GLY GLY A . n 
A 1 79  LYS 79  2422 2422 LYS LYS A . n 
A 1 80  CYS 80  2423 2423 CYS CYS A . n 
A 1 81  GLU 81  2424 2424 GLU GLU A . n 
A 1 82  VAL 82  2425 2425 VAL VAL A . n 
A 1 83  HIS 83  2426 2426 HIS HIS A . n 
A 1 84  PHE 84  2427 2427 PHE PHE A . n 
A 1 85  ILE 85  2428 2428 ILE ILE A . n 
A 1 86  ASP 86  2429 2429 ASP ASP A . n 
A 1 87  PHE 87  2430 2430 PHE PHE A . n 
A 1 88  GLY 88  2431 2431 GLY GLY A . n 
A 1 89  ASN 89  2432 2432 ASN ASN A . n 
A 1 90  ASN 90  2433 2433 ASN ASN A . n 
A 1 91  ALA 91  2434 2434 ALA ALA A . n 
A 1 92  VAL 92  2435 2435 VAL VAL A . n 
A 1 93  THR 93  2436 2436 THR THR A . n 
A 1 94  GLN 94  2437 2437 GLN GLN A . n 
A 1 95  GLN 95  2438 2438 GLN GLN A . n 
A 1 96  PHE 96  2439 2439 PHE PHE A . n 
A 1 97  ARG 97  2440 2440 ARG ARG A . n 
A 1 98  GLN 98  2441 2441 GLN GLN A . n 
A 1 99  LEU 99  2442 2442 LEU LEU A . n 
A 1 100 PRO 100 2443 2443 PRO PRO A . n 
A 1 101 GLU 101 2444 2444 GLU GLU A . n 
A 1 102 GLU 102 2445 2445 GLU GLU A . n 
A 1 103 LEU 103 2446 2446 LEU LEU A . n 
A 1 104 ALA 104 2447 2447 ALA ALA A . n 
A 1 105 LYS 105 2448 2448 LYS LYS A . n 
A 1 106 PRO 106 2449 2449 PRO PRO A . n 
A 1 107 ALA 107 2450 2450 ALA ALA A . n 
A 1 108 ARG 108 2451 2451 ARG ARG A . n 
A 1 109 TYR 109 2452 2452 TYR TYR A . n 
A 1 110 SER 110 2453 2453 SER SER A . n 
A 1 111 ARG 111 2454 2454 ARG ARG A . n 
A 1 112 HIS 112 2455 2455 HIS HIS A . n 
A 1 113 CYS 113 2456 2456 CYS CYS A . n 
A 1 114 GLU 114 2457 2457 GLU GLU A . n 
A 1 115 LEU 115 2458 2458 LEU LEU A . n 
A 1 116 ASP 116 2459 2459 ASP ASP A . n 
A 1 117 ALA 117 2460 2460 ALA ALA A . n 
A 1 118 SER 118 2461 2461 SER SER A . n 
A 1 119 THR 119 2462 2462 THR THR A . n 
A 1 120 ILE 120 2463 2463 ILE ILE A . n 
A 1 121 SER 121 2464 2464 SER SER A . n 
A 1 122 LYS 122 2465 2465 LYS LYS A . n 
A 1 123 CYS 123 2466 2466 CYS CYS A . n 
A 1 124 ASP 124 2467 2467 ASP ASP A . n 
A 1 125 ALA 125 2468 2468 ALA ALA A . n 
A 1 126 ALA 126 2469 2469 ALA ALA A . n 
A 1 127 LEU 127 2470 2470 LEU LEU A . n 
A 1 128 LEU 128 2471 2471 LEU LEU A . n 
A 1 129 GLN 129 2472 2472 GLN GLN A . n 
A 1 130 SER 130 2473 2473 SER SER A . n 
A 1 131 PHE 131 2474 2474 PHE PHE A . n 
A 1 132 ILE 132 2475 2475 ILE ILE A . n 
A 1 133 ASP 133 2476 2476 ASP ASP A . n 
A 1 134 THR 134 2477 2477 THR THR A . n 
A 1 135 ARG 135 2478 2478 ARG ARG A . n 
A 1 136 PHE 136 2479 2479 PHE PHE A . n 
A 1 137 SER 137 2480 2480 SER SER A . n 
A 1 138 GLU 138 2481 2481 GLU GLU A . n 
A 1 139 THR 139 2482 2482 THR THR A . n 
A 1 140 PHE 140 2483 2483 PHE PHE A . n 
A 1 141 GLN 141 2484 2484 GLN GLN A . n 
A 1 142 VAL 142 2485 2485 VAL VAL A . n 
A 1 143 GLU 143 2486 2486 GLU GLU A . n 
A 1 144 ILE 144 2487 2487 ILE ILE A . n 
A 1 145 LEU 145 2488 2488 LEU LEU A . n 
A 1 146 ALA 146 2489 2489 ALA ALA A . n 
A 1 147 THR 147 2490 2490 THR THR A . n 
A 1 148 LYS 148 2491 2491 LYS LYS A . n 
A 1 149 GLY 149 2492 2492 GLY GLY A . n 
A 1 150 THR 150 2493 2493 THR THR A . n 
A 1 151 GLY 151 2494 2494 GLY GLY A . n 
A 1 152 THR 152 2495 2495 THR THR A . n 
A 1 153 HIS 153 2496 2496 HIS HIS A . n 
A 1 154 VAL 154 2497 2497 VAL VAL A . n 
A 1 155 VAL 155 2498 2498 VAL VAL A . n 
A 1 156 ARG 156 2499 2499 ARG ARG A . n 
A 1 157 LEU 157 2500 2500 LEU LEU A . n 
A 1 158 PHE 158 2501 2501 PHE PHE A . n 
A 1 159 TYR 159 2502 2502 TYR TYR A . n 
A 1 160 GLN 160 2503 2503 GLN GLN A . n 
A 1 161 SER 161 2504 2504 SER SER A . n 
A 1 162 LYS 162 2505 2505 LYS LYS A . n 
A 1 163 ASN 163 2506 2506 ASN ASN A . n 
A 1 164 ILE 164 2507 2507 ILE ILE A . n 
A 1 165 SER 165 2508 2508 SER SER A . n 
A 1 166 GLU 166 2509 2509 GLU GLU A . n 
A 1 167 LYS 167 2510 2510 LYS LYS A . n 
A 1 168 LEU 168 2511 2511 LEU LEU A . n 
A 1 169 GLN 169 2512 2512 GLN GLN A . n 
A 1 170 GLU 170 2513 2513 GLU GLU A . n 
A 1 171 CYS 171 2514 ?    ?   ?   A . n 
A 1 172 GLN 172 2515 ?    ?   ?   A . n 
B 2 1   ALA 1   10   10   ALA ALA C . n 
B 2 2   ARG 2   11   11   ARG ARG C . n 
B 2 3   GLY 3   12   12   GLY GLY C . n 
B 2 4   2MR 4   13   13   2MR 2MR C . n 
B 2 5   GLY 5   14   14   GLY GLY C . n 
B 2 6   ARG 6   15   15   ARG ARG C . n 
# 
loop_
_pdbx_nonpoly_scheme.asym_id 
_pdbx_nonpoly_scheme.entity_id 
_pdbx_nonpoly_scheme.mon_id 
_pdbx_nonpoly_scheme.ndb_seq_num 
_pdbx_nonpoly_scheme.pdb_seq_num 
_pdbx_nonpoly_scheme.auth_seq_num 
_pdbx_nonpoly_scheme.pdb_mon_id 
_pdbx_nonpoly_scheme.auth_mon_id 
_pdbx_nonpoly_scheme.pdb_strand_id 
_pdbx_nonpoly_scheme.pdb_ins_code 
C 3 HOH 1  1  1  HOH HOH A . 
C 3 HOH 2  2  2  HOH HOH A . 
C 3 HOH 3  3  3  HOH HOH A . 
C 3 HOH 4  4  4  HOH HOH A . 
C 3 HOH 5  5  5  HOH HOH A . 
C 3 HOH 6  6  6  HOH HOH A . 
C 3 HOH 7  7  7  HOH HOH A . 
C 3 HOH 8  8  8  HOH HOH A . 
C 3 HOH 9  9  9  HOH HOH A . 
C 3 HOH 10 10 10 HOH HOH A . 
C 3 HOH 11 11 11 HOH HOH A . 
C 3 HOH 12 12 12 HOH HOH A . 
C 3 HOH 13 13 13 HOH HOH A . 
C 3 HOH 14 14 14 HOH HOH A . 
C 3 HOH 15 15 15 HOH HOH A . 
C 3 HOH 16 17 17 HOH HOH A . 
C 3 HOH 17 18 18 HOH HOH A . 
C 3 HOH 18 19 19 HOH HOH A . 
C 3 HOH 19 20 20 HOH HOH A . 
C 3 HOH 20 22 22 HOH HOH A . 
C 3 HOH 21 23 23 HOH HOH A . 
C 3 HOH 22 24 24 HOH HOH A . 
C 3 HOH 23 25 25 HOH HOH A . 
C 3 HOH 24 26 26 HOH HOH A . 
C 3 HOH 25 29 29 HOH HOH A . 
C 3 HOH 26 30 30 HOH HOH A . 
C 3 HOH 27 31 31 HOH HOH A . 
C 3 HOH 28 32 32 HOH HOH A . 
C 3 HOH 29 33 33 HOH HOH A . 
C 3 HOH 30 34 34 HOH HOH A . 
C 3 HOH 31 35 35 HOH HOH A . 
C 3 HOH 32 36 36 HOH HOH A . 
C 3 HOH 33 37 37 HOH HOH A . 
C 3 HOH 34 39 39 HOH HOH A . 
D 3 HOH 1  21 21 HOH HOH C . 
D 3 HOH 2  27 27 HOH HOH C . 
D 3 HOH 3  28 28 HOH HOH C . 
D 3 HOH 4  40 40 HOH HOH C . 
# 
loop_
_pdbx_unobs_or_zero_occ_atoms.id 
_pdbx_unobs_or_zero_occ_atoms.PDB_model_num 
_pdbx_unobs_or_zero_occ_atoms.polymer_flag 
_pdbx_unobs_or_zero_occ_atoms.occupancy_flag 
_pdbx_unobs_or_zero_occ_atoms.auth_asym_id 
_pdbx_unobs_or_zero_occ_atoms.auth_comp_id 
_pdbx_unobs_or_zero_occ_atoms.auth_seq_id 
_pdbx_unobs_or_zero_occ_atoms.PDB_ins_code 
_pdbx_unobs_or_zero_occ_atoms.auth_atom_id 
_pdbx_unobs_or_zero_occ_atoms.label_alt_id 
_pdbx_unobs_or_zero_occ_atoms.label_asym_id 
_pdbx_unobs_or_zero_occ_atoms.label_comp_id 
_pdbx_unobs_or_zero_occ_atoms.label_seq_id 
_pdbx_unobs_or_zero_occ_atoms.label_atom_id 
1  1 Y 1 A GLU 2347 ? CG  ? A GLU 4   CG  
2  1 Y 1 A GLU 2347 ? CD  ? A GLU 4   CD  
3  1 Y 1 A GLU 2347 ? OE1 ? A GLU 4   OE1 
4  1 Y 1 A GLU 2347 ? OE2 ? A GLU 4   OE2 
5  1 Y 1 A ASP 2459 ? CG  ? A ASP 116 CG  
6  1 Y 1 A ASP 2459 ? OD1 ? A ASP 116 OD1 
7  1 Y 1 A ASP 2459 ? OD2 ? A ASP 116 OD2 
8  1 Y 1 A LYS 2465 ? CG  ? A LYS 122 CG  
9  1 Y 1 A LYS 2465 ? CD  ? A LYS 122 CD  
10 1 Y 1 A LYS 2465 ? CE  ? A LYS 122 CE  
11 1 Y 1 A LYS 2465 ? NZ  ? A LYS 122 NZ  
12 1 Y 1 A LYS 2505 ? CG  ? A LYS 162 CG  
13 1 Y 1 A LYS 2505 ? CD  ? A LYS 162 CD  
14 1 Y 1 A LYS 2505 ? CE  ? A LYS 162 CE  
15 1 Y 1 A LYS 2505 ? NZ  ? A LYS 162 NZ  
16 1 Y 1 A SER 2508 ? OG  ? A SER 165 OG  
17 1 Y 1 A LYS 2510 ? CG  ? A LYS 167 CG  
18 1 Y 1 A LYS 2510 ? CD  ? A LYS 167 CD  
19 1 Y 1 A LYS 2510 ? CE  ? A LYS 167 CE  
20 1 Y 1 A LYS 2510 ? NZ  ? A LYS 167 NZ  
21 1 Y 1 A GLN 2512 ? CG  ? A GLN 169 CG  
22 1 Y 1 A GLN 2512 ? CD  ? A GLN 169 CD  
23 1 Y 1 A GLN 2512 ? OE1 ? A GLN 169 OE1 
24 1 Y 1 A GLN 2512 ? NE2 ? A GLN 169 NE2 
25 1 Y 1 A GLU 2513 ? CG  ? A GLU 170 CG  
26 1 Y 1 A GLU 2513 ? CD  ? A GLU 170 CD  
27 1 Y 1 A GLU 2513 ? OE1 ? A GLU 170 OE1 
28 1 Y 1 A GLU 2513 ? OE2 ? A GLU 170 OE2 
# 
loop_
_software.name 
_software.classification 
_software.version 
_software.citation_id 
_software.pdbx_ordinal 
HKL-2000 'data collection' . ? 1 
CCP4     'model building'  . ? 2 
CNS      refinement        . ? 3 
HKL-2000 'data reduction'  . ? 4 
HKL-2000 'data scaling'    . ? 5 
CCP4     phasing           . ? 6 
# 
_cell.entry_id           3NTH 
_cell.length_a           48.012 
_cell.length_b           48.012 
_cell.length_c           152.044 
_cell.angle_alpha        90.00 
_cell.angle_beta         90.00 
_cell.angle_gamma        90.00 
_cell.Z_PDB              8 
_cell.pdbx_unique_axis   ? 
_cell.length_a_esd       ? 
_cell.length_b_esd       ? 
_cell.length_c_esd       ? 
_cell.angle_alpha_esd    ? 
_cell.angle_beta_esd     ? 
_cell.angle_gamma_esd    ? 
# 
_symmetry.entry_id                         3NTH 
_symmetry.space_group_name_H-M             'P 43 21 2' 
_symmetry.pdbx_full_space_group_name_H-M   ? 
_symmetry.cell_setting                     ? 
_symmetry.Int_Tables_number                96 
_symmetry.space_group_name_Hall            ? 
# 
_exptl.entry_id          3NTH 
_exptl.method            'X-RAY DIFFRACTION' 
_exptl.crystals_number   1 
# 
_exptl_crystal.id                    1 
_exptl_crystal.density_meas          ? 
_exptl_crystal.density_Matthews      2.16 
_exptl_crystal.density_percent_sol   43.09 
_exptl_crystal.description           ? 
_exptl_crystal.F_000                 ? 
_exptl_crystal.preparation           ? 
# 
_exptl_crystal_grow.crystal_id      1 
_exptl_crystal_grow.method          'VAPOR DIFFUSION, HANGING DROP' 
_exptl_crystal_grow.temp            289 
_exptl_crystal_grow.temp_details    ? 
_exptl_crystal_grow.pH              6.0 
_exptl_crystal_grow.pdbx_details    
;30% PEG8000, 0.2M sodium acetate trihytrate, 0.1M sodium cacodylate trihydrate, pH 6.0, VAPOR DIFFUSION, HANGING DROP, temperature 289K
;
_exptl_crystal_grow.pdbx_pH_range   . 
# 
_diffrn.id                     1 
_diffrn.ambient_temp           100 
_diffrn.ambient_temp_details   ? 
_diffrn.crystal_id             1 
# 
_diffrn_detector.diffrn_id              1 
_diffrn_detector.detector               CCD 
_diffrn_detector.type                   'MARMOSAIC 225 mm CCD' 
_diffrn_detector.pdbx_collection_date   2009-12-05 
_diffrn_detector.details                ? 
# 
_diffrn_radiation.diffrn_id                        1 
_diffrn_radiation.wavelength_id                    1 
_diffrn_radiation.pdbx_monochromatic_or_laue_m_l   M 
_diffrn_radiation.monochromator                    ? 
_diffrn_radiation.pdbx_diffrn_protocol             'SINGLE WAVELENGTH' 
_diffrn_radiation.pdbx_scattering_type             x-ray 
# 
_diffrn_radiation_wavelength.id           1 
_diffrn_radiation_wavelength.wavelength   0.9792 
_diffrn_radiation_wavelength.wt           1.0 
# 
_diffrn_source.diffrn_id                   1 
_diffrn_source.source                      SYNCHROTRON 
_diffrn_source.type                        'SSRF BEAMLINE BL17U' 
_diffrn_source.pdbx_synchrotron_site       SSRF 
_diffrn_source.pdbx_synchrotron_beamline   BL17U 
_diffrn_source.pdbx_wavelength             ? 
_diffrn_source.pdbx_wavelength_list        0.9792 
# 
_reflns.entry_id                     3NTH 
_reflns.observed_criterion_sigma_I   ? 
_reflns.observed_criterion_sigma_F   ? 
_reflns.d_resolution_low             50 
_reflns.d_resolution_high            2.8 
_reflns.number_obs                   4661 
_reflns.number_all                   4847 
_reflns.percent_possible_obs         96.4 
_reflns.pdbx_Rmerge_I_obs            0.098 
_reflns.pdbx_Rsym_value              ? 
_reflns.pdbx_netI_over_sigmaI        ? 
_reflns.B_iso_Wilson_estimate        ? 
_reflns.pdbx_redundancy              4.5 
_reflns.R_free_details               ? 
_reflns.limit_h_max                  ? 
_reflns.limit_h_min                  ? 
_reflns.limit_k_max                  ? 
_reflns.limit_k_min                  ? 
_reflns.limit_l_max                  ? 
_reflns.limit_l_min                  ? 
_reflns.observed_criterion_F_max     ? 
_reflns.observed_criterion_F_min     ? 
_reflns.pdbx_chi_squared             ? 
_reflns.pdbx_scaling_rejects         ? 
_reflns.pdbx_diffrn_id               1 
_reflns.pdbx_ordinal                 1 
# 
_reflns_shell.d_res_high                  2.8 
_reflns_shell.d_res_low                   2.85 
_reflns_shell.percent_possible_all        94.6 
_reflns_shell.Rmerge_I_obs                0.401 
_reflns_shell.pdbx_Rsym_value             ? 
_reflns_shell.meanI_over_sigI_obs         2.5 
_reflns_shell.pdbx_redundancy             4.5 
_reflns_shell.percent_possible_obs        ? 
_reflns_shell.number_unique_all           211 
_reflns_shell.number_measured_all         ? 
_reflns_shell.number_measured_obs         ? 
_reflns_shell.number_unique_obs           ? 
_reflns_shell.pdbx_chi_squared            ? 
_reflns_shell.pdbx_rejects                ? 
_reflns_shell.pdbx_netI_over_sigmaI_obs   ? 
_reflns_shell.number_possible             ? 
_reflns_shell.Rmerge_F_all                ? 
_reflns_shell.Rmerge_F_obs                ? 
_reflns_shell.Rmerge_I_all                ? 
_reflns_shell.meanI_over_sigI_all         ? 
_reflns_shell.pdbx_Rrim_I_all             ? 
_reflns_shell.pdbx_Rpim_I_all             ? 
_reflns_shell.pdbx_diffrn_id              ? 
_reflns_shell.pdbx_ordinal                1 
# 
_refine.entry_id                                 3NTH 
_refine.ls_number_reflns_obs                     4614 
_refine.ls_number_reflns_all                     4847 
_refine.pdbx_ls_sigma_I                          ? 
_refine.pdbx_ls_sigma_F                          ? 
_refine.pdbx_data_cutoff_high_absF               ? 
_refine.pdbx_data_cutoff_low_absF                ? 
_refine.pdbx_data_cutoff_high_rms_absF           ? 
_refine.ls_d_res_low                             50 
_refine.ls_d_res_high                            2.8 
_refine.ls_percent_reflns_obs                    ? 
_refine.ls_R_factor_obs                          ? 
_refine.ls_R_factor_all                          ? 
_refine.ls_R_factor_R_work                       0.2190 
_refine.ls_R_factor_R_free                       0.2757 
_refine.ls_R_factor_R_free_error                 ? 
_refine.ls_R_factor_R_free_error_details         ? 
_refine.ls_percent_reflns_R_free                 ? 
_refine.ls_number_reflns_R_free                  233 
_refine.ls_number_parameters                     ? 
_refine.ls_number_restraints                     ? 
_refine.occupancy_min                            ? 
_refine.occupancy_max                            ? 
_refine.correlation_coeff_Fo_to_Fc               ? 
_refine.correlation_coeff_Fo_to_Fc_free          ? 
_refine.B_iso_mean                               ? 
_refine.aniso_B[1][1]                            ? 
_refine.aniso_B[2][2]                            ? 
_refine.aniso_B[3][3]                            ? 
_refine.aniso_B[1][2]                            ? 
_refine.aniso_B[1][3]                            ? 
_refine.aniso_B[2][3]                            ? 
_refine.solvent_model_details                    ? 
_refine.solvent_model_param_ksol                 ? 
_refine.solvent_model_param_bsol                 ? 
_refine.pdbx_solvent_vdw_probe_radii             ? 
_refine.pdbx_solvent_ion_probe_radii             ? 
_refine.pdbx_solvent_shrinkage_radii             ? 
_refine.pdbx_ls_cross_valid_method               ? 
_refine.details                                  ? 
_refine.pdbx_starting_model                      3NTK 
_refine.pdbx_method_to_determine_struct          'MOLECULAR REPLACEMENT' 
_refine.pdbx_isotropic_thermal_model             ? 
_refine.pdbx_stereochemistry_target_values       ? 
_refine.pdbx_stereochem_target_val_spec_case     ? 
_refine.pdbx_R_Free_selection_details            ? 
_refine.pdbx_overall_ESU_R_Free                  ? 
_refine.overall_SU_ML                            ? 
_refine.overall_SU_B                             ? 
_refine.overall_SU_R_Cruickshank_DPI             ? 
_refine.ls_redundancy_reflns_obs                 ? 
_refine.B_iso_min                                ? 
_refine.B_iso_max                                ? 
_refine.overall_SU_R_free                        ? 
_refine.ls_wR_factor_R_free                      ? 
_refine.ls_wR_factor_R_work                      ? 
_refine.overall_FOM_free_R_set                   ? 
_refine.overall_FOM_work_R_set                   ? 
_refine.pdbx_refine_id                           'X-RAY DIFFRACTION' 
_refine.pdbx_overall_phase_error                 ? 
_refine.pdbx_overall_ESU_R                       ? 
_refine.pdbx_diffrn_id                           1 
_refine.pdbx_TLS_residual_ADP_flag               ? 
_refine.pdbx_overall_SU_R_free_Cruickshank_DPI   ? 
_refine.pdbx_overall_SU_R_Blow_DPI               ? 
_refine.pdbx_overall_SU_R_free_Blow_DPI          ? 
# 
_refine_hist.pdbx_refine_id                   'X-RAY DIFFRACTION' 
_refine_hist.cycle_id                         LAST 
_refine_hist.pdbx_number_atoms_protein        1355 
_refine_hist.pdbx_number_atoms_nucleic_acid   0 
_refine_hist.pdbx_number_atoms_ligand         0 
_refine_hist.number_atoms_solvent             38 
_refine_hist.number_atoms_total               1393 
_refine_hist.d_res_high                       2.8 
_refine_hist.d_res_low                        50 
# 
loop_
_refine_ls_restr.type 
_refine_ls_restr.dev_ideal 
_refine_ls_restr.dev_ideal_target 
_refine_ls_restr.weight 
_refine_ls_restr.number 
_refine_ls_restr.pdbx_refine_id 
_refine_ls_restr.pdbx_restraint_function 
c_bond_d    0.006 ? ? ? 'X-RAY DIFFRACTION' ? 
c_angle_deg 1.35  ? ? ? 'X-RAY DIFFRACTION' ? 
# 
_struct.entry_id                  3NTH 
_struct.title                     'Crystal structure of Tudor and Aubergine [R13(me2s)] complex' 
_struct.pdbx_model_details        ? 
_struct.pdbx_CASP_flag            ? 
_struct.pdbx_model_type_details   ? 
# 
_struct_keywords.entry_id        3NTH 
_struct_keywords.pdbx_keywords   TRANSCRIPTION 
_struct_keywords.text            'Tudor domain, OB-fold, germ cell formation, TRANSCRIPTION' 
# 
loop_
_struct_asym.id 
_struct_asym.pdbx_blank_PDB_chainid_flag 
_struct_asym.pdbx_modified 
_struct_asym.entity_id 
_struct_asym.details 
A N N 1 ? 
B N N 2 ? 
C N N 3 ? 
D N N 3 ? 
# 
loop_
_struct_ref.id 
_struct_ref.db_name 
_struct_ref.db_code 
_struct_ref.pdbx_db_accession 
_struct_ref.entity_id 
_struct_ref.pdbx_seq_one_letter_code 
_struct_ref.pdbx_align_begin 
_struct_ref.pdbx_db_isoform 
1 UNP TUD_DROME    P25823 1 
;LEAELHNCVVVQFDGPMSFYVQMESDVPALEQMTDKLLDAEQDLPAFSDLKEGALCVAQFPEDEVFYRAQIRKVLDDGKC
EVHFIDFGNNAVTQQFRQLPEELAKPARYSRHCELDASTISKCDAALLQSFIDTRFSETFQVEILATKGTGTHVVRLFYQ
SKNISEKLQECQ
;
2344 ? 
2 UNP O76922_DROME O76922 2 ARGRGR 10   ? 
# 
loop_
_struct_ref_seq.align_id 
_struct_ref_seq.ref_id 
_struct_ref_seq.pdbx_PDB_id_code 
_struct_ref_seq.pdbx_strand_id 
_struct_ref_seq.seq_align_beg 
_struct_ref_seq.pdbx_seq_align_beg_ins_code 
_struct_ref_seq.seq_align_end 
_struct_ref_seq.pdbx_seq_align_end_ins_code 
_struct_ref_seq.pdbx_db_accession 
_struct_ref_seq.db_align_beg 
_struct_ref_seq.pdbx_db_align_beg_ins_code 
_struct_ref_seq.db_align_end 
_struct_ref_seq.pdbx_db_align_end_ins_code 
_struct_ref_seq.pdbx_auth_seq_align_beg 
_struct_ref_seq.pdbx_auth_seq_align_end 
1 1 3NTH A 1 ? 172 ? P25823 2344 ? 2515 ? 2344 2515 
2 2 3NTH C 1 ? 6   ? O76922 10   ? 15   ? 10   15   
# 
_pdbx_struct_assembly.id                   1 
_pdbx_struct_assembly.details              author_and_software_defined_assembly 
_pdbx_struct_assembly.method_details       PISA 
_pdbx_struct_assembly.oligomeric_details   dimeric 
_pdbx_struct_assembly.oligomeric_count     2 
# 
loop_
_pdbx_struct_assembly_prop.biol_id 
_pdbx_struct_assembly_prop.type 
_pdbx_struct_assembly_prop.value 
_pdbx_struct_assembly_prop.details 
1 'ABSA (A^2)' 810  ? 
1 MORE         -5   ? 
1 'SSA (A^2)'  9450 ? 
# 
_pdbx_struct_assembly_gen.assembly_id       1 
_pdbx_struct_assembly_gen.oper_expression   1 
_pdbx_struct_assembly_gen.asym_id_list      A,B,C,D 
# 
_pdbx_struct_oper_list.id                   1 
_pdbx_struct_oper_list.type                 'identity operation' 
_pdbx_struct_oper_list.name                 1_555 
_pdbx_struct_oper_list.symmetry_operation   x,y,z 
_pdbx_struct_oper_list.matrix[1][1]         1.0000000000 
_pdbx_struct_oper_list.matrix[1][2]         0.0000000000 
_pdbx_struct_oper_list.matrix[1][3]         0.0000000000 
_pdbx_struct_oper_list.vector[1]            0.0000000000 
_pdbx_struct_oper_list.matrix[2][1]         0.0000000000 
_pdbx_struct_oper_list.matrix[2][2]         1.0000000000 
_pdbx_struct_oper_list.matrix[2][3]         0.0000000000 
_pdbx_struct_oper_list.vector[2]            0.0000000000 
_pdbx_struct_oper_list.matrix[3][1]         0.0000000000 
_pdbx_struct_oper_list.matrix[3][2]         0.0000000000 
_pdbx_struct_oper_list.matrix[3][3]         1.0000000000 
_pdbx_struct_oper_list.vector[3]            0.0000000000 
# 
_struct_biol.id        1 
_struct_biol.details   ? 
# 
loop_
_struct_conf.conf_type_id 
_struct_conf.id 
_struct_conf.pdbx_PDB_helix_id 
_struct_conf.beg_label_comp_id 
_struct_conf.beg_label_asym_id 
_struct_conf.beg_label_seq_id 
_struct_conf.pdbx_beg_PDB_ins_code 
_struct_conf.end_label_comp_id 
_struct_conf.end_label_asym_id 
_struct_conf.end_label_seq_id 
_struct_conf.pdbx_end_PDB_ins_code 
_struct_conf.beg_auth_comp_id 
_struct_conf.beg_auth_asym_id 
_struct_conf.beg_auth_seq_id 
_struct_conf.end_auth_comp_id 
_struct_conf.end_auth_asym_id 
_struct_conf.end_auth_seq_id 
_struct_conf.pdbx_PDB_helix_class 
_struct_conf.details 
_struct_conf.pdbx_PDB_helix_length 
HELX_P HELX_P1 1 ASP A 26  ? GLU A 41  ? ASP A 2369 GLU A 2384 1 ? 16 
HELX_P HELX_P2 2 GLN A 42  ? LEU A 44  ? GLN A 2385 LEU A 2387 5 ? 3  
HELX_P HELX_P3 3 PRO A 100 ? ALA A 104 ? PRO A 2443 ALA A 2447 5 ? 5  
HELX_P HELX_P4 4 ASP A 116 ? ILE A 120 ? ASP A 2459 ILE A 2463 5 ? 5  
HELX_P HELX_P5 5 ALA A 126 ? THR A 134 ? ALA A 2469 THR A 2477 1 ? 9  
HELX_P HELX_P6 6 SER A 165 ? LEU A 168 ? SER A 2508 LEU A 2511 5 ? 4  
# 
_struct_conf_type.id          HELX_P 
_struct_conf_type.criteria    ? 
_struct_conf_type.reference   ? 
# 
loop_
_struct_conn.id 
_struct_conn.conn_type_id 
_struct_conn.pdbx_leaving_atom_flag 
_struct_conn.pdbx_PDB_id 
_struct_conn.ptnr1_label_asym_id 
_struct_conn.ptnr1_label_comp_id 
_struct_conn.ptnr1_label_seq_id 
_struct_conn.ptnr1_label_atom_id 
_struct_conn.pdbx_ptnr1_label_alt_id 
_struct_conn.pdbx_ptnr1_PDB_ins_code 
_struct_conn.pdbx_ptnr1_standard_comp_id 
_struct_conn.ptnr1_symmetry 
_struct_conn.ptnr2_label_asym_id 
_struct_conn.ptnr2_label_comp_id 
_struct_conn.ptnr2_label_seq_id 
_struct_conn.ptnr2_label_atom_id 
_struct_conn.pdbx_ptnr2_label_alt_id 
_struct_conn.pdbx_ptnr2_PDB_ins_code 
_struct_conn.ptnr1_auth_asym_id 
_struct_conn.ptnr1_auth_comp_id 
_struct_conn.ptnr1_auth_seq_id 
_struct_conn.ptnr2_auth_asym_id 
_struct_conn.ptnr2_auth_comp_id 
_struct_conn.ptnr2_auth_seq_id 
_struct_conn.ptnr2_symmetry 
_struct_conn.pdbx_ptnr3_label_atom_id 
_struct_conn.pdbx_ptnr3_label_seq_id 
_struct_conn.pdbx_ptnr3_label_comp_id 
_struct_conn.pdbx_ptnr3_label_asym_id 
_struct_conn.pdbx_ptnr3_label_alt_id 
_struct_conn.pdbx_ptnr3_PDB_ins_code 
_struct_conn.details 
_struct_conn.pdbx_dist_value 
_struct_conn.pdbx_value_order 
_struct_conn.pdbx_role 
covale1 covale both ? B GLY 3 C ? ? ? 1_555 B 2MR 4 N ? ? C GLY 12 C 2MR 13 1_555 ? ? ? ? ? ? ? 1.330 ? ? 
covale2 covale both ? B 2MR 4 C ? ? ? 1_555 B GLY 5 N ? ? C 2MR 13 C GLY 14 1_555 ? ? ? ? ? ? ? 1.326 ? ? 
# 
_struct_conn_type.id          covale 
_struct_conn_type.criteria    ? 
_struct_conn_type.reference   ? 
# 
_pdbx_modification_feature.ordinal                            1 
_pdbx_modification_feature.label_comp_id                      2MR 
_pdbx_modification_feature.label_asym_id                      B 
_pdbx_modification_feature.label_seq_id                       4 
_pdbx_modification_feature.label_alt_id                       ? 
_pdbx_modification_feature.modified_residue_label_comp_id     . 
_pdbx_modification_feature.modified_residue_label_asym_id     . 
_pdbx_modification_feature.modified_residue_label_seq_id      . 
_pdbx_modification_feature.modified_residue_label_alt_id      . 
_pdbx_modification_feature.auth_comp_id                       2MR 
_pdbx_modification_feature.auth_asym_id                       C 
_pdbx_modification_feature.auth_seq_id                        13 
_pdbx_modification_feature.PDB_ins_code                       ? 
_pdbx_modification_feature.symmetry                           1_555 
_pdbx_modification_feature.modified_residue_auth_comp_id      . 
_pdbx_modification_feature.modified_residue_auth_asym_id      . 
_pdbx_modification_feature.modified_residue_auth_seq_id       . 
_pdbx_modification_feature.modified_residue_PDB_ins_code      . 
_pdbx_modification_feature.modified_residue_symmetry          . 
_pdbx_modification_feature.comp_id_linking_atom               . 
_pdbx_modification_feature.modified_residue_id_linking_atom   . 
_pdbx_modification_feature.modified_residue_id                ARG 
_pdbx_modification_feature.ref_pcm_id                         1 
_pdbx_modification_feature.ref_comp_id                        2MR 
_pdbx_modification_feature.type                               Methylation 
_pdbx_modification_feature.category                           'Named protein modification' 
# 
loop_
_struct_sheet.id 
_struct_sheet.type 
_struct_sheet.number_strands 
_struct_sheet.details 
A ? 6 ? 
B ? 4 ? 
C ? 5 ? 
# 
loop_
_struct_sheet_order.sheet_id 
_struct_sheet_order.range_id_1 
_struct_sheet_order.range_id_2 
_struct_sheet_order.offset 
_struct_sheet_order.sense 
A 1 2 ? anti-parallel 
A 2 3 ? anti-parallel 
A 3 4 ? parallel      
A 4 5 ? anti-parallel 
A 5 6 ? anti-parallel 
B 1 2 ? anti-parallel 
B 2 3 ? anti-parallel 
B 3 4 ? anti-parallel 
C 1 2 ? anti-parallel 
C 2 3 ? anti-parallel 
C 3 4 ? anti-parallel 
C 4 5 ? anti-parallel 
# 
loop_
_struct_sheet_range.sheet_id 
_struct_sheet_range.id 
_struct_sheet_range.beg_label_comp_id 
_struct_sheet_range.beg_label_asym_id 
_struct_sheet_range.beg_label_seq_id 
_struct_sheet_range.pdbx_beg_PDB_ins_code 
_struct_sheet_range.end_label_comp_id 
_struct_sheet_range.end_label_asym_id 
_struct_sheet_range.end_label_seq_id 
_struct_sheet_range.pdbx_end_PDB_ins_code 
_struct_sheet_range.beg_auth_comp_id 
_struct_sheet_range.beg_auth_asym_id 
_struct_sheet_range.beg_auth_seq_id 
_struct_sheet_range.end_auth_comp_id 
_struct_sheet_range.end_auth_asym_id 
_struct_sheet_range.end_auth_seq_id 
A 1 HIS A 6   ? CYS A 8   ? HIS A 2349 CYS A 2351 
A 2 PHE A 140 ? THR A 147 ? PHE A 2483 THR A 2490 
A 3 HIS A 153 ? TYR A 159 ? HIS A 2496 TYR A 2502 
A 4 ARG A 111 ? GLU A 114 ? ARG A 2454 GLU A 2457 
A 5 PHE A 19  ? VAL A 21  ? PHE A 2362 VAL A 2364 
A 6 VAL A 10  ? PHE A 13  ? VAL A 2353 PHE A 2356 
B 1 HIS A 6   ? CYS A 8   ? HIS A 2349 CYS A 2351 
B 2 PHE A 140 ? THR A 147 ? PHE A 2483 THR A 2490 
B 3 HIS A 153 ? TYR A 159 ? HIS A 2496 TYR A 2502 
B 4 LYS A 162 ? ASN A 163 ? LYS A 2505 ASN A 2506 
C 1 ASN A 90  ? THR A 93  ? ASN A 2433 THR A 2436 
C 2 CYS A 80  ? HIS A 83  ? CYS A 2423 HIS A 2426 
C 3 PHE A 66  ? VAL A 74  ? PHE A 2409 VAL A 2417 
C 4 LEU A 55  ? GLN A 59  ? LEU A 2398 GLN A 2402 
C 5 PHE A 96  ? ARG A 97  ? PHE A 2439 ARG A 2440 
# 
loop_
_pdbx_struct_sheet_hbond.sheet_id 
_pdbx_struct_sheet_hbond.range_id_1 
_pdbx_struct_sheet_hbond.range_id_2 
_pdbx_struct_sheet_hbond.range_1_label_atom_id 
_pdbx_struct_sheet_hbond.range_1_label_comp_id 
_pdbx_struct_sheet_hbond.range_1_label_asym_id 
_pdbx_struct_sheet_hbond.range_1_label_seq_id 
_pdbx_struct_sheet_hbond.range_1_PDB_ins_code 
_pdbx_struct_sheet_hbond.range_1_auth_atom_id 
_pdbx_struct_sheet_hbond.range_1_auth_comp_id 
_pdbx_struct_sheet_hbond.range_1_auth_asym_id 
_pdbx_struct_sheet_hbond.range_1_auth_seq_id 
_pdbx_struct_sheet_hbond.range_2_label_atom_id 
_pdbx_struct_sheet_hbond.range_2_label_comp_id 
_pdbx_struct_sheet_hbond.range_2_label_asym_id 
_pdbx_struct_sheet_hbond.range_2_label_seq_id 
_pdbx_struct_sheet_hbond.range_2_PDB_ins_code 
_pdbx_struct_sheet_hbond.range_2_auth_atom_id 
_pdbx_struct_sheet_hbond.range_2_auth_comp_id 
_pdbx_struct_sheet_hbond.range_2_auth_asym_id 
_pdbx_struct_sheet_hbond.range_2_auth_seq_id 
A 1 2 N HIS A 6   ? N HIS A 2349 O VAL A 142 ? O VAL A 2485 
A 2 3 N ALA A 146 ? N ALA A 2489 O VAL A 154 ? O VAL A 2497 
A 3 4 O VAL A 155 ? O VAL A 2498 N GLU A 114 ? N GLU A 2457 
A 4 5 O CYS A 113 ? O CYS A 2456 N PHE A 19  ? N PHE A 2362 
A 5 6 O TYR A 20  ? O TYR A 2363 N GLN A 12  ? N GLN A 2355 
B 1 2 N HIS A 6   ? N HIS A 2349 O VAL A 142 ? O VAL A 2485 
B 2 3 N ALA A 146 ? N ALA A 2489 O VAL A 154 ? O VAL A 2497 
B 3 4 N TYR A 159 ? N TYR A 2502 O LYS A 162 ? O LYS A 2505 
C 1 2 O ALA A 91  ? O ALA A 2434 N VAL A 82  ? N VAL A 2425 
C 2 3 O GLU A 81  ? O GLU A 2424 N ARG A 72  ? N ARG A 2415 
C 3 4 O ALA A 69  ? O ALA A 2412 N CYS A 56  ? N CYS A 2399 
C 4 5 N VAL A 57  ? N VAL A 2400 O ARG A 97  ? O ARG A 2440 
# 
_pdbx_entry_details.entry_id                   3NTH 
_pdbx_entry_details.compound_details           ? 
_pdbx_entry_details.source_details             ? 
_pdbx_entry_details.nonpolymer_details         ? 
_pdbx_entry_details.sequence_details           ? 
_pdbx_entry_details.has_ligand_of_interest     ? 
_pdbx_entry_details.has_protein_modification   Y 
# 
_pdbx_validate_symm_contact.id                1 
_pdbx_validate_symm_contact.PDB_model_num     1 
_pdbx_validate_symm_contact.auth_atom_id_1    O 
_pdbx_validate_symm_contact.auth_asym_id_1    A 
_pdbx_validate_symm_contact.auth_comp_id_1    HOH 
_pdbx_validate_symm_contact.auth_seq_id_1     24 
_pdbx_validate_symm_contact.PDB_ins_code_1    ? 
_pdbx_validate_symm_contact.label_alt_id_1    ? 
_pdbx_validate_symm_contact.site_symmetry_1   1_555 
_pdbx_validate_symm_contact.auth_atom_id_2    O 
_pdbx_validate_symm_contact.auth_asym_id_2    A 
_pdbx_validate_symm_contact.auth_comp_id_2    HOH 
_pdbx_validate_symm_contact.auth_seq_id_2     24 
_pdbx_validate_symm_contact.PDB_ins_code_2    ? 
_pdbx_validate_symm_contact.label_alt_id_2    ? 
_pdbx_validate_symm_contact.site_symmetry_2   7_645 
_pdbx_validate_symm_contact.dist              1.97 
# 
loop_
_pdbx_validate_torsion.id 
_pdbx_validate_torsion.PDB_model_num 
_pdbx_validate_torsion.auth_comp_id 
_pdbx_validate_torsion.auth_asym_id 
_pdbx_validate_torsion.auth_seq_id 
_pdbx_validate_torsion.PDB_ins_code 
_pdbx_validate_torsion.label_alt_id 
_pdbx_validate_torsion.phi 
_pdbx_validate_torsion.psi 
1  1 CYS A 2399 ? ? 177.48  -160.80 
2  1 GLU A 2407 ? ? 90.14   -9.07   
3  1 LEU A 2418 ? ? -98.74  -152.79 
4  1 PHE A 2430 ? ? -130.07 -56.90  
5  1 PRO A 2449 ? ? -49.84  163.38  
6  1 SER A 2464 ? ? 64.25   116.31  
7  1 CYS A 2466 ? ? -143.79 -2.37   
8  1 ASP A 2467 ? ? 52.31   87.54   
9  1 SER A 2504 ? ? 83.61   -4.58   
10 1 ARG C 11   ? ? -161.99 101.57  
11 1 2MR C 13   ? ? -95.60  -77.12  
# 
_pdbx_struct_mod_residue.id               1 
_pdbx_struct_mod_residue.label_asym_id    B 
_pdbx_struct_mod_residue.label_comp_id    2MR 
_pdbx_struct_mod_residue.label_seq_id     4 
_pdbx_struct_mod_residue.auth_asym_id     C 
_pdbx_struct_mod_residue.auth_comp_id     2MR 
_pdbx_struct_mod_residue.auth_seq_id      13 
_pdbx_struct_mod_residue.PDB_ins_code     ? 
_pdbx_struct_mod_residue.parent_comp_id   ARG 
_pdbx_struct_mod_residue.details          'N3, N4-DIMETHYLARGININE' 
# 
loop_
_pdbx_unobs_or_zero_occ_residues.id 
_pdbx_unobs_or_zero_occ_residues.PDB_model_num 
_pdbx_unobs_or_zero_occ_residues.polymer_flag 
_pdbx_unobs_or_zero_occ_residues.occupancy_flag 
_pdbx_unobs_or_zero_occ_residues.auth_asym_id 
_pdbx_unobs_or_zero_occ_residues.auth_comp_id 
_pdbx_unobs_or_zero_occ_residues.auth_seq_id 
_pdbx_unobs_or_zero_occ_residues.PDB_ins_code 
_pdbx_unobs_or_zero_occ_residues.label_asym_id 
_pdbx_unobs_or_zero_occ_residues.label_comp_id 
_pdbx_unobs_or_zero_occ_residues.label_seq_id 
1 1 Y 1 A LEU 2344 ? A LEU 1   
2 1 Y 1 A GLU 2345 ? A GLU 2   
3 1 Y 1 A ALA 2346 ? A ALA 3   
4 1 Y 1 A CYS 2514 ? A CYS 171 
5 1 Y 1 A GLN 2515 ? A GLN 172 
# 
loop_
_chem_comp_atom.comp_id 
_chem_comp_atom.atom_id 
_chem_comp_atom.type_symbol 
_chem_comp_atom.pdbx_aromatic_flag 
_chem_comp_atom.pdbx_stereo_config 
_chem_comp_atom.pdbx_ordinal 
2MR N    N N N 1   
2MR CA   C N S 2   
2MR CB   C N N 3   
2MR CG   C N N 4   
2MR CD   C N N 5   
2MR NE   N N N 6   
2MR CZ   C N N 7   
2MR NH1  N N N 8   
2MR CQ1  C N N 9   
2MR NH2  N N N 10  
2MR CQ2  C N N 11  
2MR C    C N N 12  
2MR O    O N N 13  
2MR OXT  O N N 14  
2MR H    H N N 15  
2MR H2   H N N 16  
2MR HA   H N N 17  
2MR HB2  H N N 18  
2MR HB3  H N N 19  
2MR HG2  H N N 20  
2MR HG3  H N N 21  
2MR HD2  H N N 22  
2MR HD3  H N N 23  
2MR HE   H N N 24  
2MR HQ11 H N N 25  
2MR HQ12 H N N 26  
2MR HQ13 H N N 27  
2MR HH2  H N N 28  
2MR HQ21 H N N 29  
2MR HQ22 H N N 30  
2MR HQ23 H N N 31  
2MR HXT  H N N 32  
ALA N    N N N 33  
ALA CA   C N S 34  
ALA C    C N N 35  
ALA O    O N N 36  
ALA CB   C N N 37  
ALA OXT  O N N 38  
ALA H    H N N 39  
ALA H2   H N N 40  
ALA HA   H N N 41  
ALA HB1  H N N 42  
ALA HB2  H N N 43  
ALA HB3  H N N 44  
ALA HXT  H N N 45  
ARG N    N N N 46  
ARG CA   C N S 47  
ARG C    C N N 48  
ARG O    O N N 49  
ARG CB   C N N 50  
ARG CG   C N N 51  
ARG CD   C N N 52  
ARG NE   N N N 53  
ARG CZ   C N N 54  
ARG NH1  N N N 55  
ARG NH2  N N N 56  
ARG OXT  O N N 57  
ARG H    H N N 58  
ARG H2   H N N 59  
ARG HA   H N N 60  
ARG HB2  H N N 61  
ARG HB3  H N N 62  
ARG HG2  H N N 63  
ARG HG3  H N N 64  
ARG HD2  H N N 65  
ARG HD3  H N N 66  
ARG HE   H N N 67  
ARG HH11 H N N 68  
ARG HH12 H N N 69  
ARG HH21 H N N 70  
ARG HH22 H N N 71  
ARG HXT  H N N 72  
ASN N    N N N 73  
ASN CA   C N S 74  
ASN C    C N N 75  
ASN O    O N N 76  
ASN CB   C N N 77  
ASN CG   C N N 78  
ASN OD1  O N N 79  
ASN ND2  N N N 80  
ASN OXT  O N N 81  
ASN H    H N N 82  
ASN H2   H N N 83  
ASN HA   H N N 84  
ASN HB2  H N N 85  
ASN HB3  H N N 86  
ASN HD21 H N N 87  
ASN HD22 H N N 88  
ASN HXT  H N N 89  
ASP N    N N N 90  
ASP CA   C N S 91  
ASP C    C N N 92  
ASP O    O N N 93  
ASP CB   C N N 94  
ASP CG   C N N 95  
ASP OD1  O N N 96  
ASP OD2  O N N 97  
ASP OXT  O N N 98  
ASP H    H N N 99  
ASP H2   H N N 100 
ASP HA   H N N 101 
ASP HB2  H N N 102 
ASP HB3  H N N 103 
ASP HD2  H N N 104 
ASP HXT  H N N 105 
CYS N    N N N 106 
CYS CA   C N R 107 
CYS C    C N N 108 
CYS O    O N N 109 
CYS CB   C N N 110 
CYS SG   S N N 111 
CYS OXT  O N N 112 
CYS H    H N N 113 
CYS H2   H N N 114 
CYS HA   H N N 115 
CYS HB2  H N N 116 
CYS HB3  H N N 117 
CYS HG   H N N 118 
CYS HXT  H N N 119 
GLN N    N N N 120 
GLN CA   C N S 121 
GLN C    C N N 122 
GLN O    O N N 123 
GLN CB   C N N 124 
GLN CG   C N N 125 
GLN CD   C N N 126 
GLN OE1  O N N 127 
GLN NE2  N N N 128 
GLN OXT  O N N 129 
GLN H    H N N 130 
GLN H2   H N N 131 
GLN HA   H N N 132 
GLN HB2  H N N 133 
GLN HB3  H N N 134 
GLN HG2  H N N 135 
GLN HG3  H N N 136 
GLN HE21 H N N 137 
GLN HE22 H N N 138 
GLN HXT  H N N 139 
GLU N    N N N 140 
GLU CA   C N S 141 
GLU C    C N N 142 
GLU O    O N N 143 
GLU CB   C N N 144 
GLU CG   C N N 145 
GLU CD   C N N 146 
GLU OE1  O N N 147 
GLU OE2  O N N 148 
GLU OXT  O N N 149 
GLU H    H N N 150 
GLU H2   H N N 151 
GLU HA   H N N 152 
GLU HB2  H N N 153 
GLU HB3  H N N 154 
GLU HG2  H N N 155 
GLU HG3  H N N 156 
GLU HE2  H N N 157 
GLU HXT  H N N 158 
GLY N    N N N 159 
GLY CA   C N N 160 
GLY C    C N N 161 
GLY O    O N N 162 
GLY OXT  O N N 163 
GLY H    H N N 164 
GLY H2   H N N 165 
GLY HA2  H N N 166 
GLY HA3  H N N 167 
GLY HXT  H N N 168 
HIS N    N N N 169 
HIS CA   C N S 170 
HIS C    C N N 171 
HIS O    O N N 172 
HIS CB   C N N 173 
HIS CG   C Y N 174 
HIS ND1  N Y N 175 
HIS CD2  C Y N 176 
HIS CE1  C Y N 177 
HIS NE2  N Y N 178 
HIS OXT  O N N 179 
HIS H    H N N 180 
HIS H2   H N N 181 
HIS HA   H N N 182 
HIS HB2  H N N 183 
HIS HB3  H N N 184 
HIS HD1  H N N 185 
HIS HD2  H N N 186 
HIS HE1  H N N 187 
HIS HE2  H N N 188 
HIS HXT  H N N 189 
HOH O    O N N 190 
HOH H1   H N N 191 
HOH H2   H N N 192 
ILE N    N N N 193 
ILE CA   C N S 194 
ILE C    C N N 195 
ILE O    O N N 196 
ILE CB   C N S 197 
ILE CG1  C N N 198 
ILE CG2  C N N 199 
ILE CD1  C N N 200 
ILE OXT  O N N 201 
ILE H    H N N 202 
ILE H2   H N N 203 
ILE HA   H N N 204 
ILE HB   H N N 205 
ILE HG12 H N N 206 
ILE HG13 H N N 207 
ILE HG21 H N N 208 
ILE HG22 H N N 209 
ILE HG23 H N N 210 
ILE HD11 H N N 211 
ILE HD12 H N N 212 
ILE HD13 H N N 213 
ILE HXT  H N N 214 
LEU N    N N N 215 
LEU CA   C N S 216 
LEU C    C N N 217 
LEU O    O N N 218 
LEU CB   C N N 219 
LEU CG   C N N 220 
LEU CD1  C N N 221 
LEU CD2  C N N 222 
LEU OXT  O N N 223 
LEU H    H N N 224 
LEU H2   H N N 225 
LEU HA   H N N 226 
LEU HB2  H N N 227 
LEU HB3  H N N 228 
LEU HG   H N N 229 
LEU HD11 H N N 230 
LEU HD12 H N N 231 
LEU HD13 H N N 232 
LEU HD21 H N N 233 
LEU HD22 H N N 234 
LEU HD23 H N N 235 
LEU HXT  H N N 236 
LYS N    N N N 237 
LYS CA   C N S 238 
LYS C    C N N 239 
LYS O    O N N 240 
LYS CB   C N N 241 
LYS CG   C N N 242 
LYS CD   C N N 243 
LYS CE   C N N 244 
LYS NZ   N N N 245 
LYS OXT  O N N 246 
LYS H    H N N 247 
LYS H2   H N N 248 
LYS HA   H N N 249 
LYS HB2  H N N 250 
LYS HB3  H N N 251 
LYS HG2  H N N 252 
LYS HG3  H N N 253 
LYS HD2  H N N 254 
LYS HD3  H N N 255 
LYS HE2  H N N 256 
LYS HE3  H N N 257 
LYS HZ1  H N N 258 
LYS HZ2  H N N 259 
LYS HZ3  H N N 260 
LYS HXT  H N N 261 
MET N    N N N 262 
MET CA   C N S 263 
MET C    C N N 264 
MET O    O N N 265 
MET CB   C N N 266 
MET CG   C N N 267 
MET SD   S N N 268 
MET CE   C N N 269 
MET OXT  O N N 270 
MET H    H N N 271 
MET H2   H N N 272 
MET HA   H N N 273 
MET HB2  H N N 274 
MET HB3  H N N 275 
MET HG2  H N N 276 
MET HG3  H N N 277 
MET HE1  H N N 278 
MET HE2  H N N 279 
MET HE3  H N N 280 
MET HXT  H N N 281 
PHE N    N N N 282 
PHE CA   C N S 283 
PHE C    C N N 284 
PHE O    O N N 285 
PHE CB   C N N 286 
PHE CG   C Y N 287 
PHE CD1  C Y N 288 
PHE CD2  C Y N 289 
PHE CE1  C Y N 290 
PHE CE2  C Y N 291 
PHE CZ   C Y N 292 
PHE OXT  O N N 293 
PHE H    H N N 294 
PHE H2   H N N 295 
PHE HA   H N N 296 
PHE HB2  H N N 297 
PHE HB3  H N N 298 
PHE HD1  H N N 299 
PHE HD2  H N N 300 
PHE HE1  H N N 301 
PHE HE2  H N N 302 
PHE HZ   H N N 303 
PHE HXT  H N N 304 
PRO N    N N N 305 
PRO CA   C N S 306 
PRO C    C N N 307 
PRO O    O N N 308 
PRO CB   C N N 309 
PRO CG   C N N 310 
PRO CD   C N N 311 
PRO OXT  O N N 312 
PRO H    H N N 313 
PRO HA   H N N 314 
PRO HB2  H N N 315 
PRO HB3  H N N 316 
PRO HG2  H N N 317 
PRO HG3  H N N 318 
PRO HD2  H N N 319 
PRO HD3  H N N 320 
PRO HXT  H N N 321 
SER N    N N N 322 
SER CA   C N S 323 
SER C    C N N 324 
SER O    O N N 325 
SER CB   C N N 326 
SER OG   O N N 327 
SER OXT  O N N 328 
SER H    H N N 329 
SER H2   H N N 330 
SER HA   H N N 331 
SER HB2  H N N 332 
SER HB3  H N N 333 
SER HG   H N N 334 
SER HXT  H N N 335 
THR N    N N N 336 
THR CA   C N S 337 
THR C    C N N 338 
THR O    O N N 339 
THR CB   C N R 340 
THR OG1  O N N 341 
THR CG2  C N N 342 
THR OXT  O N N 343 
THR H    H N N 344 
THR H2   H N N 345 
THR HA   H N N 346 
THR HB   H N N 347 
THR HG1  H N N 348 
THR HG21 H N N 349 
THR HG22 H N N 350 
THR HG23 H N N 351 
THR HXT  H N N 352 
TYR N    N N N 353 
TYR CA   C N S 354 
TYR C    C N N 355 
TYR O    O N N 356 
TYR CB   C N N 357 
TYR CG   C Y N 358 
TYR CD1  C Y N 359 
TYR CD2  C Y N 360 
TYR CE1  C Y N 361 
TYR CE2  C Y N 362 
TYR CZ   C Y N 363 
TYR OH   O N N 364 
TYR OXT  O N N 365 
TYR H    H N N 366 
TYR H2   H N N 367 
TYR HA   H N N 368 
TYR HB2  H N N 369 
TYR HB3  H N N 370 
TYR HD1  H N N 371 
TYR HD2  H N N 372 
TYR HE1  H N N 373 
TYR HE2  H N N 374 
TYR HH   H N N 375 
TYR HXT  H N N 376 
VAL N    N N N 377 
VAL CA   C N S 378 
VAL C    C N N 379 
VAL O    O N N 380 
VAL CB   C N N 381 
VAL CG1  C N N 382 
VAL CG2  C N N 383 
VAL OXT  O N N 384 
VAL H    H N N 385 
VAL H2   H N N 386 
VAL HA   H N N 387 
VAL HB   H N N 388 
VAL HG11 H N N 389 
VAL HG12 H N N 390 
VAL HG13 H N N 391 
VAL HG21 H N N 392 
VAL HG22 H N N 393 
VAL HG23 H N N 394 
VAL HXT  H N N 395 
# 
loop_
_chem_comp_bond.comp_id 
_chem_comp_bond.atom_id_1 
_chem_comp_bond.atom_id_2 
_chem_comp_bond.value_order 
_chem_comp_bond.pdbx_aromatic_flag 
_chem_comp_bond.pdbx_stereo_config 
_chem_comp_bond.pdbx_ordinal 
2MR N   CA   sing N N 1   
2MR N   H    sing N N 2   
2MR N   H2   sing N N 3   
2MR CA  CB   sing N N 4   
2MR CA  C    sing N N 5   
2MR CA  HA   sing N N 6   
2MR CB  CG   sing N N 7   
2MR CB  HB2  sing N N 8   
2MR CB  HB3  sing N N 9   
2MR CG  CD   sing N N 10  
2MR CG  HG2  sing N N 11  
2MR CG  HG3  sing N N 12  
2MR CD  NE   sing N N 13  
2MR CD  HD2  sing N N 14  
2MR CD  HD3  sing N N 15  
2MR NE  CZ   sing N N 16  
2MR NE  HE   sing N N 17  
2MR CZ  NH1  doub N N 18  
2MR CZ  NH2  sing N N 19  
2MR NH1 CQ1  sing N N 20  
2MR CQ1 HQ11 sing N N 21  
2MR CQ1 HQ12 sing N N 22  
2MR CQ1 HQ13 sing N N 23  
2MR NH2 CQ2  sing N N 24  
2MR NH2 HH2  sing N N 25  
2MR CQ2 HQ21 sing N N 26  
2MR CQ2 HQ22 sing N N 27  
2MR CQ2 HQ23 sing N N 28  
2MR C   O    doub N N 29  
2MR C   OXT  sing N N 30  
2MR OXT HXT  sing N N 31  
ALA N   CA   sing N N 32  
ALA N   H    sing N N 33  
ALA N   H2   sing N N 34  
ALA CA  C    sing N N 35  
ALA CA  CB   sing N N 36  
ALA CA  HA   sing N N 37  
ALA C   O    doub N N 38  
ALA C   OXT  sing N N 39  
ALA CB  HB1  sing N N 40  
ALA CB  HB2  sing N N 41  
ALA CB  HB3  sing N N 42  
ALA OXT HXT  sing N N 43  
ARG N   CA   sing N N 44  
ARG N   H    sing N N 45  
ARG N   H2   sing N N 46  
ARG CA  C    sing N N 47  
ARG CA  CB   sing N N 48  
ARG CA  HA   sing N N 49  
ARG C   O    doub N N 50  
ARG C   OXT  sing N N 51  
ARG CB  CG   sing N N 52  
ARG CB  HB2  sing N N 53  
ARG CB  HB3  sing N N 54  
ARG CG  CD   sing N N 55  
ARG CG  HG2  sing N N 56  
ARG CG  HG3  sing N N 57  
ARG CD  NE   sing N N 58  
ARG CD  HD2  sing N N 59  
ARG CD  HD3  sing N N 60  
ARG NE  CZ   sing N N 61  
ARG NE  HE   sing N N 62  
ARG CZ  NH1  sing N N 63  
ARG CZ  NH2  doub N N 64  
ARG NH1 HH11 sing N N 65  
ARG NH1 HH12 sing N N 66  
ARG NH2 HH21 sing N N 67  
ARG NH2 HH22 sing N N 68  
ARG OXT HXT  sing N N 69  
ASN N   CA   sing N N 70  
ASN N   H    sing N N 71  
ASN N   H2   sing N N 72  
ASN CA  C    sing N N 73  
ASN CA  CB   sing N N 74  
ASN CA  HA   sing N N 75  
ASN C   O    doub N N 76  
ASN C   OXT  sing N N 77  
ASN CB  CG   sing N N 78  
ASN CB  HB2  sing N N 79  
ASN CB  HB3  sing N N 80  
ASN CG  OD1  doub N N 81  
ASN CG  ND2  sing N N 82  
ASN ND2 HD21 sing N N 83  
ASN ND2 HD22 sing N N 84  
ASN OXT HXT  sing N N 85  
ASP N   CA   sing N N 86  
ASP N   H    sing N N 87  
ASP N   H2   sing N N 88  
ASP CA  C    sing N N 89  
ASP CA  CB   sing N N 90  
ASP CA  HA   sing N N 91  
ASP C   O    doub N N 92  
ASP C   OXT  sing N N 93  
ASP CB  CG   sing N N 94  
ASP CB  HB2  sing N N 95  
ASP CB  HB3  sing N N 96  
ASP CG  OD1  doub N N 97  
ASP CG  OD2  sing N N 98  
ASP OD2 HD2  sing N N 99  
ASP OXT HXT  sing N N 100 
CYS N   CA   sing N N 101 
CYS N   H    sing N N 102 
CYS N   H2   sing N N 103 
CYS CA  C    sing N N 104 
CYS CA  CB   sing N N 105 
CYS CA  HA   sing N N 106 
CYS C   O    doub N N 107 
CYS C   OXT  sing N N 108 
CYS CB  SG   sing N N 109 
CYS CB  HB2  sing N N 110 
CYS CB  HB3  sing N N 111 
CYS SG  HG   sing N N 112 
CYS OXT HXT  sing N N 113 
GLN N   CA   sing N N 114 
GLN N   H    sing N N 115 
GLN N   H2   sing N N 116 
GLN CA  C    sing N N 117 
GLN CA  CB   sing N N 118 
GLN CA  HA   sing N N 119 
GLN C   O    doub N N 120 
GLN C   OXT  sing N N 121 
GLN CB  CG   sing N N 122 
GLN CB  HB2  sing N N 123 
GLN CB  HB3  sing N N 124 
GLN CG  CD   sing N N 125 
GLN CG  HG2  sing N N 126 
GLN CG  HG3  sing N N 127 
GLN CD  OE1  doub N N 128 
GLN CD  NE2  sing N N 129 
GLN NE2 HE21 sing N N 130 
GLN NE2 HE22 sing N N 131 
GLN OXT HXT  sing N N 132 
GLU N   CA   sing N N 133 
GLU N   H    sing N N 134 
GLU N   H2   sing N N 135 
GLU CA  C    sing N N 136 
GLU CA  CB   sing N N 137 
GLU CA  HA   sing N N 138 
GLU C   O    doub N N 139 
GLU C   OXT  sing N N 140 
GLU CB  CG   sing N N 141 
GLU CB  HB2  sing N N 142 
GLU CB  HB3  sing N N 143 
GLU CG  CD   sing N N 144 
GLU CG  HG2  sing N N 145 
GLU CG  HG3  sing N N 146 
GLU CD  OE1  doub N N 147 
GLU CD  OE2  sing N N 148 
GLU OE2 HE2  sing N N 149 
GLU OXT HXT  sing N N 150 
GLY N   CA   sing N N 151 
GLY N   H    sing N N 152 
GLY N   H2   sing N N 153 
GLY CA  C    sing N N 154 
GLY CA  HA2  sing N N 155 
GLY CA  HA3  sing N N 156 
GLY C   O    doub N N 157 
GLY C   OXT  sing N N 158 
GLY OXT HXT  sing N N 159 
HIS N   CA   sing N N 160 
HIS N   H    sing N N 161 
HIS N   H2   sing N N 162 
HIS CA  C    sing N N 163 
HIS CA  CB   sing N N 164 
HIS CA  HA   sing N N 165 
HIS C   O    doub N N 166 
HIS C   OXT  sing N N 167 
HIS CB  CG   sing N N 168 
HIS CB  HB2  sing N N 169 
HIS CB  HB3  sing N N 170 
HIS CG  ND1  sing Y N 171 
HIS CG  CD2  doub Y N 172 
HIS ND1 CE1  doub Y N 173 
HIS ND1 HD1  sing N N 174 
HIS CD2 NE2  sing Y N 175 
HIS CD2 HD2  sing N N 176 
HIS CE1 NE2  sing Y N 177 
HIS CE1 HE1  sing N N 178 
HIS NE2 HE2  sing N N 179 
HIS OXT HXT  sing N N 180 
HOH O   H1   sing N N 181 
HOH O   H2   sing N N 182 
ILE N   CA   sing N N 183 
ILE N   H    sing N N 184 
ILE N   H2   sing N N 185 
ILE CA  C    sing N N 186 
ILE CA  CB   sing N N 187 
ILE CA  HA   sing N N 188 
ILE C   O    doub N N 189 
ILE C   OXT  sing N N 190 
ILE CB  CG1  sing N N 191 
ILE CB  CG2  sing N N 192 
ILE CB  HB   sing N N 193 
ILE CG1 CD1  sing N N 194 
ILE CG1 HG12 sing N N 195 
ILE CG1 HG13 sing N N 196 
ILE CG2 HG21 sing N N 197 
ILE CG2 HG22 sing N N 198 
ILE CG2 HG23 sing N N 199 
ILE CD1 HD11 sing N N 200 
ILE CD1 HD12 sing N N 201 
ILE CD1 HD13 sing N N 202 
ILE OXT HXT  sing N N 203 
LEU N   CA   sing N N 204 
LEU N   H    sing N N 205 
LEU N   H2   sing N N 206 
LEU CA  C    sing N N 207 
LEU CA  CB   sing N N 208 
LEU CA  HA   sing N N 209 
LEU C   O    doub N N 210 
LEU C   OXT  sing N N 211 
LEU CB  CG   sing N N 212 
LEU CB  HB2  sing N N 213 
LEU CB  HB3  sing N N 214 
LEU CG  CD1  sing N N 215 
LEU CG  CD2  sing N N 216 
LEU CG  HG   sing N N 217 
LEU CD1 HD11 sing N N 218 
LEU CD1 HD12 sing N N 219 
LEU CD1 HD13 sing N N 220 
LEU CD2 HD21 sing N N 221 
LEU CD2 HD22 sing N N 222 
LEU CD2 HD23 sing N N 223 
LEU OXT HXT  sing N N 224 
LYS N   CA   sing N N 225 
LYS N   H    sing N N 226 
LYS N   H2   sing N N 227 
LYS CA  C    sing N N 228 
LYS CA  CB   sing N N 229 
LYS CA  HA   sing N N 230 
LYS C   O    doub N N 231 
LYS C   OXT  sing N N 232 
LYS CB  CG   sing N N 233 
LYS CB  HB2  sing N N 234 
LYS CB  HB3  sing N N 235 
LYS CG  CD   sing N N 236 
LYS CG  HG2  sing N N 237 
LYS CG  HG3  sing N N 238 
LYS CD  CE   sing N N 239 
LYS CD  HD2  sing N N 240 
LYS CD  HD3  sing N N 241 
LYS CE  NZ   sing N N 242 
LYS CE  HE2  sing N N 243 
LYS CE  HE3  sing N N 244 
LYS NZ  HZ1  sing N N 245 
LYS NZ  HZ2  sing N N 246 
LYS NZ  HZ3  sing N N 247 
LYS OXT HXT  sing N N 248 
MET N   CA   sing N N 249 
MET N   H    sing N N 250 
MET N   H2   sing N N 251 
MET CA  C    sing N N 252 
MET CA  CB   sing N N 253 
MET CA  HA   sing N N 254 
MET C   O    doub N N 255 
MET C   OXT  sing N N 256 
MET CB  CG   sing N N 257 
MET CB  HB2  sing N N 258 
MET CB  HB3  sing N N 259 
MET CG  SD   sing N N 260 
MET CG  HG2  sing N N 261 
MET CG  HG3  sing N N 262 
MET SD  CE   sing N N 263 
MET CE  HE1  sing N N 264 
MET CE  HE2  sing N N 265 
MET CE  HE3  sing N N 266 
MET OXT HXT  sing N N 267 
PHE N   CA   sing N N 268 
PHE N   H    sing N N 269 
PHE N   H2   sing N N 270 
PHE CA  C    sing N N 271 
PHE CA  CB   sing N N 272 
PHE CA  HA   sing N N 273 
PHE C   O    doub N N 274 
PHE C   OXT  sing N N 275 
PHE CB  CG   sing N N 276 
PHE CB  HB2  sing N N 277 
PHE CB  HB3  sing N N 278 
PHE CG  CD1  doub Y N 279 
PHE CG  CD2  sing Y N 280 
PHE CD1 CE1  sing Y N 281 
PHE CD1 HD1  sing N N 282 
PHE CD2 CE2  doub Y N 283 
PHE CD2 HD2  sing N N 284 
PHE CE1 CZ   doub Y N 285 
PHE CE1 HE1  sing N N 286 
PHE CE2 CZ   sing Y N 287 
PHE CE2 HE2  sing N N 288 
PHE CZ  HZ   sing N N 289 
PHE OXT HXT  sing N N 290 
PRO N   CA   sing N N 291 
PRO N   CD   sing N N 292 
PRO N   H    sing N N 293 
PRO CA  C    sing N N 294 
PRO CA  CB   sing N N 295 
PRO CA  HA   sing N N 296 
PRO C   O    doub N N 297 
PRO C   OXT  sing N N 298 
PRO CB  CG   sing N N 299 
PRO CB  HB2  sing N N 300 
PRO CB  HB3  sing N N 301 
PRO CG  CD   sing N N 302 
PRO CG  HG2  sing N N 303 
PRO CG  HG3  sing N N 304 
PRO CD  HD2  sing N N 305 
PRO CD  HD3  sing N N 306 
PRO OXT HXT  sing N N 307 
SER N   CA   sing N N 308 
SER N   H    sing N N 309 
SER N   H2   sing N N 310 
SER CA  C    sing N N 311 
SER CA  CB   sing N N 312 
SER CA  HA   sing N N 313 
SER C   O    doub N N 314 
SER C   OXT  sing N N 315 
SER CB  OG   sing N N 316 
SER CB  HB2  sing N N 317 
SER CB  HB3  sing N N 318 
SER OG  HG   sing N N 319 
SER OXT HXT  sing N N 320 
THR N   CA   sing N N 321 
THR N   H    sing N N 322 
THR N   H2   sing N N 323 
THR CA  C    sing N N 324 
THR CA  CB   sing N N 325 
THR CA  HA   sing N N 326 
THR C   O    doub N N 327 
THR C   OXT  sing N N 328 
THR CB  OG1  sing N N 329 
THR CB  CG2  sing N N 330 
THR CB  HB   sing N N 331 
THR OG1 HG1  sing N N 332 
THR CG2 HG21 sing N N 333 
THR CG2 HG22 sing N N 334 
THR CG2 HG23 sing N N 335 
THR OXT HXT  sing N N 336 
TYR N   CA   sing N N 337 
TYR N   H    sing N N 338 
TYR N   H2   sing N N 339 
TYR CA  C    sing N N 340 
TYR CA  CB   sing N N 341 
TYR CA  HA   sing N N 342 
TYR C   O    doub N N 343 
TYR C   OXT  sing N N 344 
TYR CB  CG   sing N N 345 
TYR CB  HB2  sing N N 346 
TYR CB  HB3  sing N N 347 
TYR CG  CD1  doub Y N 348 
TYR CG  CD2  sing Y N 349 
TYR CD1 CE1  sing Y N 350 
TYR CD1 HD1  sing N N 351 
TYR CD2 CE2  doub Y N 352 
TYR CD2 HD2  sing N N 353 
TYR CE1 CZ   doub Y N 354 
TYR CE1 HE1  sing N N 355 
TYR CE2 CZ   sing Y N 356 
TYR CE2 HE2  sing N N 357 
TYR CZ  OH   sing N N 358 
TYR OH  HH   sing N N 359 
TYR OXT HXT  sing N N 360 
VAL N   CA   sing N N 361 
VAL N   H    sing N N 362 
VAL N   H2   sing N N 363 
VAL CA  C    sing N N 364 
VAL CA  CB   sing N N 365 
VAL CA  HA   sing N N 366 
VAL C   O    doub N N 367 
VAL C   OXT  sing N N 368 
VAL CB  CG1  sing N N 369 
VAL CB  CG2  sing N N 370 
VAL CB  HB   sing N N 371 
VAL CG1 HG11 sing N N 372 
VAL CG1 HG12 sing N N 373 
VAL CG1 HG13 sing N N 374 
VAL CG2 HG21 sing N N 375 
VAL CG2 HG22 sing N N 376 
VAL CG2 HG23 sing N N 377 
VAL OXT HXT  sing N N 378 
# 
_pdbx_initial_refinement_model.id               1 
_pdbx_initial_refinement_model.entity_id_list   ? 
_pdbx_initial_refinement_model.type             'experimental model' 
_pdbx_initial_refinement_model.source_name      PDB 
_pdbx_initial_refinement_model.accession_code   3NTK 
_pdbx_initial_refinement_model.details          ? 
# 
_atom_sites.entry_id                    3NTH 
_atom_sites.fract_transf_matrix[1][1]   -0.00851371 
_atom_sites.fract_transf_matrix[1][2]   0.01808658 
_atom_sites.fract_transf_matrix[1][3]   -0.00584790 
_atom_sites.fract_transf_matrix[2][1]   0.00933545 
_atom_sites.fract_transf_matrix[2][2]   -0.00160320 
_atom_sites.fract_transf_matrix[2][3]   -0.01854952 
_atom_sites.fract_transf_matrix[3][1]   -0.00522867 
_atom_sites.fract_transf_matrix[3][2]   -0.00322202 
_atom_sites.fract_transf_matrix[3][3]   -0.00235297 
_atom_sites.fract_transf_vector[1]      0.342324 
_atom_sites.fract_transf_vector[2]      -0.389604 
_atom_sites.fract_transf_vector[3]      0.050828 
# 
loop_
_atom_type.symbol 
C 
N 
O 
S 
# 
loop_
_atom_site.group_PDB 
_atom_site.id 
_atom_site.type_symbol 
_atom_site.label_atom_id 
_atom_site.label_alt_id 
_atom_site.label_comp_id 
_atom_site.label_asym_id 
_atom_site.label_entity_id 
_atom_site.label_seq_id 
_atom_site.pdbx_PDB_ins_code 
_atom_site.Cartn_x 
_atom_site.Cartn_y 
_atom_site.Cartn_z 
_atom_site.occupancy 
_atom_site.B_iso_or_equiv 
_atom_site.pdbx_formal_charge 
_atom_site.auth_seq_id 
_atom_site.auth_comp_id 
_atom_site.auth_asym_id 
_atom_site.auth_atom_id 
_atom_site.pdbx_PDB_model_num 
ATOM   1    N N   . GLU A 1 4   ? 20.182  -11.013 1.821   1.00 73.48  ? 2347 GLU A N   1 
ATOM   2    C CA  . GLU A 1 4   ? 18.852  -10.993 1.144   1.00 71.84  ? 2347 GLU A CA  1 
ATOM   3    C C   . GLU A 1 4   ? 18.022  -9.786  1.591   1.00 70.80  ? 2347 GLU A C   1 
ATOM   4    O O   . GLU A 1 4   ? 16.956  -9.942  2.189   1.00 70.31  ? 2347 GLU A O   1 
ATOM   5    C CB  . GLU A 1 4   ? 18.102  -12.291 1.443   1.00 72.16  ? 2347 GLU A CB  1 
ATOM   6    N N   . LEU A 1 5   ? 18.517  -8.586  1.301   1.00 69.42  ? 2348 LEU A N   1 
ATOM   7    C CA  . LEU A 1 5   ? 17.820  -7.357  1.677   1.00 67.23  ? 2348 LEU A CA  1 
ATOM   8    C C   . LEU A 1 5   ? 17.390  -6.579  0.449   1.00 66.12  ? 2348 LEU A C   1 
ATOM   9    O O   . LEU A 1 5   ? 18.221  -6.193  -0.370  1.00 64.17  ? 2348 LEU A O   1 
ATOM   10   C CB  . LEU A 1 5   ? 18.714  -6.468  2.544   1.00 65.68  ? 2348 LEU A CB  1 
ATOM   11   C CG  . LEU A 1 5   ? 18.950  -6.898  3.993   1.00 64.72  ? 2348 LEU A CG  1 
ATOM   12   C CD1 . LEU A 1 5   ? 19.549  -8.293  4.048   1.00 66.84  ? 2348 LEU A CD1 1 
ATOM   13   C CD2 . LEU A 1 5   ? 19.872  -5.902  4.649   1.00 63.36  ? 2348 LEU A CD2 1 
ATOM   14   N N   . HIS A 1 6   ? 16.089  -6.339  0.334   1.00 65.08  ? 2349 HIS A N   1 
ATOM   15   C CA  . HIS A 1 6   ? 15.555  -5.611  -0.811  1.00 62.85  ? 2349 HIS A CA  1 
ATOM   16   C C   . HIS A 1 6   ? 15.139  -4.194  -0.440  1.00 59.76  ? 2349 HIS A C   1 
ATOM   17   O O   . HIS A 1 6   ? 14.567  -3.955  0.625   1.00 58.29  ? 2349 HIS A O   1 
ATOM   18   C CB  . HIS A 1 6   ? 14.346  -6.350  -1.401  1.00 64.97  ? 2349 HIS A CB  1 
ATOM   19   C CG  . HIS A 1 6   ? 14.471  -7.844  -1.363  1.00 68.20  ? 2349 HIS A CG  1 
ATOM   20   N ND1 . HIS A 1 6   ? 14.160  -8.582  -0.245  1.00 71.21  ? 2349 HIS A ND1 1 
ATOM   21   C CD2 . HIS A 1 6   ? 14.916  -8.722  -2.288  1.00 71.36  ? 2349 HIS A CD2 1 
ATOM   22   C CE1 . HIS A 1 6   ? 14.409  -9.861  -0.481  1.00 72.11  ? 2349 HIS A CE1 1 
ATOM   23   N NE2 . HIS A 1 6   ? 14.870  -9.971  -1.716  1.00 73.85  ? 2349 HIS A NE2 1 
ATOM   24   N N   . ASN A 1 7   ? 15.436  -3.258  -1.331  1.00 56.76  ? 2350 ASN A N   1 
ATOM   25   C CA  . ASN A 1 7   ? 15.076  -1.867  -1.122  1.00 54.21  ? 2350 ASN A CA  1 
ATOM   26   C C   . ASN A 1 7   ? 13.568  -1.718  -1.266  1.00 52.60  ? 2350 ASN A C   1 
ATOM   27   O O   . ASN A 1 7   ? 12.937  -2.426  -2.047  1.00 54.87  ? 2350 ASN A O   1 
ATOM   28   C CB  . ASN A 1 7   ? 15.768  -0.985  -2.155  1.00 53.30  ? 2350 ASN A CB  1 
ATOM   29   C CG  . ASN A 1 7   ? 17.266  -1.082  -2.082  1.00 50.21  ? 2350 ASN A CG  1 
ATOM   30   O OD1 . ASN A 1 7   ? 17.833  -2.161  -2.214  1.00 54.54  ? 2350 ASN A OD1 1 
ATOM   31   N ND2 . ASN A 1 7   ? 17.921  0.049   -1.875  1.00 49.27  ? 2350 ASN A ND2 1 
ATOM   32   N N   . CYS A 1 8   ? 12.994  -0.794  -0.509  1.00 51.24  ? 2351 CYS A N   1 
ATOM   33   C CA  . CYS A 1 8   ? 11.565  -0.556  -0.569  1.00 49.41  ? 2351 CYS A CA  1 
ATOM   34   C C   . CYS A 1 8   ? 11.269  0.793   0.058   1.00 48.47  ? 2351 CYS A C   1 
ATOM   35   O O   . CYS A 1 8   ? 12.183  1.497   0.482   1.00 49.53  ? 2351 CYS A O   1 
ATOM   36   C CB  . CYS A 1 8   ? 10.811  -1.654  0.186   1.00 51.16  ? 2351 CYS A CB  1 
ATOM   37   S SG  . CYS A 1 8   ? 10.925  -1.552  1.990   1.00 48.19  ? 2351 CYS A SG  1 
ATOM   38   N N   . VAL A 1 9   ? 9.991   1.152   0.109   1.00 47.29  ? 2352 VAL A N   1 
ATOM   39   C CA  . VAL A 1 9   ? 9.576   2.410   0.709   1.00 46.28  ? 2352 VAL A CA  1 
ATOM   40   C C   . VAL A 1 9   ? 8.317   2.161   1.526   1.00 45.56  ? 2352 VAL A C   1 
ATOM   41   O O   . VAL A 1 9   ? 7.362   1.575   1.030   1.00 47.45  ? 2352 VAL A O   1 
ATOM   42   C CB  . VAL A 1 9   ? 9.281   3.493   -0.365  1.00 46.97  ? 2352 VAL A CB  1 
ATOM   43   C CG1 . VAL A 1 9   ? 10.516  3.741   -1.218  1.00 41.37  ? 2352 VAL A CG1 1 
ATOM   44   C CG2 . VAL A 1 9   ? 8.118   3.071   -1.227  1.00 47.02  ? 2352 VAL A CG2 1 
ATOM   45   N N   . VAL A 1 10  ? 8.313   2.582   2.784   1.00 44.86  ? 2353 VAL A N   1 
ATOM   46   C CA  . VAL A 1 10  ? 7.131   2.378   3.611   1.00 44.38  ? 2353 VAL A CA  1 
ATOM   47   C C   . VAL A 1 10  ? 6.129   3.476   3.279   1.00 44.93  ? 2353 VAL A C   1 
ATOM   48   O O   . VAL A 1 10  ? 6.325   4.642   3.619   1.00 47.61  ? 2353 VAL A O   1 
ATOM   49   C CB  . VAL A 1 10  ? 7.461   2.414   5.129   1.00 41.99  ? 2353 VAL A CB  1 
ATOM   50   C CG1 . VAL A 1 10  ? 6.196   2.178   5.936   1.00 36.56  ? 2353 VAL A CG1 1 
ATOM   51   C CG2 . VAL A 1 10  ? 8.498   1.356   5.468   1.00 34.80  ? 2353 VAL A CG2 1 
ATOM   52   N N   . VAL A 1 11  ? 5.054   3.097   2.603   1.00 45.15  ? 2354 VAL A N   1 
ATOM   53   C CA  . VAL A 1 11  ? 4.036   4.059   2.212   1.00 45.18  ? 2354 VAL A CA  1 
ATOM   54   C C   . VAL A 1 11  ? 2.948   4.211   3.268   1.00 45.23  ? 2354 VAL A C   1 
ATOM   55   O O   . VAL A 1 11  ? 2.382   5.287   3.435   1.00 45.48  ? 2354 VAL A O   1 
ATOM   56   C CB  . VAL A 1 11  ? 3.390   3.654   0.860   1.00 45.64  ? 2354 VAL A CB  1 
ATOM   57   C CG1 . VAL A 1 11  ? 4.456   3.567   -0.218  1.00 43.91  ? 2354 VAL A CG1 1 
ATOM   58   C CG2 . VAL A 1 11  ? 2.694   2.324   0.997   1.00 45.68  ? 2354 VAL A CG2 1 
ATOM   59   N N   . GLN A 1 12  ? 2.660   3.132   3.983   1.00 45.05  ? 2355 GLN A N   1 
ATOM   60   C CA  . GLN A 1 12  ? 1.632   3.164   5.014   1.00 45.48  ? 2355 GLN A CA  1 
ATOM   61   C C   . GLN A 1 12  ? 2.047   2.386   6.268   1.00 46.56  ? 2355 GLN A C   1 
ATOM   62   O O   . GLN A 1 12  ? 2.577   1.278   6.190   1.00 45.78  ? 2355 GLN A O   1 
ATOM   63   C CB  . GLN A 1 12  ? 0.322   2.611   4.444   1.00 41.61  ? 2355 GLN A CB  1 
ATOM   64   C CG  . GLN A 1 12  ? -0.812  2.533   5.442   1.00 40.06  ? 2355 GLN A CG  1 
ATOM   65   C CD  . GLN A 1 12  ? -1.121  3.864   6.072   1.00 34.93  ? 2355 GLN A CD  1 
ATOM   66   O OE1 . GLN A 1 12  ? -1.881  3.942   7.029   1.00 40.68  ? 2355 GLN A OE1 1 
ATOM   67   N NE2 . GLN A 1 12  ? -0.539  4.921   5.539   1.00 40.28  ? 2355 GLN A NE2 1 
ATOM   68   N N   . PHE A 1 13  ? 1.802   2.981   7.427   1.00 47.72  ? 2356 PHE A N   1 
ATOM   69   C CA  . PHE A 1 13  ? 2.154   2.356   8.686   1.00 49.84  ? 2356 PHE A CA  1 
ATOM   70   C C   . PHE A 1 13  ? 0.986   2.396   9.662   1.00 51.61  ? 2356 PHE A C   1 
ATOM   71   O O   . PHE A 1 13  ? 0.373   3.442   9.874   1.00 52.29  ? 2356 PHE A O   1 
ATOM   72   C CB  . PHE A 1 13  ? 3.334   3.087   9.303   1.00 49.61  ? 2356 PHE A CB  1 
ATOM   73   C CG  . PHE A 1 13  ? 4.251   2.207   10.084  1.00 50.27  ? 2356 PHE A CG  1 
ATOM   74   C CD1 . PHE A 1 13  ? 5.248   1.481   9.444   1.00 51.13  ? 2356 PHE A CD1 1 
ATOM   75   C CD2 . PHE A 1 13  ? 4.139   2.117   11.462  1.00 53.06  ? 2356 PHE A CD2 1 
ATOM   76   C CE1 . PHE A 1 13  ? 6.125   0.679   10.164  1.00 50.07  ? 2356 PHE A CE1 1 
ATOM   77   C CE2 . PHE A 1 13  ? 5.010   1.318   12.195  1.00 55.72  ? 2356 PHE A CE2 1 
ATOM   78   C CZ  . PHE A 1 13  ? 6.007   0.598   11.544  1.00 54.02  ? 2356 PHE A CZ  1 
ATOM   79   N N   . ASP A 1 14  ? 0.674   1.247   10.246  1.00 53.12  ? 2357 ASP A N   1 
ATOM   80   C CA  . ASP A 1 14  ? -0.397  1.147   11.229  1.00 55.46  ? 2357 ASP A CA  1 
ATOM   81   C C   . ASP A 1 14  ? 0.202   0.451   12.449  1.00 56.27  ? 2357 ASP A C   1 
ATOM   82   O O   . ASP A 1 14  ? -0.505  0.067   13.379  1.00 58.54  ? 2357 ASP A O   1 
ATOM   83   C CB  . ASP A 1 14  ? -1.564  0.321   10.683  1.00 56.72  ? 2357 ASP A CB  1 
ATOM   84   C CG  . ASP A 1 14  ? -2.145  0.900   9.410   1.00 61.09  ? 2357 ASP A CG  1 
ATOM   85   O OD1 . ASP A 1 14  ? -2.330  2.139   9.347   1.00 59.82  ? 2357 ASP A OD1 1 
ATOM   86   O OD2 . ASP A 1 14  ? -2.430  0.111   8.478   1.00 60.78  ? 2357 ASP A OD2 1 
ATOM   87   N N   . GLY A 1 15  ? 1.522   0.302   12.419  1.00 56.88  ? 2358 GLY A N   1 
ATOM   88   C CA  . GLY A 1 15  ? 2.239   -0.350  13.494  1.00 56.87  ? 2358 GLY A CA  1 
ATOM   89   C C   . GLY A 1 15  ? 3.210   -1.352  12.901  1.00 56.89  ? 2358 GLY A C   1 
ATOM   90   O O   . GLY A 1 15  ? 3.236   -1.534  11.682  1.00 56.57  ? 2358 GLY A O   1 
ATOM   91   N N   . PRO A 1 16  ? 4.029   -2.016  13.734  1.00 56.91  ? 2359 PRO A N   1 
ATOM   92   C CA  . PRO A 1 16  ? 4.994   -3.006  13.243  1.00 55.98  ? 2359 PRO A CA  1 
ATOM   93   C C   . PRO A 1 16  ? 4.235   -4.279  12.898  1.00 54.96  ? 2359 PRO A C   1 
ATOM   94   O O   . PRO A 1 16  ? 4.784   -5.218  12.323  1.00 53.51  ? 2359 PRO A O   1 
ATOM   95   C CB  . PRO A 1 16  ? 5.911   -3.202  14.438  1.00 56.69  ? 2359 PRO A CB  1 
ATOM   96   C CG  . PRO A 1 16  ? 4.928   -3.143  15.583  1.00 57.21  ? 2359 PRO A CG  1 
ATOM   97   C CD  . PRO A 1 16  ? 4.059   -1.942  15.207  1.00 57.03  ? 2359 PRO A CD  1 
ATOM   98   N N   . MET A 1 17  ? 2.962   -4.293  13.274  1.00 54.58  ? 2360 MET A N   1 
ATOM   99   C CA  . MET A 1 17  ? 2.106   -5.434  13.028  1.00 52.93  ? 2360 MET A CA  1 
ATOM   100  C C   . MET A 1 17  ? 1.358   -5.286  11.717  1.00 51.20  ? 2360 MET A C   1 
ATOM   101  O O   . MET A 1 17  ? 0.947   -6.279  11.120  1.00 51.61  ? 2360 MET A O   1 
ATOM   102  C CB  . MET A 1 17  ? 1.104   -5.602  14.167  1.00 54.00  ? 2360 MET A CB  1 
ATOM   103  C CG  . MET A 1 17  ? 0.860   -7.056  14.529  1.00 59.37  ? 2360 MET A CG  1 
ATOM   104  S SD  . MET A 1 17  ? 2.373   -7.840  15.132  1.00 65.92  ? 2360 MET A SD  1 
ATOM   105  C CE  . MET A 1 17  ? 3.041   -8.558  13.629  1.00 69.89  ? 2360 MET A CE  1 
ATOM   106  N N   . SER A 1 18  ? 1.188   -4.049  11.260  1.00 49.15  ? 2361 SER A N   1 
ATOM   107  C CA  . SER A 1 18  ? 0.472   -3.821  10.014  1.00 46.20  ? 2361 SER A CA  1 
ATOM   108  C C   . SER A 1 18  ? 0.909   -2.615  9.206   1.00 45.02  ? 2361 SER A C   1 
ATOM   109  O O   . SER A 1 18  ? 0.524   -1.489  9.501   1.00 43.65  ? 2361 SER A O   1 
ATOM   110  C CB  . SER A 1 18  ? -1.022  -3.700  10.284  1.00 42.18  ? 2361 SER A CB  1 
ATOM   111  O OG  . SER A 1 18  ? -1.726  -3.575  9.064   1.00 39.93  ? 2361 SER A OG  1 
ATOM   112  N N   . PHE A 1 19  ? 1.711   -2.855  8.179   1.00 43.22  ? 2362 PHE A N   1 
ATOM   113  C CA  . PHE A 1 19  ? 2.150   -1.779  7.303   1.00 40.84  ? 2362 PHE A CA  1 
ATOM   114  C C   . PHE A 1 19  ? 2.336   -2.284  5.869   1.00 38.83  ? 2362 PHE A C   1 
ATOM   115  O O   . PHE A 1 19  ? 2.364   -3.491  5.617   1.00 36.62  ? 2362 PHE A O   1 
ATOM   116  C CB  . PHE A 1 19  ? 3.432   -1.118  7.828   1.00 37.84  ? 2362 PHE A CB  1 
ATOM   117  C CG  . PHE A 1 19  ? 4.585   -2.053  7.982   1.00 38.24  ? 2362 PHE A CG  1 
ATOM   118  C CD1 . PHE A 1 19  ? 4.582   -3.030  8.970   1.00 33.94  ? 2362 PHE A CD1 1 
ATOM   119  C CD2 . PHE A 1 19  ? 5.697   -1.937  7.154   1.00 38.86  ? 2362 PHE A CD2 1 
ATOM   120  C CE1 . PHE A 1 19  ? 5.672   -3.875  9.133   1.00 32.87  ? 2362 PHE A CE1 1 
ATOM   121  C CE2 . PHE A 1 19  ? 6.793   -2.782  7.312   1.00 38.05  ? 2362 PHE A CE2 1 
ATOM   122  C CZ  . PHE A 1 19  ? 6.780   -3.750  8.302   1.00 31.52  ? 2362 PHE A CZ  1 
ATOM   123  N N   . TYR A 1 20  ? 2.437   -1.345  4.937   1.00 37.03  ? 2363 TYR A N   1 
ATOM   124  C CA  . TYR A 1 20  ? 2.593   -1.666  3.532   1.00 36.59  ? 2363 TYR A CA  1 
ATOM   125  C C   . TYR A 1 20  ? 3.799   -0.945  2.938   1.00 36.63  ? 2363 TYR A C   1 
ATOM   126  O O   . TYR A 1 20  ? 4.026   0.231   3.221   1.00 38.45  ? 2363 TYR A O   1 
ATOM   127  C CB  . TYR A 1 20  ? 1.338   -1.249  2.760   1.00 35.87  ? 2363 TYR A CB  1 
ATOM   128  C CG  . TYR A 1 20  ? 0.042   -1.843  3.269   1.00 35.55  ? 2363 TYR A CG  1 
ATOM   129  C CD1 . TYR A 1 20  ? -0.496  -1.456  4.491   1.00 34.59  ? 2363 TYR A CD1 1 
ATOM   130  C CD2 . TYR A 1 20  ? -0.667  -2.764  2.504   1.00 35.95  ? 2363 TYR A CD2 1 
ATOM   131  C CE1 . TYR A 1 20  ? -1.706  -1.966  4.939   1.00 30.26  ? 2363 TYR A CE1 1 
ATOM   132  C CE2 . TYR A 1 20  ? -1.883  -3.281  2.943   1.00 35.90  ? 2363 TYR A CE2 1 
ATOM   133  C CZ  . TYR A 1 20  ? -2.400  -2.873  4.158   1.00 35.87  ? 2363 TYR A CZ  1 
ATOM   134  O OH  . TYR A 1 20  ? -3.629  -3.351  4.571   1.00 37.87  ? 2363 TYR A OH  1 
ATOM   135  N N   . VAL A 1 21  ? 4.566   -1.651  2.111   1.00 35.61  ? 2364 VAL A N   1 
ATOM   136  C CA  . VAL A 1 21  ? 5.734   -1.066  1.461   1.00 35.04  ? 2364 VAL A CA  1 
ATOM   137  C C   . VAL A 1 21  ? 5.635   -1.207  -0.049  1.00 35.93  ? 2364 VAL A C   1 
ATOM   138  O O   . VAL A 1 21  ? 4.665   -1.744  -0.573  1.00 37.09  ? 2364 VAL A O   1 
ATOM   139  C CB  . VAL A 1 21  ? 7.044   -1.754  1.893   1.00 35.83  ? 2364 VAL A CB  1 
ATOM   140  C CG1 . VAL A 1 21  ? 7.235   -1.637  3.393   1.00 36.60  ? 2364 VAL A CG1 1 
ATOM   141  C CG2 . VAL A 1 21  ? 7.029   -3.198  1.447   1.00 34.01  ? 2364 VAL A CG2 1 
ATOM   142  N N   . GLN A 1 22  ? 6.663   -0.723  -0.735  1.00 36.59  ? 2365 GLN A N   1 
ATOM   143  C CA  . GLN A 1 22  ? 6.741   -0.794  -2.181  1.00 36.99  ? 2365 GLN A CA  1 
ATOM   144  C C   . GLN A 1 22  ? 8.146   -1.179  -2.620  1.00 38.33  ? 2365 GLN A C   1 
ATOM   145  O O   . GLN A 1 22  ? 9.045   -0.341  -2.667  1.00 39.53  ? 2365 GLN A O   1 
ATOM   146  C CB  . GLN A 1 22  ? 6.351   0.538   -2.796  1.00 35.23  ? 2365 GLN A CB  1 
ATOM   147  C CG  . GLN A 1 22  ? 4.858   0.727   -2.950  1.00 36.16  ? 2365 GLN A CG  1 
ATOM   148  C CD  . GLN A 1 22  ? 4.522   1.987   -3.715  1.00 35.04  ? 2365 GLN A CD  1 
ATOM   149  O OE1 . GLN A 1 22  ? 3.374   2.215   -4.089  1.00 38.28  ? 2365 GLN A OE1 1 
ATOM   150  N NE2 . GLN A 1 22  ? 5.527   2.817   -3.949  1.00 30.00  ? 2365 GLN A NE2 1 
ATOM   151  N N   . MET A 1 23  ? 8.310   -2.460  -2.940  1.00 40.33  ? 2366 MET A N   1 
ATOM   152  C CA  . MET A 1 23  ? 9.580   -3.034  -3.370  1.00 41.41  ? 2366 MET A CA  1 
ATOM   153  C C   . MET A 1 23  ? 10.176  -2.361  -4.593  1.00 42.74  ? 2366 MET A C   1 
ATOM   154  O O   . MET A 1 23  ? 9.541   -2.272  -5.637  1.00 40.79  ? 2366 MET A O   1 
ATOM   155  C CB  . MET A 1 23  ? 9.401   -4.525  -3.666  1.00 44.30  ? 2366 MET A CB  1 
ATOM   156  C CG  . MET A 1 23  ? 8.745   -5.303  -2.540  1.00 51.54  ? 2366 MET A CG  1 
ATOM   157  S SD  . MET A 1 23  ? 9.719   -5.283  -1.027  1.00 56.55  ? 2366 MET A SD  1 
ATOM   158  C CE  . MET A 1 23  ? 10.916  -6.520  -1.428  1.00 59.01  ? 2366 MET A CE  1 
ATOM   159  N N   . GLU A 1 24  ? 11.416  -1.910  -4.455  1.00 45.17  ? 2367 GLU A N   1 
ATOM   160  C CA  . GLU A 1 24  ? 12.124  -1.246  -5.541  1.00 48.45  ? 2367 GLU A CA  1 
ATOM   161  C C   . GLU A 1 24  ? 12.061  -2.090  -6.812  1.00 49.28  ? 2367 GLU A C   1 
ATOM   162  O O   . GLU A 1 24  ? 12.278  -1.595  -7.917  1.00 49.17  ? 2367 GLU A O   1 
ATOM   163  C CB  . GLU A 1 24  ? 13.580  -1.021  -5.137  1.00 50.88  ? 2367 GLU A CB  1 
ATOM   164  C CG  . GLU A 1 24  ? 14.358  -0.163  -6.109  1.00 61.80  ? 2367 GLU A CG  1 
ATOM   165  C CD  . GLU A 1 24  ? 15.722  0.220   -5.576  1.00 67.96  ? 2367 GLU A CD  1 
ATOM   166  O OE1 . GLU A 1 24  ? 16.583  -0.676  -5.439  1.00 71.07  ? 2367 GLU A OE1 1 
ATOM   167  O OE2 . GLU A 1 24  ? 15.926  1.420   -5.287  1.00 71.44  ? 2367 GLU A OE2 1 
ATOM   168  N N   . SER A 1 25  ? 11.751  -3.370  -6.642  1.00 49.86  ? 2368 SER A N   1 
ATOM   169  C CA  . SER A 1 25  ? 11.658  -4.301  -7.754  1.00 50.40  ? 2368 SER A CA  1 
ATOM   170  C C   . SER A 1 25  ? 10.412  -4.039  -8.581  1.00 50.66  ? 2368 SER A C   1 
ATOM   171  O O   . SER A 1 25  ? 10.476  -3.896  -9.798  1.00 49.88  ? 2368 SER A O   1 
ATOM   172  C CB  . SER A 1 25  ? 11.603  -5.738  -7.232  1.00 50.86  ? 2368 SER A CB  1 
ATOM   173  O OG  . SER A 1 25  ? 12.664  -5.990  -6.335  1.00 56.92  ? 2368 SER A OG  1 
ATOM   174  N N   . ASP A 1 26  ? 9.277   -3.984  -7.896  1.00 50.84  ? 2369 ASP A N   1 
ATOM   175  C CA  . ASP A 1 26  ? 7.986   -3.780  -8.536  1.00 49.64  ? 2369 ASP A CA  1 
ATOM   176  C C   . ASP A 1 26  ? 7.710   -2.369  -9.052  1.00 47.77  ? 2369 ASP A C   1 
ATOM   177  O O   . ASP A 1 26  ? 6.708   -2.136  -9.730  1.00 47.52  ? 2369 ASP A O   1 
ATOM   178  C CB  . ASP A 1 26  ? 6.881   -4.209  -7.576  1.00 52.33  ? 2369 ASP A CB  1 
ATOM   179  C CG  . ASP A 1 26  ? 7.053   -5.637  -7.114  1.00 57.47  ? 2369 ASP A CG  1 
ATOM   180  O OD1 . ASP A 1 26  ? 7.270   -6.514  -7.975  1.00 61.31  ? 2369 ASP A OD1 1 
ATOM   181  O OD2 . ASP A 1 26  ? 6.969   -5.887  -5.896  1.00 63.67  ? 2369 ASP A OD2 1 
ATOM   182  N N   . VAL A 1 27  ? 8.599   -1.431  -8.743  1.00 45.63  ? 2370 VAL A N   1 
ATOM   183  C CA  . VAL A 1 27  ? 8.417   -0.063  -9.198  1.00 42.45  ? 2370 VAL A CA  1 
ATOM   184  C C   . VAL A 1 27  ? 8.252   0.038   -10.705 1.00 41.44  ? 2370 VAL A C   1 
ATOM   185  O O   . VAL A 1 27  ? 7.383   0.763   -11.178 1.00 42.46  ? 2370 VAL A O   1 
ATOM   186  C CB  . VAL A 1 27  ? 9.576   0.840   -8.718  1.00 40.28  ? 2370 VAL A CB  1 
ATOM   187  C CG1 . VAL A 1 27  ? 9.782   2.027   -9.669  1.00 33.56  ? 2370 VAL A CG1 1 
ATOM   188  C CG2 . VAL A 1 27  ? 9.249   1.346   -7.324  1.00 30.00  ? 2370 VAL A CG2 1 
ATOM   189  N N   . PRO A 1 28  ? 9.089   -0.677  -11.482 1.00 41.20  ? 2371 PRO A N   1 
ATOM   190  C CA  . PRO A 1 28  ? 8.966   -0.621  -12.943 1.00 40.21  ? 2371 PRO A CA  1 
ATOM   191  C C   . PRO A 1 28  ? 7.558   -0.993  -13.402 1.00 39.05  ? 2371 PRO A C   1 
ATOM   192  O O   . PRO A 1 28  ? 6.943   -0.283  -14.187 1.00 36.78  ? 2371 PRO A O   1 
ATOM   193  C CB  . PRO A 1 28  ? 10.016  -1.620  -13.407 1.00 41.52  ? 2371 PRO A CB  1 
ATOM   194  C CG  . PRO A 1 28  ? 11.094  -1.425  -12.400 1.00 40.81  ? 2371 PRO A CG  1 
ATOM   195  C CD  . PRO A 1 28  ? 10.321  -1.387  -11.097 1.00 39.45  ? 2371 PRO A CD  1 
ATOM   196  N N   . ALA A 1 29  ? 7.049   -2.105  -12.890 1.00 39.65  ? 2372 ALA A N   1 
ATOM   197  C CA  . ALA A 1 29  ? 5.712   -2.555  -13.245 1.00 40.89  ? 2372 ALA A CA  1 
ATOM   198  C C   . ALA A 1 29  ? 4.643   -1.530  -12.818 1.00 41.65  ? 2372 ALA A C   1 
ATOM   199  O O   . ALA A 1 29  ? 3.743   -1.187  -13.590 1.00 42.21  ? 2372 ALA A O   1 
ATOM   200  C CB  . ALA A 1 29  ? 5.443   -3.908  -12.592 1.00 36.99  ? 2372 ALA A CB  1 
ATOM   201  N N   . LEU A 1 30  ? 4.765   -1.043  -11.587 1.00 42.40  ? 2373 LEU A N   1 
ATOM   202  C CA  . LEU A 1 30  ? 3.833   -0.075  -11.020 1.00 42.74  ? 2373 LEU A CA  1 
ATOM   203  C C   . LEU A 1 30  ? 3.720   1.222   -11.818 1.00 43.05  ? 2373 LEU A C   1 
ATOM   204  O O   . LEU A 1 30  ? 2.631   1.779   -11.972 1.00 40.18  ? 2373 LEU A O   1 
ATOM   205  C CB  . LEU A 1 30  ? 4.250   0.248   -9.589  1.00 44.24  ? 2373 LEU A CB  1 
ATOM   206  C CG  . LEU A 1 30  ? 3.464   1.366   -8.911  1.00 48.72  ? 2373 LEU A CG  1 
ATOM   207  C CD1 . LEU A 1 30  ? 2.045   0.899   -8.661  1.00 50.14  ? 2373 LEU A CD1 1 
ATOM   208  C CD2 . LEU A 1 30  ? 4.147   1.761   -7.611  1.00 53.01  ? 2373 LEU A CD2 1 
ATOM   209  N N   . GLU A 1 31  ? 4.854   1.708   -12.307 1.00 43.97  ? 2374 GLU A N   1 
ATOM   210  C CA  . GLU A 1 31  ? 4.897   2.939   -13.084 1.00 45.42  ? 2374 GLU A CA  1 
ATOM   211  C C   . GLU A 1 31  ? 4.122   2.751   -14.394 1.00 45.22  ? 2374 GLU A C   1 
ATOM   212  O O   . GLU A 1 31  ? 3.303   3.587   -14.770 1.00 42.03  ? 2374 GLU A O   1 
ATOM   213  C CB  . GLU A 1 31  ? 6.358   3.305   -13.374 1.00 49.89  ? 2374 GLU A CB  1 
ATOM   214  C CG  . GLU A 1 31  ? 6.648   4.804   -13.535 1.00 64.37  ? 2374 GLU A CG  1 
ATOM   215  C CD  . GLU A 1 31  ? 6.565   5.592   -12.224 1.00 70.92  ? 2374 GLU A CD  1 
ATOM   216  O OE1 . GLU A 1 31  ? 5.443   5.840   -11.734 1.00 72.93  ? 2374 GLU A OE1 1 
ATOM   217  O OE2 . GLU A 1 31  ? 7.627   5.964   -11.679 1.00 76.09  ? 2374 GLU A OE2 1 
ATOM   218  N N   . GLN A 1 32  ? 4.377   1.637   -15.073 1.00 45.96  ? 2375 GLN A N   1 
ATOM   219  C CA  . GLN A 1 32  ? 3.708   1.338   -16.333 1.00 46.43  ? 2375 GLN A CA  1 
ATOM   220  C C   . GLN A 1 32  ? 2.209   1.188   -16.111 1.00 45.54  ? 2375 GLN A C   1 
ATOM   221  O O   . GLN A 1 32  ? 1.394   1.524   -16.981 1.00 45.51  ? 2375 GLN A O   1 
ATOM   222  C CB  . GLN A 1 32  ? 4.289   0.062   -16.951 1.00 45.14  ? 2375 GLN A CB  1 
ATOM   223  C CG  . GLN A 1 32  ? 5.766   0.172   -17.296 1.00 52.03  ? 2375 GLN A CG  1 
ATOM   224  C CD  . GLN A 1 32  ? 6.290   -1.033  -18.053 1.00 57.59  ? 2375 GLN A CD  1 
ATOM   225  O OE1 . GLN A 1 32  ? 7.503   -1.190  -18.232 1.00 58.17  ? 2375 GLN A OE1 1 
ATOM   226  N NE2 . GLN A 1 32  ? 5.380   -1.889  -18.510 1.00 63.42  ? 2375 GLN A NE2 1 
ATOM   227  N N   . MET A 1 33  ? 1.851   0.677   -14.938 1.00 43.67  ? 2376 MET A N   1 
ATOM   228  C CA  . MET A 1 33  ? 0.454   0.500   -14.585 1.00 40.76  ? 2376 MET A CA  1 
ATOM   229  C C   . MET A 1 33  ? -0.168  1.887   -14.535 1.00 39.57  ? 2376 MET A C   1 
ATOM   230  O O   . MET A 1 33  ? -1.159  2.165   -15.193 1.00 37.27  ? 2376 MET A O   1 
ATOM   231  C CB  . MET A 1 33  ? 0.349   -0.183  -13.219 1.00 37.66  ? 2376 MET A CB  1 
ATOM   232  C CG  . MET A 1 33  ? -1.043  -0.164  -12.605 1.00 39.57  ? 2376 MET A CG  1 
ATOM   233  S SD  . MET A 1 33  ? -2.302  -1.003  -13.585 1.00 37.79  ? 2376 MET A SD  1 
ATOM   234  C CE  . MET A 1 33  ? -1.990  -2.686  -13.125 1.00 32.84  ? 2376 MET A CE  1 
ATOM   235  N N   . THR A 1 34  ? 0.448   2.762   -13.758 1.00 39.77  ? 2377 THR A N   1 
ATOM   236  C CA  . THR A 1 34  ? -0.028  4.124   -13.613 1.00 40.80  ? 2377 THR A CA  1 
ATOM   237  C C   . THR A 1 34  ? -0.120  4.820   -14.969 1.00 41.89  ? 2377 THR A C   1 
ATOM   238  O O   . THR A 1 34  ? -1.107  5.507   -15.258 1.00 41.32  ? 2377 THR A O   1 
ATOM   239  C CB  . THR A 1 34  ? 0.903   4.913   -12.677 1.00 40.46  ? 2377 THR A CB  1 
ATOM   240  O OG1 . THR A 1 34  ? 0.904   4.291   -11.386 1.00 39.05  ? 2377 THR A OG1 1 
ATOM   241  C CG2 . THR A 1 34  ? 0.434   6.350   -12.536 1.00 43.46  ? 2377 THR A CG2 1 
ATOM   242  N N   . ASP A 1 35  ? 0.906   4.639   -15.798 1.00 42.00  ? 2378 ASP A N   1 
ATOM   243  C CA  . ASP A 1 35  ? 0.921   5.237   -17.125 1.00 41.49  ? 2378 ASP A CA  1 
ATOM   244  C C   . ASP A 1 35  ? -0.349  4.853   -17.874 1.00 39.85  ? 2378 ASP A C   1 
ATOM   245  O O   . ASP A 1 35  ? -1.095  5.718   -18.325 1.00 40.90  ? 2378 ASP A O   1 
ATOM   246  C CB  . ASP A 1 35  ? 2.144   4.764   -17.920 1.00 46.89  ? 2378 ASP A CB  1 
ATOM   247  C CG  . ASP A 1 35  ? 3.433   5.465   -17.500 1.00 54.01  ? 2378 ASP A CG  1 
ATOM   248  O OD1 . ASP A 1 35  ? 3.457   6.717   -17.455 1.00 55.87  ? 2378 ASP A OD1 1 
ATOM   249  O OD2 . ASP A 1 35  ? 4.433   4.764   -17.229 1.00 59.69  ? 2378 ASP A OD2 1 
ATOM   250  N N   . LYS A 1 36  ? -0.595  3.550   -17.992 1.00 38.35  ? 2379 LYS A N   1 
ATOM   251  C CA  . LYS A 1 36  ? -1.770  3.045   -18.692 1.00 38.29  ? 2379 LYS A CA  1 
ATOM   252  C C   . LYS A 1 36  ? -3.067  3.545   -18.089 1.00 38.20  ? 2379 LYS A C   1 
ATOM   253  O O   . LYS A 1 36  ? -4.024  3.822   -18.807 1.00 41.18  ? 2379 LYS A O   1 
ATOM   254  C CB  . LYS A 1 36  ? -1.768  1.520   -18.693 1.00 38.35  ? 2379 LYS A CB  1 
ATOM   255  C CG  . LYS A 1 36  ? -0.670  0.918   -19.541 1.00 41.20  ? 2379 LYS A CG  1 
ATOM   256  C CD  . LYS A 1 36  ? -0.517  -0.568  -19.287 1.00 44.75  ? 2379 LYS A CD  1 
ATOM   257  C CE  . LYS A 1 36  ? 0.776   -1.071  -19.901 1.00 50.62  ? 2379 LYS A CE  1 
ATOM   258  N NZ  . LYS A 1 36  ? 1.210   -2.372  -19.337 1.00 55.04  ? 2379 LYS A NZ  1 
ATOM   259  N N   . LEU A 1 37  ? -3.101  3.666   -16.769 1.00 38.37  ? 2380 LEU A N   1 
ATOM   260  C CA  . LEU A 1 37  ? -4.301  4.135   -16.092 1.00 36.66  ? 2380 LEU A CA  1 
ATOM   261  C C   . LEU A 1 37  ? -4.573  5.617   -16.309 1.00 37.19  ? 2380 LEU A C   1 
ATOM   262  O O   . LEU A 1 37  ? -5.724  6.045   -16.329 1.00 32.14  ? 2380 LEU A O   1 
ATOM   263  C CB  . LEU A 1 37  ? -4.216  3.830   -14.596 1.00 35.50  ? 2380 LEU A CB  1 
ATOM   264  C CG  . LEU A 1 37  ? -4.644  2.416   -14.209 1.00 32.02  ? 2380 LEU A CG  1 
ATOM   265  C CD1 . LEU A 1 37  ? -4.454  2.192   -12.724 1.00 36.70  ? 2380 LEU A CD1 1 
ATOM   266  C CD2 . LEU A 1 37  ? -6.098  2.226   -14.573 1.00 34.59  ? 2380 LEU A CD2 1 
ATOM   267  N N   . LEU A 1 38  ? -3.517  6.405   -16.463 1.00 39.76  ? 2381 LEU A N   1 
ATOM   268  C CA  . LEU A 1 38  ? -3.706  7.830   -16.679 1.00 43.74  ? 2381 LEU A CA  1 
ATOM   269  C C   . LEU A 1 38  ? -4.217  8.114   -18.079 1.00 43.77  ? 2381 LEU A C   1 
ATOM   270  O O   . LEU A 1 38  ? -5.006  9.034   -18.277 1.00 46.46  ? 2381 LEU A O   1 
ATOM   271  C CB  . LEU A 1 38  ? -2.409  8.601   -16.437 1.00 46.27  ? 2381 LEU A CB  1 
ATOM   272  C CG  . LEU A 1 38  ? -2.127  8.981   -14.978 1.00 55.55  ? 2381 LEU A CG  1 
ATOM   273  C CD1 . LEU A 1 38  ? -0.810  9.743   -14.879 1.00 61.89  ? 2381 LEU A CD1 1 
ATOM   274  C CD2 . LEU A 1 38  ? -3.267  9.838   -14.448 1.00 61.67  ? 2381 LEU A CD2 1 
ATOM   275  N N   . ASP A 1 39  ? -3.790  7.319   -19.052 1.00 43.57  ? 2382 ASP A N   1 
ATOM   276  C CA  . ASP A 1 39  ? -4.231  7.547   -20.417 1.00 42.94  ? 2382 ASP A CA  1 
ATOM   277  C C   . ASP A 1 39  ? -5.650  7.056   -20.694 1.00 40.52  ? 2382 ASP A C   1 
ATOM   278  O O   . ASP A 1 39  ? -6.359  7.626   -21.521 1.00 42.86  ? 2382 ASP A O   1 
ATOM   279  C CB  . ASP A 1 39  ? -3.263  6.900   -21.409 1.00 51.55  ? 2382 ASP A CB  1 
ATOM   280  C CG  . ASP A 1 39  ? -3.501  7.370   -22.838 1.00 60.70  ? 2382 ASP A CG  1 
ATOM   281  O OD1 . ASP A 1 39  ? -4.601  7.117   -23.377 1.00 67.01  ? 2382 ASP A OD1 1 
ATOM   282  O OD2 . ASP A 1 39  ? -2.594  8.005   -23.419 1.00 69.04  ? 2382 ASP A OD2 1 
ATOM   283  N N   . ALA A 1 40  ? -6.067  6.013   -19.992 1.00 37.99  ? 2383 ALA A N   1 
ATOM   284  C CA  . ALA A 1 40  ? -7.393  5.450   -20.186 1.00 35.92  ? 2383 ALA A CA  1 
ATOM   285  C C   . ALA A 1 40  ? -8.448  6.035   -19.263 1.00 35.65  ? 2383 ALA A C   1 
ATOM   286  O O   . ALA A 1 40  ? -9.639  5.984   -19.559 1.00 35.33  ? 2383 ALA A O   1 
ATOM   287  C CB  . ALA A 1 40  ? -7.334  3.944   -19.998 1.00 33.92  ? 2383 ALA A CB  1 
ATOM   288  N N   . GLU A 1 41  ? -7.993  6.595   -18.150 1.00 37.54  ? 2384 GLU A N   1 
ATOM   289  C CA  . GLU A 1 41  ? -8.860  7.166   -17.127 1.00 40.59  ? 2384 GLU A CA  1 
ATOM   290  C C   . GLU A 1 41  ? -10.112 7.864   -17.633 1.00 40.96  ? 2384 GLU A C   1 
ATOM   291  O O   . GLU A 1 41  ? -11.235 7.449   -17.339 1.00 40.31  ? 2384 GLU A O   1 
ATOM   292  C CB  . GLU A 1 41  ? -8.058  8.141   -16.271 1.00 48.27  ? 2384 GLU A CB  1 
ATOM   293  C CG  . GLU A 1 41  ? -8.707  8.487   -14.938 1.00 58.86  ? 2384 GLU A CG  1 
ATOM   294  C CD  . GLU A 1 41  ? -7.964  9.592   -14.217 1.00 63.41  ? 2384 GLU A CD  1 
ATOM   295  O OE1 . GLU A 1 41  ? -8.060  10.751  -14.667 1.00 67.53  ? 2384 GLU A OE1 1 
ATOM   296  O OE2 . GLU A 1 41  ? -7.278  9.299   -13.215 1.00 67.23  ? 2384 GLU A OE2 1 
ATOM   297  N N   . GLN A 1 42  ? -9.906  8.932   -18.394 1.00 42.17  ? 2385 GLN A N   1 
ATOM   298  C CA  . GLN A 1 42  ? -11.000 9.727   -18.938 1.00 43.07  ? 2385 GLN A CA  1 
ATOM   299  C C   . GLN A 1 42  ? -12.113 8.917   -19.602 1.00 42.86  ? 2385 GLN A C   1 
ATOM   300  O O   . GLN A 1 42  ? -13.291 9.221   -19.447 1.00 40.70  ? 2385 GLN A O   1 
ATOM   301  C CB  . GLN A 1 42  ? -10.441 10.734  -19.939 1.00 43.69  ? 2385 GLN A CB  1 
ATOM   302  C CG  . GLN A 1 42  ? -11.390 11.875  -20.270 1.00 52.25  ? 2385 GLN A CG  1 
ATOM   303  C CD  . GLN A 1 42  ? -11.837 12.633  -19.035 1.00 57.02  ? 2385 GLN A CD  1 
ATOM   304  O OE1 . GLN A 1 42  ? -12.827 12.276  -18.393 1.00 55.53  ? 2385 GLN A OE1 1 
ATOM   305  N NE2 . GLN A 1 42  ? -11.094 13.680  -18.685 1.00 60.59  ? 2385 GLN A NE2 1 
ATOM   306  N N   . ASP A 1 43  ? -11.736 7.874   -20.327 1.00 44.07  ? 2386 ASP A N   1 
ATOM   307  C CA  . ASP A 1 43  ? -12.707 7.063   -21.039 1.00 44.67  ? 2386 ASP A CA  1 
ATOM   308  C C   . ASP A 1 43  ? -13.191 5.831   -20.303 1.00 43.98  ? 2386 ASP A C   1 
ATOM   309  O O   . ASP A 1 43  ? -13.961 5.049   -20.850 1.00 42.42  ? 2386 ASP A O   1 
ATOM   310  C CB  . ASP A 1 43  ? -12.127 6.666   -22.392 1.00 46.70  ? 2386 ASP A CB  1 
ATOM   311  C CG  . ASP A 1 43  ? -11.842 7.867   -23.271 1.00 49.20  ? 2386 ASP A CG  1 
ATOM   312  O OD1 . ASP A 1 43  ? -12.808 8.484   -23.766 1.00 48.66  ? 2386 ASP A OD1 1 
ATOM   313  O OD2 . ASP A 1 43  ? -10.655 8.206   -23.456 1.00 54.46  ? 2386 ASP A OD2 1 
ATOM   314  N N   . LEU A 1 44  ? -12.754 5.657   -19.061 1.00 44.29  ? 2387 LEU A N   1 
ATOM   315  C CA  . LEU A 1 44  ? -13.188 4.499   -18.291 1.00 43.76  ? 2387 LEU A CA  1 
ATOM   316  C C   . LEU A 1 44  ? -14.660 4.625   -17.912 1.00 43.15  ? 2387 LEU A C   1 
ATOM   317  O O   . LEU A 1 44  ? -15.113 5.682   -17.478 1.00 42.95  ? 2387 LEU A O   1 
ATOM   318  C CB  . LEU A 1 44  ? -12.331 4.334   -17.035 1.00 42.37  ? 2387 LEU A CB  1 
ATOM   319  C CG  . LEU A 1 44  ? -10.864 3.950   -17.255 1.00 38.14  ? 2387 LEU A CG  1 
ATOM   320  C CD1 . LEU A 1 44  ? -10.243 3.647   -15.910 1.00 34.57  ? 2387 LEU A CD1 1 
ATOM   321  C CD2 . LEU A 1 44  ? -10.751 2.736   -18.168 1.00 31.06  ? 2387 LEU A CD2 1 
ATOM   322  N N   . PRO A 1 45  ? -15.426 3.538   -18.073 1.00 42.66  ? 2388 PRO A N   1 
ATOM   323  C CA  . PRO A 1 45  ? -16.858 3.521   -17.753 1.00 42.10  ? 2388 PRO A CA  1 
ATOM   324  C C   . PRO A 1 45  ? -17.120 3.698   -16.272 1.00 39.94  ? 2388 PRO A C   1 
ATOM   325  O O   . PRO A 1 45  ? -16.222 3.534   -15.456 1.00 42.71  ? 2388 PRO A O   1 
ATOM   326  C CB  . PRO A 1 45  ? -17.316 2.146   -18.242 1.00 44.00  ? 2388 PRO A CB  1 
ATOM   327  C CG  . PRO A 1 45  ? -16.305 1.790   -19.288 1.00 47.89  ? 2388 PRO A CG  1 
ATOM   328  C CD  . PRO A 1 45  ? -15.014 2.257   -18.666 1.00 44.00  ? 2388 PRO A CD  1 
ATOM   329  N N   . ALA A 1 46  ? -18.360 4.017   -15.927 1.00 38.67  ? 2389 ALA A N   1 
ATOM   330  C CA  . ALA A 1 46  ? -18.733 4.193   -14.538 1.00 38.77  ? 2389 ALA A CA  1 
ATOM   331  C C   . ALA A 1 46  ? -18.830 2.822   -13.876 1.00 40.15  ? 2389 ALA A C   1 
ATOM   332  O O   . ALA A 1 46  ? -19.223 1.847   -14.512 1.00 42.62  ? 2389 ALA A O   1 
ATOM   333  C CB  . ALA A 1 46  ? -20.054 4.917   -14.445 1.00 33.50  ? 2389 ALA A CB  1 
ATOM   334  N N   . PHE A 1 47  ? -18.460 2.743   -12.603 1.00 42.13  ? 2390 PHE A N   1 
ATOM   335  C CA  . PHE A 1 47  ? -18.512 1.484   -11.876 1.00 43.42  ? 2390 PHE A CA  1 
ATOM   336  C C   . PHE A 1 47  ? -19.636 1.552   -10.861 1.00 44.05  ? 2390 PHE A C   1 
ATOM   337  O O   . PHE A 1 47  ? -19.687 2.488   -10.074 1.00 44.10  ? 2390 PHE A O   1 
ATOM   338  C CB  . PHE A 1 47  ? -17.191 1.237   -11.152 1.00 46.69  ? 2390 PHE A CB  1 
ATOM   339  C CG  . PHE A 1 47  ? -17.136 -0.076  -10.443 1.00 47.89  ? 2390 PHE A CG  1 
ATOM   340  C CD1 . PHE A 1 47  ? -16.718 -1.221  -11.108 1.00 51.60  ? 2390 PHE A CD1 1 
ATOM   341  C CD2 . PHE A 1 47  ? -17.555 -0.180  -9.125  1.00 48.64  ? 2390 PHE A CD2 1 
ATOM   342  C CE1 . PHE A 1 47  ? -16.724 -2.459  -10.467 1.00 54.95  ? 2390 PHE A CE1 1 
ATOM   343  C CE2 . PHE A 1 47  ? -17.564 -1.410  -8.478  1.00 54.36  ? 2390 PHE A CE2 1 
ATOM   344  C CZ  . PHE A 1 47  ? -17.149 -2.554  -9.151  1.00 51.41  ? 2390 PHE A CZ  1 
ATOM   345  N N   . SER A 1 48  ? -20.530 0.563   -10.863 1.00 45.31  ? 2391 SER A N   1 
ATOM   346  C CA  . SER A 1 48  ? -21.652 0.576   -9.926  1.00 47.64  ? 2391 SER A CA  1 
ATOM   347  C C   . SER A 1 48  ? -21.809 -0.618  -8.998  1.00 49.27  ? 2391 SER A C   1 
ATOM   348  O O   . SER A 1 48  ? -22.524 -0.528  -8.008  1.00 49.21  ? 2391 SER A O   1 
ATOM   349  C CB  . SER A 1 48  ? -22.964 0.795   -10.677 1.00 49.54  ? 2391 SER A CB  1 
ATOM   350  O OG  . SER A 1 48  ? -23.189 2.175   -10.907 1.00 50.42  ? 2391 SER A OG  1 
ATOM   351  N N   . ASP A 1 49  ? -21.166 -1.737  -9.306  1.00 52.07  ? 2392 ASP A N   1 
ATOM   352  C CA  . ASP A 1 49  ? -21.269 -2.907  -8.434  1.00 54.97  ? 2392 ASP A CA  1 
ATOM   353  C C   . ASP A 1 49  ? -20.465 -2.611  -7.171  1.00 53.63  ? 2392 ASP A C   1 
ATOM   354  O O   . ASP A 1 49  ? -19.313 -3.021  -7.041  1.00 53.36  ? 2392 ASP A O   1 
ATOM   355  C CB  . ASP A 1 49  ? -20.721 -4.153  -9.139  1.00 62.39  ? 2392 ASP A CB  1 
ATOM   356  C CG  . ASP A 1 49  ? -20.752 -5.391  -8.253  1.00 69.69  ? 2392 ASP A CG  1 
ATOM   357  O OD1 . ASP A 1 49  ? -19.855 -5.547  -7.396  1.00 73.36  ? 2392 ASP A OD1 1 
ATOM   358  O OD2 . ASP A 1 49  ? -21.683 -6.209  -8.408  1.00 80.13  ? 2392 ASP A OD2 1 
ATOM   359  N N   . LEU A 1 50  ? -21.084 -1.900  -6.236  1.00 52.80  ? 2393 LEU A N   1 
ATOM   360  C CA  . LEU A 1 50  ? -20.406 -1.509  -5.006  1.00 52.30  ? 2393 LEU A CA  1 
ATOM   361  C C   . LEU A 1 50  ? -20.603 -2.416  -3.796  1.00 52.22  ? 2393 LEU A C   1 
ATOM   362  O O   . LEU A 1 50  ? -21.566 -2.259  -3.050  1.00 54.21  ? 2393 LEU A O   1 
ATOM   363  C CB  . LEU A 1 50  ? -20.821 -0.088  -4.635  1.00 47.56  ? 2393 LEU A CB  1 
ATOM   364  C CG  . LEU A 1 50  ? -20.635 0.951   -5.742  1.00 43.97  ? 2393 LEU A CG  1 
ATOM   365  C CD1 . LEU A 1 50  ? -20.959 2.337   -5.191  1.00 46.53  ? 2393 LEU A CD1 1 
ATOM   366  C CD2 . LEU A 1 50  ? -19.209 0.898   -6.264  1.00 42.32  ? 2393 LEU A CD2 1 
ATOM   367  N N   . LYS A 1 51  ? -19.676 -3.345  -3.587  1.00 51.79  ? 2394 LYS A N   1 
ATOM   368  C CA  . LYS A 1 51  ? -19.761 -4.254  -2.451  1.00 51.66  ? 2394 LYS A CA  1 
ATOM   369  C C   . LYS A 1 51  ? -18.348 -4.596  -1.979  1.00 51.36  ? 2394 LYS A C   1 
ATOM   370  O O   . LYS A 1 51  ? -17.392 -4.493  -2.753  1.00 53.45  ? 2394 LYS A O   1 
ATOM   371  C CB  . LYS A 1 51  ? -20.495 -5.543  -2.846  1.00 54.16  ? 2394 LYS A CB  1 
ATOM   372  C CG  . LYS A 1 51  ? -19.675 -6.446  -3.760  1.00 59.23  ? 2394 LYS A CG  1 
ATOM   373  C CD  . LYS A 1 51  ? -20.374 -7.766  -4.063  1.00 64.46  ? 2394 LYS A CD  1 
ATOM   374  C CE  . LYS A 1 51  ? -19.494 -8.652  -4.949  1.00 67.48  ? 2394 LYS A CE  1 
ATOM   375  N NZ  . LYS A 1 51  ? -20.132 -9.949  -5.309  1.00 59.92  ? 2394 LYS A NZ  1 
ATOM   376  N N   . GLU A 1 52  ? -18.218 -4.998  -0.716  1.00 49.90  ? 2395 GLU A N   1 
ATOM   377  C CA  . GLU A 1 52  ? -16.922 -5.365  -0.164  1.00 48.61  ? 2395 GLU A CA  1 
ATOM   378  C C   . GLU A 1 52  ? -16.161 -6.305  -1.090  1.00 47.41  ? 2395 GLU A C   1 
ATOM   379  O O   . GLU A 1 52  ? -16.755 -7.160  -1.747  1.00 49.12  ? 2395 GLU A O   1 
ATOM   380  C CB  . GLU A 1 52  ? -17.089 -6.049  1.191   1.00 50.18  ? 2395 GLU A CB  1 
ATOM   381  C CG  . GLU A 1 52  ? -17.460 -5.112  2.324   1.00 55.84  ? 2395 GLU A CG  1 
ATOM   382  C CD  . GLU A 1 52  ? -17.430 -5.794  3.676   1.00 57.22  ? 2395 GLU A CD  1 
ATOM   383  O OE1 . GLU A 1 52  ? -16.374 -6.352  4.038   1.00 58.27  ? 2395 GLU A OE1 1 
ATOM   384  O OE2 . GLU A 1 52  ? -18.460 -5.768  4.379   1.00 62.02  ? 2395 GLU A OE2 1 
ATOM   385  N N   . GLY A 1 53  ? -14.842 -6.134  -1.135  1.00 45.79  ? 2396 GLY A N   1 
ATOM   386  C CA  . GLY A 1 53  ? -13.997 -6.974  -1.965  1.00 43.06  ? 2396 GLY A CA  1 
ATOM   387  C C   . GLY A 1 53  ? -14.022 -6.679  -3.449  1.00 41.61  ? 2396 GLY A C   1 
ATOM   388  O O   . GLY A 1 53  ? -13.233 -7.237  -4.206  1.00 38.67  ? 2396 GLY A O   1 
ATOM   389  N N   . ALA A 1 54  ? -14.923 -5.798  -3.868  1.00 41.65  ? 2397 ALA A N   1 
ATOM   390  C CA  . ALA A 1 54  ? -15.046 -5.445  -5.280  1.00 41.73  ? 2397 ALA A CA  1 
ATOM   391  C C   . ALA A 1 54  ? -13.848 -4.655  -5.777  1.00 40.90  ? 2397 ALA A C   1 
ATOM   392  O O   . ALA A 1 54  ? -13.541 -3.584  -5.258  1.00 44.06  ? 2397 ALA A O   1 
ATOM   393  C CB  . ALA A 1 54  ? -16.321 -4.650  -5.508  1.00 43.55  ? 2397 ALA A CB  1 
ATOM   394  N N   . LEU A 1 55  ? -13.170 -5.199  -6.781  1.00 39.05  ? 2398 LEU A N   1 
ATOM   395  C CA  . LEU A 1 55  ? -12.007 -4.558  -7.369  1.00 37.76  ? 2398 LEU A CA  1 
ATOM   396  C C   . LEU A 1 55  ? -12.500 -3.508  -8.367  1.00 36.99  ? 2398 LEU A C   1 
ATOM   397  O O   . LEU A 1 55  ? -13.577 -3.642  -8.926  1.00 40.19  ? 2398 LEU A O   1 
ATOM   398  C CB  . LEU A 1 55  ? -11.139 -5.601  -8.079  1.00 36.88  ? 2398 LEU A CB  1 
ATOM   399  C CG  . LEU A 1 55  ? -9.656  -5.245  -8.200  1.00 39.23  ? 2398 LEU A CG  1 
ATOM   400  C CD1 . LEU A 1 55  ? -9.061  -5.199  -6.810  1.00 43.80  ? 2398 LEU A CD1 1 
ATOM   401  C CD2 . LEU A 1 55  ? -8.924  -6.257  -9.049  1.00 34.60  ? 2398 LEU A CD2 1 
ATOM   402  N N   . CYS A 1 56  ? -11.727 -2.453  -8.576  1.00 36.53  ? 2399 CYS A N   1 
ATOM   403  C CA  . CYS A 1 56  ? -12.133 -1.409  -9.509  1.00 35.77  ? 2399 CYS A CA  1 
ATOM   404  C C   . CYS A 1 56  ? -11.107 -0.289  -9.519  1.00 34.58  ? 2399 CYS A C   1 
ATOM   405  O O   . CYS A 1 56  ? -9.965  -0.472  -9.120  1.00 34.34  ? 2399 CYS A O   1 
ATOM   406  C CB  . CYS A 1 56  ? -13.497 -0.834  -9.108  1.00 33.41  ? 2399 CYS A CB  1 
ATOM   407  S SG  . CYS A 1 56  ? -13.474 0.163   -7.592  1.00 41.20  ? 2399 CYS A SG  1 
ATOM   408  N N   . VAL A 1 57  ? -11.522 0.871   -9.998  1.00 34.15  ? 2400 VAL A N   1 
ATOM   409  C CA  . VAL A 1 57  ? -10.648 2.026   -10.024 1.00 33.90  ? 2400 VAL A CA  1 
ATOM   410  C C   . VAL A 1 57  ? -11.348 3.164   -9.278  1.00 33.47  ? 2400 VAL A C   1 
ATOM   411  O O   . VAL A 1 57  ? -12.435 3.599   -9.661  1.00 35.51  ? 2400 VAL A O   1 
ATOM   412  C CB  . VAL A 1 57  ? -10.295 2.416   -11.485 1.00 32.87  ? 2400 VAL A CB  1 
ATOM   413  C CG1 . VAL A 1 57  ? -9.770  3.836   -11.556 1.00 30.00  ? 2400 VAL A CG1 1 
ATOM   414  C CG2 . VAL A 1 57  ? -9.225  1.465   -12.010 1.00 32.74  ? 2400 VAL A CG2 1 
ATOM   415  N N   . ALA A 1 58  ? -10.732 3.603   -8.181  1.00 33.00  ? 2401 ALA A N   1 
ATOM   416  C CA  . ALA A 1 58  ? -11.274 4.681   -7.363  1.00 32.58  ? 2401 ALA A CA  1 
ATOM   417  C C   . ALA A 1 58  ? -10.405 5.920   -7.466  1.00 33.53  ? 2401 ALA A C   1 
ATOM   418  O O   . ALA A 1 58  ? -9.239  5.850   -7.855  1.00 33.06  ? 2401 ALA A O   1 
ATOM   419  C CB  . ALA A 1 58  ? -11.369 4.250   -5.924  1.00 30.00  ? 2401 ALA A CB  1 
ATOM   420  N N   . GLN A 1 59  ? -10.984 7.058   -7.109  1.00 34.58  ? 2402 GLN A N   1 
ATOM   421  C CA  . GLN A 1 59  ? -10.267 8.315   -7.168  1.00 36.73  ? 2402 GLN A CA  1 
ATOM   422  C C   . GLN A 1 59  ? -9.671  8.670   -5.814  1.00 38.50  ? 2402 GLN A C   1 
ATOM   423  O O   . GLN A 1 59  ? -10.367 8.679   -4.803  1.00 38.08  ? 2402 GLN A O   1 
ATOM   424  C CB  . GLN A 1 59  ? -11.198 9.432   -7.632  1.00 35.83  ? 2402 GLN A CB  1 
ATOM   425  C CG  . GLN A 1 59  ? -10.500 10.772  -7.811  1.00 43.12  ? 2402 GLN A CG  1 
ATOM   426  C CD  . GLN A 1 59  ? -11.410 11.828  -8.405  1.00 45.19  ? 2402 GLN A CD  1 
ATOM   427  O OE1 . GLN A 1 59  ? -12.544 12.015  -7.959  1.00 48.20  ? 2402 GLN A OE1 1 
ATOM   428  N NE2 . GLN A 1 59  ? -10.914 12.529  -9.412  1.00 40.86  ? 2402 GLN A NE2 1 
ATOM   429  N N   . PHE A 1 60  ? -8.371  8.946   -5.807  1.00 39.79  ? 2403 PHE A N   1 
ATOM   430  C CA  . PHE A 1 60  ? -7.676  9.323   -4.591  1.00 40.45  ? 2403 PHE A CA  1 
ATOM   431  C C   . PHE A 1 60  ? -7.984  10.788  -4.334  1.00 42.38  ? 2403 PHE A C   1 
ATOM   432  O O   . PHE A 1 60  ? -7.533  11.660  -5.068  1.00 42.88  ? 2403 PHE A O   1 
ATOM   433  C CB  . PHE A 1 60  ? -6.171  9.134   -4.767  1.00 39.53  ? 2403 PHE A CB  1 
ATOM   434  C CG  . PHE A 1 60  ? -5.369  9.389   -3.523  1.00 36.28  ? 2403 PHE A CG  1 
ATOM   435  C CD1 . PHE A 1 60  ? -5.927  9.211   -2.265  1.00 34.96  ? 2403 PHE A CD1 1 
ATOM   436  C CD2 . PHE A 1 60  ? -4.015  9.695   -3.613  1.00 35.18  ? 2403 PHE A CD2 1 
ATOM   437  C CE1 . PHE A 1 60  ? -5.148  9.323   -1.123  1.00 31.17  ? 2403 PHE A CE1 1 
ATOM   438  C CE2 . PHE A 1 60  ? -3.226  9.807   -2.470  1.00 30.00  ? 2403 PHE A CE2 1 
ATOM   439  C CZ  . PHE A 1 60  ? -3.795  9.618   -1.227  1.00 30.00  ? 2403 PHE A CZ  1 
ATOM   440  N N   . PRO A 1 61  ? -8.770  11.073  -3.286  1.00 44.26  ? 2404 PRO A N   1 
ATOM   441  C CA  . PRO A 1 61  ? -9.154  12.436  -2.911  1.00 44.13  ? 2404 PRO A CA  1 
ATOM   442  C C   . PRO A 1 61  ? -8.001  13.443  -2.907  1.00 45.99  ? 2404 PRO A C   1 
ATOM   443  O O   . PRO A 1 61  ? -8.184  14.604  -3.263  1.00 42.87  ? 2404 PRO A O   1 
ATOM   444  C CB  . PRO A 1 61  ? -9.755  12.241  -1.527  1.00 43.68  ? 2404 PRO A CB  1 
ATOM   445  C CG  . PRO A 1 61  ? -10.406 10.900  -1.658  1.00 42.70  ? 2404 PRO A CG  1 
ATOM   446  C CD  . PRO A 1 61  ? -9.338  10.097  -2.339  1.00 42.50  ? 2404 PRO A CD  1 
ATOM   447  N N   . GLU A 1 62  ? -6.816  12.991  -2.505  1.00 48.04  ? 2405 GLU A N   1 
ATOM   448  C CA  . GLU A 1 62  ? -5.639  13.857  -2.438  1.00 50.28  ? 2405 GLU A CA  1 
ATOM   449  C C   . GLU A 1 62  ? -5.040  14.185  -3.802  1.00 51.28  ? 2405 GLU A C   1 
ATOM   450  O O   . GLU A 1 62  ? -4.747  15.336  -4.103  1.00 49.49  ? 2405 GLU A O   1 
ATOM   451  C CB  . GLU A 1 62  ? -4.557  13.204  -1.580  1.00 49.66  ? 2405 GLU A CB  1 
ATOM   452  C CG  . GLU A 1 62  ? -3.300  14.042  -1.486  1.00 55.39  ? 2405 GLU A CG  1 
ATOM   453  C CD  . GLU A 1 62  ? -2.134  13.295  -0.887  1.00 57.62  ? 2405 GLU A CD  1 
ATOM   454  O OE1 . GLU A 1 62  ? -2.294  12.742  0.225   1.00 60.23  ? 2405 GLU A OE1 1 
ATOM   455  O OE2 . GLU A 1 62  ? -1.060  13.269  -1.530  1.00 56.81  ? 2405 GLU A OE2 1 
ATOM   456  N N   . ASP A 1 63  ? -4.850  13.146  -4.608  1.00 52.92  ? 2406 ASP A N   1 
ATOM   457  C CA  . ASP A 1 63  ? -4.273  13.255  -5.941  1.00 53.27  ? 2406 ASP A CA  1 
ATOM   458  C C   . ASP A 1 63  ? -5.301  13.709  -6.964  1.00 51.83  ? 2406 ASP A C   1 
ATOM   459  O O   . ASP A 1 63  ? -5.007  14.532  -7.828  1.00 49.49  ? 2406 ASP A O   1 
ATOM   460  C CB  . ASP A 1 63  ? -3.719  11.886  -6.366  1.00 55.28  ? 2406 ASP A CB  1 
ATOM   461  C CG  . ASP A 1 63  ? -2.216  11.896  -6.554  1.00 61.24  ? 2406 ASP A CG  1 
ATOM   462  O OD1 . ASP A 1 63  ? -1.748  12.520  -7.525  1.00 70.06  ? 2406 ASP A OD1 1 
ATOM   463  O OD2 . ASP A 1 63  ? -1.499  11.287  -5.732  1.00 66.32  ? 2406 ASP A OD2 1 
ATOM   464  N N   . GLU A 1 64  ? -6.503  13.146  -6.850  1.00 50.48  ? 2407 GLU A N   1 
ATOM   465  C CA  . GLU A 1 64  ? -7.618  13.404  -7.756  1.00 49.21  ? 2407 GLU A CA  1 
ATOM   466  C C   . GLU A 1 64  ? -7.499  12.360  -8.873  1.00 46.26  ? 2407 GLU A C   1 
ATOM   467  O O   . GLU A 1 64  ? -8.389  12.195  -9.702  1.00 46.60  ? 2407 GLU A O   1 
ATOM   468  C CB  . GLU A 1 64  ? -7.535  14.820  -8.332  1.00 54.08  ? 2407 GLU A CB  1 
ATOM   469  C CG  . GLU A 1 64  ? -8.865  15.537  -8.440  1.00 65.13  ? 2407 GLU A CG  1 
ATOM   470  C CD  . GLU A 1 64  ? -9.518  15.758  -7.086  1.00 74.25  ? 2407 GLU A CD  1 
ATOM   471  O OE1 . GLU A 1 64  ? -10.602 16.380  -7.036  1.00 81.47  ? 2407 GLU A OE1 1 
ATOM   472  O OE2 . GLU A 1 64  ? -8.948  15.311  -6.069  1.00 78.67  ? 2407 GLU A OE2 1 
ATOM   473  N N   . VAL A 1 65  ? -6.375  11.649  -8.860  1.00 43.15  ? 2408 VAL A N   1 
ATOM   474  C CA  . VAL A 1 65  ? -6.071  10.608  -9.831  1.00 39.80  ? 2408 VAL A CA  1 
ATOM   475  C C   . VAL A 1 65  ? -6.750  9.291   -9.451  1.00 39.78  ? 2408 VAL A C   1 
ATOM   476  O O   . VAL A 1 65  ? -6.959  9.005   -8.273  1.00 40.04  ? 2408 VAL A O   1 
ATOM   477  C CB  . VAL A 1 65  ? -4.544  10.375  -9.909  1.00 37.35  ? 2408 VAL A CB  1 
ATOM   478  C CG1 . VAL A 1 65  ? -4.226  9.249   -10.885 1.00 30.00  ? 2408 VAL A CG1 1 
ATOM   479  C CG2 . VAL A 1 65  ? -3.841  11.668  -10.316 1.00 30.00  ? 2408 VAL A CG2 1 
ATOM   480  N N   . PHE A 1 66  ? -7.104  8.494   -10.453 1.00 38.80  ? 2409 PHE A N   1 
ATOM   481  C CA  . PHE A 1 66  ? -7.733  7.213   -10.193 1.00 37.39  ? 2409 PHE A CA  1 
ATOM   482  C C   . PHE A 1 66  ? -6.664  6.128   -10.080 1.00 37.14  ? 2409 PHE A C   1 
ATOM   483  O O   . PHE A 1 66  ? -5.640  6.173   -10.768 1.00 37.04  ? 2409 PHE A O   1 
ATOM   484  C CB  . PHE A 1 66  ? -8.728  6.873   -11.298 1.00 36.02  ? 2409 PHE A CB  1 
ATOM   485  C CG  . PHE A 1 66  ? -10.030 7.620   -11.195 1.00 39.01  ? 2409 PHE A CG  1 
ATOM   486  C CD1 . PHE A 1 66  ? -10.122 8.954   -11.584 1.00 36.99  ? 2409 PHE A CD1 1 
ATOM   487  C CD2 . PHE A 1 66  ? -11.168 6.991   -10.673 1.00 38.64  ? 2409 PHE A CD2 1 
ATOM   488  C CE1 . PHE A 1 66  ? -11.329 9.653   -11.453 1.00 32.73  ? 2409 PHE A CE1 1 
ATOM   489  C CE2 . PHE A 1 66  ? -12.380 7.683   -10.537 1.00 30.93  ? 2409 PHE A CE2 1 
ATOM   490  C CZ  . PHE A 1 66  ? -12.458 9.015   -10.926 1.00 30.00  ? 2409 PHE A CZ  1 
ATOM   491  N N   . TYR A 1 67  ? -6.906  5.157   -9.201  1.00 36.14  ? 2410 TYR A N   1 
ATOM   492  C CA  . TYR A 1 67  ? -5.966  4.065   -8.966  1.00 33.20  ? 2410 TYR A CA  1 
ATOM   493  C C   . TYR A 1 67  ? -6.693  2.748   -8.736  1.00 32.06  ? 2410 TYR A C   1 
ATOM   494  O O   . TYR A 1 67  ? -7.882  2.738   -8.439  1.00 30.00  ? 2410 TYR A O   1 
ATOM   495  C CB  . TYR A 1 67  ? -5.126  4.365   -7.727  1.00 31.97  ? 2410 TYR A CB  1 
ATOM   496  C CG  . TYR A 1 67  ? -4.302  5.621   -7.813  1.00 31.35  ? 2410 TYR A CG  1 
ATOM   497  C CD1 . TYR A 1 67  ? -3.083  5.623   -8.476  1.00 31.52  ? 2410 TYR A CD1 1 
ATOM   498  C CD2 . TYR A 1 67  ? -4.729  6.805   -7.208  1.00 32.47  ? 2410 TYR A CD2 1 
ATOM   499  C CE1 . TYR A 1 67  ? -2.309  6.769   -8.542  1.00 31.35  ? 2410 TYR A CE1 1 
ATOM   500  C CE2 . TYR A 1 67  ? -3.963  7.961   -7.276  1.00 30.18  ? 2410 TYR A CE2 1 
ATOM   501  C CZ  . TYR A 1 67  ? -2.750  7.928   -7.941  1.00 30.00  ? 2410 TYR A CZ  1 
ATOM   502  O OH  . TYR A 1 67  ? -1.977  9.054   -8.028  1.00 30.00  ? 2410 TYR A OH  1 
ATOM   503  N N   . ARG A 1 68  ? -5.974  1.638   -8.869  1.00 32.56  ? 2411 ARG A N   1 
ATOM   504  C CA  . ARG A 1 68  ? -6.575  0.334   -8.618  1.00 35.39  ? 2411 ARG A CA  1 
ATOM   505  C C   . ARG A 1 68  ? -7.001  0.287   -7.147  1.00 36.77  ? 2411 ARG A C   1 
ATOM   506  O O   . ARG A 1 68  ? -6.217  0.594   -6.245  1.00 39.46  ? 2411 ARG A O   1 
ATOM   507  C CB  . ARG A 1 68  ? -5.581  -0.792  -8.909  1.00 36.14  ? 2411 ARG A CB  1 
ATOM   508  C CG  . ARG A 1 68  ? -5.227  -0.940  -10.369 1.00 38.55  ? 2411 ARG A CG  1 
ATOM   509  C CD  . ARG A 1 68  ? -4.825  -2.368  -10.686 1.00 40.72  ? 2411 ARG A CD  1 
ATOM   510  N NE  . ARG A 1 68  ? -3.523  -2.725  -10.136 1.00 45.84  ? 2411 ARG A NE  1 
ATOM   511  C CZ  . ARG A 1 68  ? -2.994  -3.942  -10.215 1.00 46.58  ? 2411 ARG A CZ  1 
ATOM   512  N NH1 . ARG A 1 68  ? -3.666  -4.911  -10.816 1.00 42.12  ? 2411 ARG A NH1 1 
ATOM   513  N NH2 . ARG A 1 68  ? -1.791  -4.189  -9.707  1.00 43.52  ? 2411 ARG A NH2 1 
ATOM   514  N N   . ALA A 1 69  ? -8.243  -0.098  -6.902  1.00 37.32  ? 2412 ALA A N   1 
ATOM   515  C CA  . ALA A 1 69  ? -8.741  -0.145  -5.547  1.00 38.19  ? 2412 ALA A CA  1 
ATOM   516  C C   . ALA A 1 69  ? -9.671  -1.307  -5.280  1.00 40.33  ? 2412 ALA A C   1 
ATOM   517  O O   . ALA A 1 69  ? -10.245 -1.903  -6.196  1.00 39.01  ? 2412 ALA A O   1 
ATOM   518  C CB  . ALA A 1 69  ? -9.454  1.151   -5.224  1.00 39.16  ? 2412 ALA A CB  1 
ATOM   519  N N   . GLN A 1 70  ? -9.820  -1.608  -3.998  1.00 42.29  ? 2413 GLN A N   1 
ATOM   520  C CA  . GLN A 1 70  ? -10.691 -2.673  -3.546  1.00 44.56  ? 2413 GLN A CA  1 
ATOM   521  C C   . GLN A 1 70  ? -11.633 -2.083  -2.502  1.00 43.88  ? 2413 GLN A C   1 
ATOM   522  O O   . GLN A 1 70  ? -11.185 -1.466  -1.540  1.00 44.27  ? 2413 GLN A O   1 
ATOM   523  C CB  . GLN A 1 70  ? -9.864  -3.802  -2.931  1.00 46.59  ? 2413 GLN A CB  1 
ATOM   524  C CG  . GLN A 1 70  ? -10.712 -4.950  -2.407  1.00 59.48  ? 2413 GLN A CG  1 
ATOM   525  C CD  . GLN A 1 70  ? -9.885  -6.120  -1.920  1.00 63.35  ? 2413 GLN A CD  1 
ATOM   526  O OE1 . GLN A 1 70  ? -9.019  -5.969  -1.053  1.00 65.34  ? 2413 GLN A OE1 1 
ATOM   527  N NE2 . GLN A 1 70  ? -10.151 -7.301  -2.474  1.00 62.13  ? 2413 GLN A NE2 1 
ATOM   528  N N   . ILE A 1 71  ? -12.936 -2.254  -2.704  1.00 42.50  ? 2414 ILE A N   1 
ATOM   529  C CA  . ILE A 1 71  ? -13.920 -1.735  -1.759  1.00 40.75  ? 2414 ILE A CA  1 
ATOM   530  C C   . ILE A 1 71  ? -13.774 -2.465  -0.423  1.00 41.89  ? 2414 ILE A C   1 
ATOM   531  O O   . ILE A 1 71  ? -13.915 -3.688  -0.354  1.00 41.16  ? 2414 ILE A O   1 
ATOM   532  C CB  . ILE A 1 71  ? -15.372 -1.952  -2.258  1.00 38.40  ? 2414 ILE A CB  1 
ATOM   533  C CG1 . ILE A 1 71  ? -15.516 -1.492  -3.712  1.00 34.30  ? 2414 ILE A CG1 1 
ATOM   534  C CG2 . ILE A 1 71  ? -16.348 -1.210  -1.348  1.00 32.79  ? 2414 ILE A CG2 1 
ATOM   535  C CD1 . ILE A 1 71  ? -15.689 -0.010  -3.901  1.00 30.00  ? 2414 ILE A CD1 1 
ATOM   536  N N   . ARG A 1 72  ? -13.490 -1.722  0.639   1.00 43.10  ? 2415 ARG A N   1 
ATOM   537  C CA  . ARG A 1 72  ? -13.346 -2.347  1.944   1.00 44.63  ? 2415 ARG A CA  1 
ATOM   538  C C   . ARG A 1 72  ? -14.612 -2.216  2.774   1.00 45.08  ? 2415 ARG A C   1 
ATOM   539  O O   . ARG A 1 72  ? -14.962 -3.117  3.537   1.00 45.70  ? 2415 ARG A O   1 
ATOM   540  C CB  . ARG A 1 72  ? -12.162 -1.742  2.701   1.00 45.04  ? 2415 ARG A CB  1 
ATOM   541  C CG  . ARG A 1 72  ? -10.818 -2.195  2.173   1.00 51.69  ? 2415 ARG A CG  1 
ATOM   542  C CD  . ARG A 1 72  ? -10.734 -3.713  2.167   1.00 58.47  ? 2415 ARG A CD  1 
ATOM   543  N NE  . ARG A 1 72  ? -9.535  -4.220  1.501   1.00 65.53  ? 2415 ARG A NE  1 
ATOM   544  C CZ  . ARG A 1 72  ? -8.290  -3.990  1.911   1.00 68.82  ? 2415 ARG A CZ  1 
ATOM   545  N NH1 . ARG A 1 72  ? -8.063  -3.252  2.989   1.00 68.12  ? 2415 ARG A NH1 1 
ATOM   546  N NH2 . ARG A 1 72  ? -7.269  -4.512  1.244   1.00 72.61  ? 2415 ARG A NH2 1 
ATOM   547  N N   . LYS A 1 73  ? -15.307 -1.094  2.612   1.00 45.95  ? 2416 LYS A N   1 
ATOM   548  C CA  . LYS A 1 73  ? -16.525 -0.847  3.370   1.00 45.88  ? 2416 LYS A CA  1 
ATOM   549  C C   . LYS A 1 73  ? -17.424 0.125   2.632   1.00 45.35  ? 2416 LYS A C   1 
ATOM   550  O O   . LYS A 1 73  ? -16.990 1.191   2.209   1.00 44.44  ? 2416 LYS A O   1 
ATOM   551  C CB  . LYS A 1 73  ? -16.163 -0.286  4.749   1.00 49.05  ? 2416 LYS A CB  1 
ATOM   552  C CG  . LYS A 1 73  ? -17.288 -0.286  5.761   1.00 54.31  ? 2416 LYS A CG  1 
ATOM   553  C CD  . LYS A 1 73  ? -16.724 -0.094  7.163   1.00 62.61  ? 2416 LYS A CD  1 
ATOM   554  C CE  . LYS A 1 73  ? -17.791 -0.271  8.234   1.00 66.81  ? 2416 LYS A CE  1 
ATOM   555  N NZ  . LYS A 1 73  ? -17.220 -0.148  9.603   1.00 65.78  ? 2416 LYS A NZ  1 
ATOM   556  N N   . VAL A 1 74  ? -18.681 -0.258  2.464   1.00 46.39  ? 2417 VAL A N   1 
ATOM   557  C CA  . VAL A 1 74  ? -19.641 0.592   1.778   1.00 46.53  ? 2417 VAL A CA  1 
ATOM   558  C C   . VAL A 1 74  ? -20.329 1.480   2.801   1.00 48.58  ? 2417 VAL A C   1 
ATOM   559  O O   . VAL A 1 74  ? -20.984 1.000   3.725   1.00 50.30  ? 2417 VAL A O   1 
ATOM   560  C CB  . VAL A 1 74  ? -20.701 -0.239  1.032   1.00 42.23  ? 2417 VAL A CB  1 
ATOM   561  C CG1 . VAL A 1 74  ? -21.695 0.690   0.345   1.00 36.72  ? 2417 VAL A CG1 1 
ATOM   562  C CG2 . VAL A 1 74  ? -20.023 -1.154  0.021   1.00 31.72  ? 2417 VAL A CG2 1 
ATOM   563  N N   . LEU A 1 75  ? -20.165 2.782   2.629   1.00 50.37  ? 2418 LEU A N   1 
ATOM   564  C CA  . LEU A 1 75  ? -20.748 3.745   3.534   1.00 52.86  ? 2418 LEU A CA  1 
ATOM   565  C C   . LEU A 1 75  ? -22.033 4.280   2.926   1.00 56.74  ? 2418 LEU A C   1 
ATOM   566  O O   . LEU A 1 75  ? -22.675 3.599   2.125   1.00 57.91  ? 2418 LEU A O   1 
ATOM   567  C CB  . LEU A 1 75  ? -19.750 4.875   3.765   1.00 49.91  ? 2418 LEU A CB  1 
ATOM   568  C CG  . LEU A 1 75  ? -18.351 4.411   4.180   1.00 41.26  ? 2418 LEU A CG  1 
ATOM   569  C CD1 . LEU A 1 75  ? -17.388 5.589   4.175   1.00 41.24  ? 2418 LEU A CD1 1 
ATOM   570  C CD2 . LEU A 1 75  ? -18.418 3.776   5.556   1.00 31.41  ? 2418 LEU A CD2 1 
ATOM   571  N N   . ASP A 1 76  ? -22.399 5.505   3.292   1.00 61.07  ? 2419 ASP A N   1 
ATOM   572  C CA  . ASP A 1 76  ? -23.624 6.117   2.788   1.00 66.23  ? 2419 ASP A CA  1 
ATOM   573  C C   . ASP A 1 76  ? -23.355 7.163   1.719   1.00 68.77  ? 2419 ASP A C   1 
ATOM   574  O O   . ASP A 1 76  ? -22.278 7.763   1.675   1.00 68.20  ? 2419 ASP A O   1 
ATOM   575  C CB  . ASP A 1 76  ? -24.394 6.763   3.936   1.00 70.32  ? 2419 ASP A CB  1 
ATOM   576  C CG  . ASP A 1 76  ? -24.352 5.934   5.203   1.00 73.55  ? 2419 ASP A CG  1 
ATOM   577  O OD1 . ASP A 1 76  ? -23.247 5.794   5.781   1.00 74.40  ? 2419 ASP A OD1 1 
ATOM   578  O OD2 . ASP A 1 76  ? -25.417 5.419   5.612   1.00 72.82  ? 2419 ASP A OD2 1 
ATOM   579  N N   . ASP A 1 77  ? -24.358 7.381   0.872   1.00 70.80  ? 2420 ASP A N   1 
ATOM   580  C CA  . ASP A 1 77  ? -24.288 8.344   -0.225  1.00 72.02  ? 2420 ASP A CA  1 
ATOM   581  C C   . ASP A 1 77  ? -23.235 7.972   -1.262  1.00 70.21  ? 2420 ASP A C   1 
ATOM   582  O O   . ASP A 1 77  ? -22.466 8.821   -1.706  1.00 70.58  ? 2420 ASP A O   1 
ATOM   583  C CB  . ASP A 1 77  ? -24.013 9.754   0.312   1.00 78.92  ? 2420 ASP A CB  1 
ATOM   584  C CG  . ASP A 1 77  ? -25.178 10.311  1.112   1.00 85.99  ? 2420 ASP A CG  1 
ATOM   585  O OD1 . ASP A 1 77  ? -26.285 10.443  0.544   1.00 91.49  ? 2420 ASP A OD1 1 
ATOM   586  O OD2 . ASP A 1 77  ? -24.988 10.616  2.310   1.00 92.82  ? 2420 ASP A OD2 1 
ATOM   587  N N   . GLY A 1 78  ? -23.207 6.697   -1.638  1.00 67.97  ? 2421 GLY A N   1 
ATOM   588  C CA  . GLY A 1 78  ? -22.256 6.234   -2.634  1.00 64.35  ? 2421 GLY A CA  1 
ATOM   589  C C   . GLY A 1 78  ? -20.795 6.428   -2.280  1.00 61.61  ? 2421 GLY A C   1 
ATOM   590  O O   . GLY A 1 78  ? -19.927 6.364   -3.150  1.00 60.49  ? 2421 GLY A O   1 
ATOM   591  N N   . LYS A 1 79  ? -20.520 6.677   -1.006  1.00 59.15  ? 2422 LYS A N   1 
ATOM   592  C CA  . LYS A 1 79  ? -19.148 6.861   -0.554  1.00 55.92  ? 2422 LYS A CA  1 
ATOM   593  C C   . LYS A 1 79  ? -18.676 5.548   0.033   1.00 52.25  ? 2422 LYS A C   1 
ATOM   594  O O   . LYS A 1 79  ? -19.388 4.922   0.809   1.00 52.63  ? 2422 LYS A O   1 
ATOM   595  C CB  . LYS A 1 79  ? -19.060 7.955   0.515   1.00 56.34  ? 2422 LYS A CB  1 
ATOM   596  C CG  . LYS A 1 79  ? -19.596 9.297   0.068   1.00 59.05  ? 2422 LYS A CG  1 
ATOM   597  C CD  . LYS A 1 79  ? -18.782 10.458  0.636   1.00 62.13  ? 2422 LYS A CD  1 
ATOM   598  C CE  . LYS A 1 79  ? -18.896 10.560  2.150   1.00 65.44  ? 2422 LYS A CE  1 
ATOM   599  N NZ  . LYS A 1 79  ? -18.053 11.661  2.705   1.00 62.16  ? 2422 LYS A NZ  1 
ATOM   600  N N   . CYS A 1 80  ? -17.481 5.122   -0.351  1.00 48.50  ? 2423 CYS A N   1 
ATOM   601  C CA  . CYS A 1 80  ? -16.934 3.879   0.163   1.00 46.31  ? 2423 CYS A CA  1 
ATOM   602  C C   . CYS A 1 80  ? -15.512 4.081   0.643   1.00 44.46  ? 2423 CYS A C   1 
ATOM   603  O O   . CYS A 1 80  ? -14.822 5.005   0.212   1.00 44.53  ? 2423 CYS A O   1 
ATOM   604  C CB  . CYS A 1 80  ? -16.915 2.791   -0.922  1.00 46.83  ? 2423 CYS A CB  1 
ATOM   605  S SG  . CYS A 1 80  ? -18.512 2.121   -1.440  1.00 52.30  ? 2423 CYS A SG  1 
ATOM   606  N N   . GLU A 1 81  ? -15.084 3.219   1.555   1.00 42.47  ? 2424 GLU A N   1 
ATOM   607  C CA  . GLU A 1 81  ? -13.714 3.260   2.018   1.00 40.43  ? 2424 GLU A CA  1 
ATOM   608  C C   . GLU A 1 81  ? -13.043 2.254   1.089   1.00 38.36  ? 2424 GLU A C   1 
ATOM   609  O O   . GLU A 1 81  ? -13.494 1.104   0.966   1.00 39.06  ? 2424 GLU A O   1 
ATOM   610  C CB  . GLU A 1 81  ? -13.592 2.796   3.466   1.00 41.39  ? 2424 GLU A CB  1 
ATOM   611  C CG  . GLU A 1 81  ? -12.189 3.024   4.011   1.00 53.01  ? 2424 GLU A CG  1 
ATOM   612  C CD  . GLU A 1 81  ? -12.040 2.634   5.466   1.00 61.80  ? 2424 GLU A CD  1 
ATOM   613  O OE1 . GLU A 1 81  ? -12.919 3.002   6.281   1.00 66.48  ? 2424 GLU A OE1 1 
ATOM   614  O OE2 . GLU A 1 81  ? -11.033 1.969   5.793   1.00 63.05  ? 2424 GLU A OE2 1 
ATOM   615  N N   . VAL A 1 82  ? -11.995 2.682   0.403   1.00 35.39  ? 2425 VAL A N   1 
ATOM   616  C CA  . VAL A 1 82  ? -11.330 1.783   -0.515  1.00 33.29  ? 2425 VAL A CA  1 
ATOM   617  C C   . VAL A 1 82  ? -9.866  1.626   -0.171  1.00 32.34  ? 2425 VAL A C   1 
ATOM   618  O O   . VAL A 1 82  ? -9.255  2.505   0.436   1.00 33.27  ? 2425 VAL A O   1 
ATOM   619  C CB  . VAL A 1 82  ? -11.462 2.271   -1.997  1.00 35.13  ? 2425 VAL A CB  1 
ATOM   620  C CG1 . VAL A 1 82  ? -12.926 2.595   -2.328  1.00 30.00  ? 2425 VAL A CG1 1 
ATOM   621  C CG2 . VAL A 1 82  ? -10.568 3.481   -2.240  1.00 37.99  ? 2425 VAL A CG2 1 
ATOM   622  N N   . HIS A 1 83  ? -9.305  0.495   -0.568  1.00 33.05  ? 2426 HIS A N   1 
ATOM   623  C CA  . HIS A 1 83  ? -7.903  0.220   -0.318  1.00 32.83  ? 2426 HIS A CA  1 
ATOM   624  C C   . HIS A 1 83  ? -7.116  0.201   -1.636  1.00 31.75  ? 2426 HIS A C   1 
ATOM   625  O O   . HIS A 1 83  ? -7.358  -0.617  -2.509  1.00 32.58  ? 2426 HIS A O   1 
ATOM   626  C CB  . HIS A 1 83  ? -7.782  -1.113  0.430   1.00 35.16  ? 2426 HIS A CB  1 
ATOM   627  C CG  . HIS A 1 83  ? -6.374  -1.502  0.755   1.00 36.36  ? 2426 HIS A CG  1 
ATOM   628  N ND1 . HIS A 1 83  ? -5.654  -2.390  -0.016  1.00 37.02  ? 2426 HIS A ND1 1 
ATOM   629  C CD2 . HIS A 1 83  ? -5.547  -1.109  1.747   1.00 37.66  ? 2426 HIS A CD2 1 
ATOM   630  C CE1 . HIS A 1 83  ? -4.440  -2.526  0.491   1.00 37.89  ? 2426 HIS A CE1 1 
ATOM   631  N NE2 . HIS A 1 83  ? -4.352  -1.757  1.562   1.00 41.03  ? 2426 HIS A NE2 1 
ATOM   632  N N   . PHE A 1 84  ? -6.179  1.121   -1.782  1.00 32.14  ? 2427 PHE A N   1 
ATOM   633  C CA  . PHE A 1 84  ? -5.374  1.180   -2.992  1.00 32.77  ? 2427 PHE A CA  1 
ATOM   634  C C   . PHE A 1 84  ? -4.300  0.107   -2.952  1.00 31.21  ? 2427 PHE A C   1 
ATOM   635  O O   . PHE A 1 84  ? -3.247  0.272   -2.345  1.00 32.84  ? 2427 PHE A O   1 
ATOM   636  C CB  . PHE A 1 84  ? -4.759  2.569   -3.133  1.00 35.55  ? 2427 PHE A CB  1 
ATOM   637  C CG  . PHE A 1 84  ? -5.777  3.641   -3.328  1.00 33.68  ? 2427 PHE A CG  1 
ATOM   638  C CD1 . PHE A 1 84  ? -6.550  3.674   -4.491  1.00 34.71  ? 2427 PHE A CD1 1 
ATOM   639  C CD2 . PHE A 1 84  ? -6.015  4.578   -2.332  1.00 30.96  ? 2427 PHE A CD2 1 
ATOM   640  C CE1 . PHE A 1 84  ? -7.548  4.626   -4.653  1.00 31.59  ? 2427 PHE A CE1 1 
ATOM   641  C CE2 . PHE A 1 84  ? -7.013  5.534   -2.482  1.00 34.62  ? 2427 PHE A CE2 1 
ATOM   642  C CZ  . PHE A 1 84  ? -7.783  5.555   -3.648  1.00 35.32  ? 2427 PHE A CZ  1 
ATOM   643  N N   . ILE A 1 85  ? -4.585  -0.989  -3.633  1.00 30.49  ? 2428 ILE A N   1 
ATOM   644  C CA  . ILE A 1 85  ? -3.707  -2.144  -3.674  1.00 30.00  ? 2428 ILE A CA  1 
ATOM   645  C C   . ILE A 1 85  ? -2.261  -1.926  -4.079  1.00 30.00  ? 2428 ILE A C   1 
ATOM   646  O O   . ILE A 1 85  ? -1.389  -2.670  -3.653  1.00 30.00  ? 2428 ILE A O   1 
ATOM   647  C CB  . ILE A 1 85  ? -4.316  -3.229  -4.575  1.00 32.07  ? 2428 ILE A CB  1 
ATOM   648  C CG1 . ILE A 1 85  ? -4.383  -2.735  -6.025  1.00 33.46  ? 2428 ILE A CG1 1 
ATOM   649  C CG2 . ILE A 1 85  ? -5.708  -3.582  -4.064  1.00 30.00  ? 2428 ILE A CG2 1 
ATOM   650  C CD1 . ILE A 1 85  ? -5.014  -3.717  -6.974  1.00 30.00  ? 2428 ILE A CD1 1 
ATOM   651  N N   . ASP A 1 86  ? -1.997  -0.917  -4.898  1.00 30.00  ? 2429 ASP A N   1 
ATOM   652  C CA  . ASP A 1 86  ? -0.632  -0.670  -5.341  1.00 30.00  ? 2429 ASP A CA  1 
ATOM   653  C C   . ASP A 1 86  ? 0.066   0.342   -4.454  1.00 30.60  ? 2429 ASP A C   1 
ATOM   654  O O   . ASP A 1 86  ? 1.197   0.739   -4.719  1.00 31.86  ? 2429 ASP A O   1 
ATOM   655  C CB  . ASP A 1 86  ? -0.625  -0.201  -6.789  1.00 30.00  ? 2429 ASP A CB  1 
ATOM   656  C CG  . ASP A 1 86  ? -1.274  -1.200  -7.718  1.00 30.00  ? 2429 ASP A CG  1 
ATOM   657  O OD1 . ASP A 1 86  ? -0.842  -2.359  -7.711  1.00 30.39  ? 2429 ASP A OD1 1 
ATOM   658  O OD2 . ASP A 1 86  ? -2.213  -0.834  -8.455  1.00 36.74  ? 2429 ASP A OD2 1 
ATOM   659  N N   . PHE A 1 87  ? -0.619  0.748   -3.392  1.00 30.57  ? 2430 PHE A N   1 
ATOM   660  C CA  . PHE A 1 87  ? -0.062  1.693   -2.441  1.00 30.00  ? 2430 PHE A CA  1 
ATOM   661  C C   . PHE A 1 87  ? -0.212  1.191   -1.011  1.00 30.48  ? 2430 PHE A C   1 
ATOM   662  O O   . PHE A 1 87  ? 0.778   1.047   -0.304  1.00 32.08  ? 2430 PHE A O   1 
ATOM   663  C CB  . PHE A 1 87  ? -0.710  3.057   -2.623  1.00 30.00  ? 2430 PHE A CB  1 
ATOM   664  C CG  . PHE A 1 87  ? -0.415  3.669   -3.954  1.00 30.00  ? 2430 PHE A CG  1 
ATOM   665  C CD1 . PHE A 1 87  ? -1.182  3.346   -5.072  1.00 30.00  ? 2430 PHE A CD1 1 
ATOM   666  C CD2 . PHE A 1 87  ? 0.685   4.501   -4.116  1.00 30.00  ? 2430 PHE A CD2 1 
ATOM   667  C CE1 . PHE A 1 87  ? -0.854  3.834   -6.327  1.00 30.00  ? 2430 PHE A CE1 1 
ATOM   668  C CE2 . PHE A 1 87  ? 1.023   4.997   -5.373  1.00 30.00  ? 2430 PHE A CE2 1 
ATOM   669  C CZ  . PHE A 1 87  ? 0.247   4.658   -6.479  1.00 30.27  ? 2430 PHE A CZ  1 
ATOM   670  N N   . GLY A 1 88  ? -1.436  0.907   -0.586  1.00 30.19  ? 2431 GLY A N   1 
ATOM   671  C CA  . GLY A 1 88  ? -1.632  0.402   0.759   1.00 30.00  ? 2431 GLY A CA  1 
ATOM   672  C C   . GLY A 1 88  ? -2.436  1.290   1.686   1.00 30.17  ? 2431 GLY A C   1 
ATOM   673  O O   . GLY A 1 88  ? -2.790  0.877   2.793   1.00 32.39  ? 2431 GLY A O   1 
ATOM   674  N N   . ASN A 1 89  ? -2.726  2.511   1.256   1.00 30.97  ? 2432 ASN A N   1 
ATOM   675  C CA  . ASN A 1 89  ? -3.494  3.416   2.090   1.00 30.00  ? 2432 ASN A CA  1 
ATOM   676  C C   . ASN A 1 89  ? -4.949  3.322   1.669   1.00 30.00  ? 2432 ASN A C   1 
ATOM   677  O O   . ASN A 1 89  ? -5.246  2.851   0.580   1.00 30.00  ? 2432 ASN A O   1 
ATOM   678  C CB  . ASN A 1 89  ? -2.975  4.852   1.944   1.00 30.68  ? 2432 ASN A CB  1 
ATOM   679  C CG  . ASN A 1 89  ? -3.164  5.417   0.544   1.00 30.00  ? 2432 ASN A CG  1 
ATOM   680  O OD1 . ASN A 1 89  ? -2.523  4.983   -0.404  1.00 30.00  ? 2432 ASN A OD1 1 
ATOM   681  N ND2 . ASN A 1 89  ? -4.050  6.395   0.416   1.00 31.65  ? 2432 ASN A ND2 1 
ATOM   682  N N   . ASN A 1 90  ? -5.849  3.745   2.548   1.00 30.00  ? 2433 ASN A N   1 
ATOM   683  C CA  . ASN A 1 90  ? -7.288  3.709   2.283   1.00 30.00  ? 2433 ASN A CA  1 
ATOM   684  C C   . ASN A 1 90  ? -7.803  5.140   2.198   1.00 30.46  ? 2433 ASN A C   1 
ATOM   685  O O   . ASN A 1 90  ? -7.102  6.094   2.548   1.00 30.00  ? 2433 ASN A O   1 
ATOM   686  C CB  . ASN A 1 90  ? -8.051  3.009   3.420   1.00 30.00  ? 2433 ASN A CB  1 
ATOM   687  C CG  . ASN A 1 90  ? -7.779  1.523   3.502   1.00 30.00  ? 2433 ASN A CG  1 
ATOM   688  O OD1 . ASN A 1 90  ? -6.635  1.082   3.443   1.00 31.62  ? 2433 ASN A OD1 1 
ATOM   689  N ND2 . ASN A 1 90  ? -8.841  0.739   3.666   1.00 30.00  ? 2433 ASN A ND2 1 
ATOM   690  N N   . ALA A 1 91  ? -9.041  5.283   1.746   1.00 31.13  ? 2434 ALA A N   1 
ATOM   691  C CA  . ALA A 1 91  ? -9.649  6.592   1.636   1.00 30.00  ? 2434 ALA A CA  1 
ATOM   692  C C   . ALA A 1 91  ? -11.123 6.424   1.382   1.00 30.00  ? 2434 ALA A C   1 
ATOM   693  O O   . ALA A 1 91  ? -11.598 5.327   1.117   1.00 30.00  ? 2434 ALA A O   1 
ATOM   694  C CB  . ALA A 1 91  ? -9.010  7.372   0.510   1.00 30.00  ? 2434 ALA A CB  1 
ATOM   695  N N   . VAL A 1 92  ? -11.851 7.524   1.484   1.00 32.29  ? 2435 VAL A N   1 
ATOM   696  C CA  . VAL A 1 92  ? -13.283 7.510   1.231   1.00 32.20  ? 2435 VAL A CA  1 
ATOM   697  C C   . VAL A 1 92  ? -13.500 8.344   -0.029  1.00 33.28  ? 2435 VAL A C   1 
ATOM   698  O O   . VAL A 1 92  ? -12.921 9.418   -0.174  1.00 32.21  ? 2435 VAL A O   1 
ATOM   699  C CB  . VAL A 1 92  ? -14.057 8.121   2.407   1.00 30.00  ? 2435 VAL A CB  1 
ATOM   700  C CG1 . VAL A 1 92  ? -15.542 7.857   2.238   1.00 30.00  ? 2435 VAL A CG1 1 
ATOM   701  C CG2 . VAL A 1 92  ? -13.544 7.535   3.721   1.00 30.36  ? 2435 VAL A CG2 1 
ATOM   702  N N   . THR A 1 93  ? -14.308 7.833   -0.951  1.00 35.12  ? 2436 THR A N   1 
ATOM   703  C CA  . THR A 1 93  ? -14.569 8.538   -2.193  1.00 37.62  ? 2436 THR A CA  1 
ATOM   704  C C   . THR A 1 93  ? -15.917 8.123   -2.738  1.00 38.30  ? 2436 THR A C   1 
ATOM   705  O O   . THR A 1 93  ? -16.571 7.259   -2.173  1.00 41.21  ? 2436 THR A O   1 
ATOM   706  C CB  . THR A 1 93  ? -13.451 8.249   -3.251  1.00 38.69  ? 2436 THR A CB  1 
ATOM   707  O OG1 . THR A 1 93  ? -13.800 8.847   -4.507  1.00 41.16  ? 2436 THR A OG1 1 
ATOM   708  C CG2 . THR A 1 93  ? -13.259 6.764   -3.443  1.00 36.99  ? 2436 THR A CG2 1 
ATOM   709  N N   . GLN A 1 94  ? -16.329 8.759   -3.826  1.00 39.92  ? 2437 GLN A N   1 
ATOM   710  C CA  . GLN A 1 94  ? -17.596 8.466   -4.479  1.00 41.47  ? 2437 GLN A CA  1 
ATOM   711  C C   . GLN A 1 94  ? -17.350 8.189   -5.958  1.00 40.93  ? 2437 GLN A C   1 
ATOM   712  O O   . GLN A 1 94  ? -18.265 7.805   -6.688  1.00 40.98  ? 2437 GLN A O   1 
ATOM   713  C CB  . GLN A 1 94  ? -18.545 9.661   -4.373  1.00 45.05  ? 2437 GLN A CB  1 
ATOM   714  C CG  . GLN A 1 94  ? -18.984 10.020  -2.978  1.00 53.75  ? 2437 GLN A CG  1 
ATOM   715  C CD  . GLN A 1 94  ? -20.032 11.119  -2.977  1.00 56.91  ? 2437 GLN A CD  1 
ATOM   716  O OE1 . GLN A 1 94  ? -19.757 12.255  -3.357  1.00 60.06  ? 2437 GLN A OE1 1 
ATOM   717  N NE2 . GLN A 1 94  ? -21.242 10.779  -2.557  1.00 59.77  ? 2437 GLN A NE2 1 
ATOM   718  N N   . GLN A 1 95  ? -16.113 8.390   -6.400  1.00 40.45  ? 2438 GLN A N   1 
ATOM   719  C CA  . GLN A 1 95  ? -15.781 8.188   -7.803  1.00 38.88  ? 2438 GLN A CA  1 
ATOM   720  C C   . GLN A 1 95  ? -15.203 6.816   -8.162  1.00 37.66  ? 2438 GLN A C   1 
ATOM   721  O O   . GLN A 1 95  ? -14.032 6.523   -7.899  1.00 35.33  ? 2438 GLN A O   1 
ATOM   722  C CB  . GLN A 1 95  ? -14.829 9.291   -8.275  1.00 37.02  ? 2438 GLN A CB  1 
ATOM   723  C CG  . GLN A 1 95  ? -15.311 10.690  -7.968  1.00 34.64  ? 2438 GLN A CG  1 
ATOM   724  C CD  . GLN A 1 95  ? -16.808 10.866  -8.177  1.00 33.45  ? 2438 GLN A CD  1 
ATOM   725  O OE1 . GLN A 1 95  ? -17.340 10.572  -9.244  1.00 31.66  ? 2438 GLN A OE1 1 
ATOM   726  N NE2 . GLN A 1 95  ? -17.491 11.356  -7.153  1.00 35.23  ? 2438 GLN A NE2 1 
ATOM   727  N N   . PHE A 1 96  ? -16.041 5.990   -8.786  1.00 36.75  ? 2439 PHE A N   1 
ATOM   728  C CA  . PHE A 1 96  ? -15.636 4.660   -9.208  1.00 35.91  ? 2439 PHE A CA  1 
ATOM   729  C C   . PHE A 1 96  ? -15.800 4.453   -10.719 1.00 35.57  ? 2439 PHE A C   1 
ATOM   730  O O   . PHE A 1 96  ? -16.822 4.803   -11.320 1.00 32.85  ? 2439 PHE A O   1 
ATOM   731  C CB  . PHE A 1 96  ? -16.439 3.595   -8.453  1.00 36.94  ? 2439 PHE A CB  1 
ATOM   732  C CG  . PHE A 1 96  ? -16.579 3.870   -6.989  1.00 44.40  ? 2439 PHE A CG  1 
ATOM   733  C CD1 . PHE A 1 96  ? -17.685 4.556   -6.503  1.00 46.69  ? 2439 PHE A CD1 1 
ATOM   734  C CD2 . PHE A 1 96  ? -15.576 3.500   -6.099  1.00 46.77  ? 2439 PHE A CD2 1 
ATOM   735  C CE1 . PHE A 1 96  ? -17.789 4.870   -5.154  1.00 49.33  ? 2439 PHE A CE1 1 
ATOM   736  C CE2 . PHE A 1 96  ? -15.671 3.810   -4.751  1.00 44.54  ? 2439 PHE A CE2 1 
ATOM   737  C CZ  . PHE A 1 96  ? -16.779 4.498   -4.277  1.00 46.67  ? 2439 PHE A CZ  1 
ATOM   738  N N   . ARG A 1 97  ? -14.768 3.896   -11.332 1.00 36.35  ? 2440 ARG A N   1 
ATOM   739  C CA  . ARG A 1 97  ? -14.806 3.607   -12.752 1.00 36.93  ? 2440 ARG A CA  1 
ATOM   740  C C   . ARG A 1 97  ? -14.279 2.189   -12.891 1.00 37.93  ? 2440 ARG A C   1 
ATOM   741  O O   . ARG A 1 97  ? -13.504 1.726   -12.046 1.00 38.27  ? 2440 ARG A O   1 
ATOM   742  C CB  . ARG A 1 97  ? -13.959 4.618   -13.534 1.00 35.40  ? 2440 ARG A CB  1 
ATOM   743  C CG  . ARG A 1 97  ? -14.504 6.035   -13.419 1.00 30.00  ? 2440 ARG A CG  1 
ATOM   744  C CD  . ARG A 1 97  ? -13.758 7.019   -14.293 1.00 30.00  ? 2440 ARG A CD  1 
ATOM   745  N NE  . ARG A 1 97  ? -13.988 8.398   -13.867 1.00 30.00  ? 2440 ARG A NE  1 
ATOM   746  C CZ  . ARG A 1 97  ? -13.440 9.461   -14.449 1.00 30.00  ? 2440 ARG A CZ  1 
ATOM   747  N NH1 . ARG A 1 97  ? -12.634 9.319   -15.492 1.00 30.00  ? 2440 ARG A NH1 1 
ATOM   748  N NH2 . ARG A 1 97  ? -13.677 10.673  -13.972 1.00 30.00  ? 2440 ARG A NH2 1 
ATOM   749  N N   . GLN A 1 98  ? -14.713 1.499   -13.942 1.00 38.65  ? 2441 GLN A N   1 
ATOM   750  C CA  . GLN A 1 98  ? -14.319 0.111   -14.171 1.00 39.35  ? 2441 GLN A CA  1 
ATOM   751  C C   . GLN A 1 98  ? -12.865 -0.134  -14.516 1.00 38.88  ? 2441 GLN A C   1 
ATOM   752  O O   . GLN A 1 98  ? -12.232 0.659   -15.209 1.00 40.26  ? 2441 GLN A O   1 
ATOM   753  C CB  . GLN A 1 98  ? -15.198 -0.502  -15.252 1.00 45.01  ? 2441 GLN A CB  1 
ATOM   754  C CG  . GLN A 1 98  ? -16.671 -0.377  -14.931 1.00 51.54  ? 2441 GLN A CG  1 
ATOM   755  C CD  . GLN A 1 98  ? -17.541 -1.004  -15.984 1.00 51.22  ? 2441 GLN A CD  1 
ATOM   756  O OE1 . GLN A 1 98  ? -18.762 -0.854  -15.966 1.00 49.64  ? 2441 GLN A OE1 1 
ATOM   757  N NE2 . GLN A 1 98  ? -16.919 -1.719  -16.911 1.00 54.39  ? 2441 GLN A NE2 1 
ATOM   758  N N   . LEU A 1 99  ? -12.346 -1.249  -14.021 1.00 37.70  ? 2442 LEU A N   1 
ATOM   759  C CA  . LEU A 1 99  ? -10.962 -1.634  -14.261 1.00 37.45  ? 2442 LEU A CA  1 
ATOM   760  C C   . LEU A 1 99  ? -10.857 -2.708  -15.345 1.00 37.87  ? 2442 LEU A C   1 
ATOM   761  O O   . LEU A 1 99  ? -11.299 -3.845  -15.164 1.00 39.17  ? 2442 LEU A O   1 
ATOM   762  C CB  . LEU A 1 99  ? -10.332 -2.134  -12.959 1.00 34.15  ? 2442 LEU A CB  1 
ATOM   763  C CG  . LEU A 1 99  ? -8.944  -2.774  -12.993 1.00 30.46  ? 2442 LEU A CG  1 
ATOM   764  C CD1 . LEU A 1 99  ? -7.919  -1.829  -13.600 1.00 30.00  ? 2442 LEU A CD1 1 
ATOM   765  C CD2 . LEU A 1 99  ? -8.569  -3.156  -11.573 1.00 30.00  ? 2442 LEU A CD2 1 
ATOM   766  N N   . PRO A 1 100 ? -10.276 -2.353  -16.500 1.00 38.53  ? 2443 PRO A N   1 
ATOM   767  C CA  . PRO A 1 100 ? -10.141 -3.330  -17.580 1.00 38.24  ? 2443 PRO A CA  1 
ATOM   768  C C   . PRO A 1 100 ? -9.538  -4.629  -17.041 1.00 38.82  ? 2443 PRO A C   1 
ATOM   769  O O   . PRO A 1 100 ? -8.634  -4.599  -16.203 1.00 35.05  ? 2443 PRO A O   1 
ATOM   770  C CB  . PRO A 1 100 ? -9.218  -2.620  -18.562 1.00 40.34  ? 2443 PRO A CB  1 
ATOM   771  C CG  . PRO A 1 100 ? -9.574  -1.159  -18.366 1.00 38.47  ? 2443 PRO A CG  1 
ATOM   772  C CD  . PRO A 1 100 ? -9.666  -1.058  -16.866 1.00 37.25  ? 2443 PRO A CD  1 
ATOM   773  N N   . GLU A 1 101 ? -10.048 -5.764  -17.511 1.00 39.20  ? 2444 GLU A N   1 
ATOM   774  C CA  . GLU A 1 101 ? -9.558  -7.072  -17.075 1.00 39.91  ? 2444 GLU A CA  1 
ATOM   775  C C   . GLU A 1 101 ? -8.053  -7.194  -17.346 1.00 39.30  ? 2444 GLU A C   1 
ATOM   776  O O   . GLU A 1 101 ? -7.307  -7.839  -16.605 1.00 36.57  ? 2444 GLU A O   1 
ATOM   777  C CB  . GLU A 1 101 ? -10.305 -8.183  -17.813 1.00 39.57  ? 2444 GLU A CB  1 
ATOM   778  C CG  . GLU A 1 101 ? -11.811 -8.251  -17.563 1.00 47.40  ? 2444 GLU A CG  1 
ATOM   779  C CD  . GLU A 1 101 ? -12.592 -7.108  -18.190 1.00 51.11  ? 2444 GLU A CD  1 
ATOM   780  O OE1 . GLU A 1 101 ? -12.292 -6.729  -19.340 1.00 55.59  ? 2444 GLU A OE1 1 
ATOM   781  O OE2 . GLU A 1 101 ? -13.522 -6.596  -17.537 1.00 58.55  ? 2444 GLU A OE2 1 
ATOM   782  N N   . GLU A 1 102 ? -7.623  -6.563  -18.427 1.00 39.24  ? 2445 GLU A N   1 
ATOM   783  C CA  . GLU A 1 102 ? -6.229  -6.562  -18.826 1.00 40.28  ? 2445 GLU A CA  1 
ATOM   784  C C   . GLU A 1 102 ? -5.351  -5.928  -17.749 1.00 40.01  ? 2445 GLU A C   1 
ATOM   785  O O   . GLU A 1 102 ? -4.200  -6.318  -17.559 1.00 40.25  ? 2445 GLU A O   1 
ATOM   786  C CB  . GLU A 1 102 ? -6.100  -5.775  -20.125 1.00 42.86  ? 2445 GLU A CB  1 
ATOM   787  C CG  . GLU A 1 102 ? -4.689  -5.411  -20.534 1.00 54.97  ? 2445 GLU A CG  1 
ATOM   788  C CD  . GLU A 1 102 ? -4.670  -4.279  -21.554 1.00 62.15  ? 2445 GLU A CD  1 
ATOM   789  O OE1 . GLU A 1 102 ? -5.314  -4.417  -22.622 1.00 64.59  ? 2445 GLU A OE1 1 
ATOM   790  O OE2 . GLU A 1 102 ? -4.012  -3.249  -21.284 1.00 62.87  ? 2445 GLU A OE2 1 
ATOM   791  N N   . LEU A 1 103 ? -5.899  -4.945  -17.046 1.00 39.06  ? 2446 LEU A N   1 
ATOM   792  C CA  . LEU A 1 103 ? -5.152  -4.249  -16.012 1.00 36.83  ? 2446 LEU A CA  1 
ATOM   793  C C   . LEU A 1 103 ? -5.476  -4.751  -14.608 1.00 36.36  ? 2446 LEU A C   1 
ATOM   794  O O   . LEU A 1 103 ? -4.998  -4.199  -13.615 1.00 34.49  ? 2446 LEU A O   1 
ATOM   795  C CB  . LEU A 1 103 ? -5.430  -2.753  -16.109 1.00 35.59  ? 2446 LEU A CB  1 
ATOM   796  C CG  . LEU A 1 103 ? -5.044  -2.077  -17.424 1.00 35.94  ? 2446 LEU A CG  1 
ATOM   797  C CD1 . LEU A 1 103 ? -5.434  -0.610  -17.359 1.00 39.67  ? 2446 LEU A CD1 1 
ATOM   798  C CD2 . LEU A 1 103 ? -3.549  -2.209  -17.669 1.00 30.80  ? 2446 LEU A CD2 1 
ATOM   799  N N   . ALA A 1 104 ? -6.292  -5.796  -14.528 1.00 35.60  ? 2447 ALA A N   1 
ATOM   800  C CA  . ALA A 1 104 ? -6.661  -6.371  -13.244 1.00 35.31  ? 2447 ALA A CA  1 
ATOM   801  C C   . ALA A 1 104 ? -5.812  -7.595  -12.974 1.00 35.51  ? 2447 ALA A C   1 
ATOM   802  O O   . ALA A 1 104 ? -5.719  -8.062  -11.837 1.00 36.39  ? 2447 ALA A O   1 
ATOM   803  C CB  . ALA A 1 104 ? -8.120  -6.756  -13.241 1.00 34.29  ? 2447 ALA A CB  1 
ATOM   804  N N   . LYS A 1 105 ? -5.183  -8.104  -14.027 1.00 34.90  ? 2448 LYS A N   1 
ATOM   805  C CA  . LYS A 1 105 ? -4.355  -9.294  -13.917 1.00 33.48  ? 2448 LYS A CA  1 
ATOM   806  C C   . LYS A 1 105 ? -3.112  -9.134  -13.047 1.00 33.36  ? 2448 LYS A C   1 
ATOM   807  O O   . LYS A 1 105 ? -2.828  -9.996  -12.214 1.00 33.20  ? 2448 LYS A O   1 
ATOM   808  C CB  . LYS A 1 105 ? -3.956  -9.781  -15.307 1.00 38.48  ? 2448 LYS A CB  1 
ATOM   809  C CG  . LYS A 1 105 ? -5.107  -10.346 -16.097 1.00 39.61  ? 2448 LYS A CG  1 
ATOM   810  C CD  . LYS A 1 105 ? -4.657  -10.760 -17.477 1.00 45.30  ? 2448 LYS A CD  1 
ATOM   811  C CE  . LYS A 1 105 ? -5.760  -11.489 -18.216 1.00 47.13  ? 2448 LYS A CE  1 
ATOM   812  N NZ  . LYS A 1 105 ? -5.278  -11.941 -19.548 1.00 56.34  ? 2448 LYS A NZ  1 
ATOM   813  N N   . PRO A 1 106 ? -2.353  -8.039  -13.225 1.00 32.93  ? 2449 PRO A N   1 
ATOM   814  C CA  . PRO A 1 106 ? -1.148  -7.846  -12.409 1.00 31.86  ? 2449 PRO A CA  1 
ATOM   815  C C   . PRO A 1 106 ? -1.437  -8.032  -10.930 1.00 32.27  ? 2449 PRO A C   1 
ATOM   816  O O   . PRO A 1 106 ? -2.593  -8.017  -10.505 1.00 33.54  ? 2449 PRO A O   1 
ATOM   817  C CB  . PRO A 1 106 ? -0.737  -6.422  -12.736 1.00 30.00  ? 2449 PRO A CB  1 
ATOM   818  C CG  . PRO A 1 106 ? -1.133  -6.303  -14.170 1.00 33.81  ? 2449 PRO A CG  1 
ATOM   819  C CD  . PRO A 1 106 ? -2.509  -6.937  -14.192 1.00 30.60  ? 2449 PRO A CD  1 
ATOM   820  N N   . ALA A 1 107 ? -0.382  -8.218  -10.151 1.00 32.98  ? 2450 ALA A N   1 
ATOM   821  C CA  . ALA A 1 107 ? -0.509  -8.402  -8.710  1.00 32.79  ? 2450 ALA A CA  1 
ATOM   822  C C   . ALA A 1 107 ? -0.467  -7.046  -8.005  1.00 33.40  ? 2450 ALA A C   1 
ATOM   823  O O   . ALA A 1 107 ? -0.079  -6.030  -8.600  1.00 32.61  ? 2450 ALA A O   1 
ATOM   824  C CB  . ALA A 1 107 ? 0.624   -9.276  -8.210  1.00 30.00  ? 2450 ALA A CB  1 
ATOM   825  N N   . ARG A 1 108 ? -0.873  -7.011  -6.741  1.00 34.71  ? 2451 ARG A N   1 
ATOM   826  C CA  . ARG A 1 108 ? -0.818  -5.747  -6.027  1.00 34.72  ? 2451 ARG A CA  1 
ATOM   827  C C   . ARG A 1 108 ? 0.652   -5.332  -5.954  1.00 34.19  ? 2451 ARG A C   1 
ATOM   828  O O   . ARG A 1 108 ? 1.537   -6.184  -5.812  1.00 31.96  ? 2451 ARG A O   1 
ATOM   829  C CB  . ARG A 1 108 ? -1.446  -5.873  -4.636  1.00 35.08  ? 2451 ARG A CB  1 
ATOM   830  C CG  . ARG A 1 108 ? -0.935  -7.003  -3.762  1.00 36.29  ? 2451 ARG A CG  1 
ATOM   831  C CD  . ARG A 1 108 ? -1.647  -6.928  -2.423  1.00 36.10  ? 2451 ARG A CD  1 
ATOM   832  N NE  . ARG A 1 108 ? -1.412  -5.625  -1.799  1.00 39.05  ? 2451 ARG A NE  1 
ATOM   833  C CZ  . ARG A 1 108 ? -2.327  -4.913  -1.149  1.00 30.93  ? 2451 ARG A CZ  1 
ATOM   834  N NH1 . ARG A 1 108 ? -3.562  -5.361  -1.019  1.00 30.02  ? 2451 ARG A NH1 1 
ATOM   835  N NH2 . ARG A 1 108 ? -2.002  -3.740  -0.638  1.00 33.52  ? 2451 ARG A NH2 1 
ATOM   836  N N   . TYR A 1 109 ? 0.906   -4.030  -6.082  1.00 34.87  ? 2452 TYR A N   1 
ATOM   837  C CA  . TYR A 1 109 ? 2.269   -3.521  -6.069  1.00 37.93  ? 2452 TYR A CA  1 
ATOM   838  C C   . TYR A 1 109 ? 2.747   -2.966  -4.734  1.00 38.07  ? 2452 TYR A C   1 
ATOM   839  O O   . TYR A 1 109 ? 3.850   -2.427  -4.624  1.00 37.24  ? 2452 TYR A O   1 
ATOM   840  C CB  . TYR A 1 109 ? 2.459   -2.495  -7.188  1.00 46.17  ? 2452 TYR A CB  1 
ATOM   841  C CG  . TYR A 1 109 ? 2.427   -3.124  -8.564  1.00 55.46  ? 2452 TYR A CG  1 
ATOM   842  C CD1 . TYR A 1 109 ? 3.252   -4.204  -8.874  1.00 61.02  ? 2452 TYR A CD1 1 
ATOM   843  C CD2 . TYR A 1 109 ? 1.563   -2.652  -9.554  1.00 60.50  ? 2452 TYR A CD2 1 
ATOM   844  C CE1 . TYR A 1 109 ? 3.220   -4.801  -10.130 1.00 64.60  ? 2452 TYR A CE1 1 
ATOM   845  C CE2 . TYR A 1 109 ? 1.525   -3.241  -10.818 1.00 64.83  ? 2452 TYR A CE2 1 
ATOM   846  C CZ  . TYR A 1 109 ? 2.356   -4.316  -11.095 1.00 64.13  ? 2452 TYR A CZ  1 
ATOM   847  O OH  . TYR A 1 109 ? 2.321   -4.910  -12.333 1.00 65.65  ? 2452 TYR A OH  1 
ATOM   848  N N   . SER A 1 110 ? 1.901   -3.095  -3.721  1.00 37.63  ? 2453 SER A N   1 
ATOM   849  C CA  . SER A 1 110 ? 2.265   -2.690  -2.379  1.00 35.75  ? 2453 SER A CA  1 
ATOM   850  C C   . SER A 1 110 ? 2.089   -4.007  -1.629  1.00 34.61  ? 2453 SER A C   1 
ATOM   851  O O   . SER A 1 110 ? 1.133   -4.755  -1.886  1.00 30.00  ? 2453 SER A O   1 
ATOM   852  C CB  . SER A 1 110 ? 1.314   -1.635  -1.816  1.00 34.78  ? 2453 SER A CB  1 
ATOM   853  O OG  . SER A 1 110 ? 0.088   -2.221  -1.422  1.00 38.14  ? 2453 SER A OG  1 
ATOM   854  N N   . ARG A 1 111 ? 3.019   -4.304  -0.727  1.00 33.68  ? 2454 ARG A N   1 
ATOM   855  C CA  . ARG A 1 111 ? 2.937   -5.536  0.028   1.00 31.34  ? 2454 ARG A CA  1 
ATOM   856  C C   . ARG A 1 111 ? 2.698   -5.271  1.496   1.00 30.43  ? 2454 ARG A C   1 
ATOM   857  O O   . ARG A 1 111 ? 3.370   -4.440  2.100   1.00 30.00  ? 2454 ARG A O   1 
ATOM   858  C CB  . ARG A 1 111 ? 4.217   -6.359  -0.165  1.00 30.00  ? 2454 ARG A CB  1 
ATOM   859  C CG  . ARG A 1 111 ? 4.483   -6.720  -1.621  1.00 30.00  ? 2454 ARG A CG  1 
ATOM   860  C CD  . ARG A 1 111 ? 5.708   -7.592  -1.803  1.00 30.00  ? 2454 ARG A CD  1 
ATOM   861  N NE  . ARG A 1 111 ? 6.162   -7.607  -3.190  1.00 35.02  ? 2454 ARG A NE  1 
ATOM   862  C CZ  . ARG A 1 111 ? 7.173   -8.340  -3.644  1.00 39.04  ? 2454 ARG A CZ  1 
ATOM   863  N NH1 . ARG A 1 111 ? 7.842   -9.135  -2.820  1.00 40.65  ? 2454 ARG A NH1 1 
ATOM   864  N NH2 . ARG A 1 111 ? 7.532   -8.264  -4.920  1.00 41.88  ? 2454 ARG A NH2 1 
ATOM   865  N N   . HIS A 1 112 ? 1.719   -5.977  2.056   1.00 30.50  ? 2455 HIS A N   1 
ATOM   866  C CA  . HIS A 1 112 ? 1.390   -5.876  3.468   1.00 31.10  ? 2455 HIS A CA  1 
ATOM   867  C C   . HIS A 1 112 ? 2.456   -6.678  4.238   1.00 30.00  ? 2455 HIS A C   1 
ATOM   868  O O   . HIS A 1 112 ? 2.772   -7.803  3.873   1.00 30.00  ? 2455 HIS A O   1 
ATOM   869  C CB  . HIS A 1 112 ? 0.006   -6.464  3.723   1.00 35.77  ? 2455 HIS A CB  1 
ATOM   870  C CG  . HIS A 1 112 ? -0.545  -6.134  5.064   1.00 45.96  ? 2455 HIS A CG  1 
ATOM   871  N ND1 . HIS A 1 112 ? 0.198   -6.228  6.224   1.00 52.72  ? 2455 HIS A ND1 1 
ATOM   872  C CD2 . HIS A 1 112 ? -1.779  -5.712  5.450   1.00 51.42  ? 2455 HIS A CD2 1 
ATOM   873  C CE1 . HIS A 1 112 ? -0.549  -5.877  7.253   1.00 54.89  ? 2455 HIS A CE1 1 
ATOM   874  N NE2 . HIS A 1 112 ? -1.747  -5.560  6.814   1.00 51.92  ? 2455 HIS A NE2 1 
ATOM   875  N N   . CYS A 1 113 ? 3.013   -6.088  5.292   1.00 32.12  ? 2456 CYS A N   1 
ATOM   876  C CA  . CYS A 1 113 ? 4.054   -6.743  6.078   1.00 34.67  ? 2456 CYS A CA  1 
ATOM   877  C C   . CYS A 1 113 ? 3.797   -6.630  7.566   1.00 36.41  ? 2456 CYS A C   1 
ATOM   878  O O   . CYS A 1 113 ? 2.859   -5.964  8.004   1.00 37.93  ? 2456 CYS A O   1 
ATOM   879  C CB  . CYS A 1 113 ? 5.413   -6.111  5.796   1.00 30.00  ? 2456 CYS A CB  1 
ATOM   880  S SG  . CYS A 1 113 ? 5.780   -5.850  4.064   1.00 40.98  ? 2456 CYS A SG  1 
ATOM   881  N N   . GLU A 1 114 ? 4.655   -7.286  8.335   1.00 39.29  ? 2457 GLU A N   1 
ATOM   882  C CA  . GLU A 1 114 ? 4.585   -7.262  9.789   1.00 41.79  ? 2457 GLU A CA  1 
ATOM   883  C C   . GLU A 1 114 ? 5.882   -7.855  10.301  1.00 43.69  ? 2457 GLU A C   1 
ATOM   884  O O   . GLU A 1 114 ? 6.592   -8.534  9.563   1.00 42.35  ? 2457 GLU A O   1 
ATOM   885  C CB  . GLU A 1 114 ? 3.390   -8.079  10.306  1.00 41.37  ? 2457 GLU A CB  1 
ATOM   886  C CG  . GLU A 1 114 ? 3.570   -9.580  10.248  1.00 48.52  ? 2457 GLU A CG  1 
ATOM   887  C CD  . GLU A 1 114 ? 2.317   -10.345 10.644  1.00 52.44  ? 2457 GLU A CD  1 
ATOM   888  O OE1 . GLU A 1 114 ? 2.408   -11.574 10.827  1.00 58.69  ? 2457 GLU A OE1 1 
ATOM   889  O OE2 . GLU A 1 114 ? 1.239   -9.728  10.769  1.00 54.67  ? 2457 GLU A OE2 1 
ATOM   890  N N   . LEU A 1 115 ? 6.206   -7.580  11.558  1.00 46.73  ? 2458 LEU A N   1 
ATOM   891  C CA  . LEU A 1 115 ? 7.421   -8.119  12.152  1.00 49.73  ? 2458 LEU A CA  1 
ATOM   892  C C   . LEU A 1 115 ? 6.976   -9.256  13.062  1.00 51.53  ? 2458 LEU A C   1 
ATOM   893  O O   . LEU A 1 115 ? 5.810   -9.312  13.451  1.00 51.26  ? 2458 LEU A O   1 
ATOM   894  C CB  . LEU A 1 115 ? 8.147   -7.042  12.959  1.00 48.52  ? 2458 LEU A CB  1 
ATOM   895  C CG  . LEU A 1 115 ? 8.250   -5.623  12.377  1.00 46.81  ? 2458 LEU A CG  1 
ATOM   896  C CD1 . LEU A 1 115 ? 9.334   -4.880  13.134  1.00 46.58  ? 2458 LEU A CD1 1 
ATOM   897  C CD2 . LEU A 1 115 ? 8.590   -5.650  10.901  1.00 42.40  ? 2458 LEU A CD2 1 
ATOM   898  N N   . ASP A 1 116 ? 7.881   -10.172 13.386  1.00 54.00  ? 2459 ASP A N   1 
ATOM   899  C CA  . ASP A 1 116 ? 7.518   -11.281 14.260  1.00 57.42  ? 2459 ASP A CA  1 
ATOM   900  C C   . ASP A 1 116 ? 7.021   -10.680 15.564  1.00 59.70  ? 2459 ASP A C   1 
ATOM   901  O O   . ASP A 1 116 ? 7.807   -10.103 16.321  1.00 61.30  ? 2459 ASP A O   1 
ATOM   902  C CB  . ASP A 1 116 ? 8.728   -12.176 14.515  1.00 59.88  ? 2459 ASP A CB  1 
ATOM   903  N N   . ALA A 1 117 ? 5.719   -10.801 15.817  1.00 62.68  ? 2460 ALA A N   1 
ATOM   904  C CA  . ALA A 1 117 ? 5.114   -10.242 17.028  1.00 65.71  ? 2460 ALA A CA  1 
ATOM   905  C C   . ALA A 1 117 ? 5.818   -10.727 18.286  1.00 68.32  ? 2460 ALA A C   1 
ATOM   906  O O   . ALA A 1 117 ? 5.787   -10.068 19.325  1.00 67.61  ? 2460 ALA A O   1 
ATOM   907  C CB  . ALA A 1 117 ? 3.638   -10.600 17.087  1.00 65.25  ? 2460 ALA A CB  1 
ATOM   908  N N   . SER A 1 118 ? 6.459   -11.886 18.170  1.00 71.54  ? 2461 SER A N   1 
ATOM   909  C CA  . SER A 1 118 ? 7.180   -12.512 19.267  1.00 74.85  ? 2461 SER A CA  1 
ATOM   910  C C   . SER A 1 118 ? 8.435   -11.730 19.677  1.00 76.84  ? 2461 SER A C   1 
ATOM   911  O O   . SER A 1 118 ? 9.014   -11.978 20.740  1.00 75.73  ? 2461 SER A O   1 
ATOM   912  C CB  . SER A 1 118 ? 7.562   -13.936 18.858  1.00 73.76  ? 2461 SER A CB  1 
ATOM   913  O OG  . SER A 1 118 ? 8.130   -14.651 19.939  1.00 78.70  ? 2461 SER A OG  1 
ATOM   914  N N   . THR A 1 119 ? 8.842   -10.780 18.838  1.00 78.82  ? 2462 THR A N   1 
ATOM   915  C CA  . THR A 1 119 ? 10.032  -9.973  19.099  1.00 80.67  ? 2462 THR A CA  1 
ATOM   916  C C   . THR A 1 119 ? 9.734   -8.481  19.206  1.00 82.97  ? 2462 THR A C   1 
ATOM   917  O O   . THR A 1 119 ? 10.651  -7.664  19.272  1.00 82.81  ? 2462 THR A O   1 
ATOM   918  C CB  . THR A 1 119 ? 11.064  -10.164 17.982  1.00 80.48  ? 2462 THR A CB  1 
ATOM   919  O OG1 . THR A 1 119 ? 10.447  -9.891  16.718  1.00 77.76  ? 2462 THR A OG1 1 
ATOM   920  C CG2 . THR A 1 119 ? 11.594  -11.584 17.979  1.00 80.54  ? 2462 THR A CG2 1 
ATOM   921  N N   . ILE A 1 120 ? 8.453   -8.129  19.227  1.00 85.37  ? 2463 ILE A N   1 
ATOM   922  C CA  . ILE A 1 120 ? 8.039   -6.733  19.307  1.00 88.13  ? 2463 ILE A CA  1 
ATOM   923  C C   . ILE A 1 120 ? 7.823   -6.250  20.739  1.00 90.81  ? 2463 ILE A C   1 
ATOM   924  O O   . ILE A 1 120 ? 7.402   -7.011  21.611  1.00 90.85  ? 2463 ILE A O   1 
ATOM   925  C CB  . ILE A 1 120 ? 6.727   -6.505  18.529  1.00 85.95  ? 2463 ILE A CB  1 
ATOM   926  C CG1 . ILE A 1 120 ? 6.849   -7.072  17.116  1.00 83.60  ? 2463 ILE A CG1 1 
ATOM   927  C CG2 . ILE A 1 120 ? 6.409   -5.020  18.471  1.00 86.85  ? 2463 ILE A CG2 1 
ATOM   928  C CD1 . ILE A 1 120 ? 5.582   -6.943  16.294  1.00 76.96  ? 2463 ILE A CD1 1 
ATOM   929  N N   . SER A 1 121 ? 8.115   -4.973  20.967  1.00 93.18  ? 2464 SER A N   1 
ATOM   930  C CA  . SER A 1 121 ? 7.940   -4.346  22.271  1.00 96.28  ? 2464 SER A CA  1 
ATOM   931  C C   . SER A 1 121 ? 8.801   -4.878  23.407  1.00 97.65  ? 2464 SER A C   1 
ATOM   932  O O   . SER A 1 121 ? 8.691   -6.035  23.810  1.00 97.63  ? 2464 SER A O   1 
ATOM   933  C CB  . SER A 1 121 ? 6.472   -4.414  22.700  1.00 96.20  ? 2464 SER A CB  1 
ATOM   934  O OG  . SER A 1 121 ? 5.656   -3.619  21.863  1.00 99.99  ? 2464 SER A OG  1 
ATOM   935  N N   . LYS A 1 122 ? 9.659   -4.003  23.914  1.00 98.45  ? 2465 LYS A N   1 
ATOM   936  C CA  . LYS A 1 122 ? 10.533  -4.291  25.043  1.00 99.30  ? 2465 LYS A CA  1 
ATOM   937  C C   . LYS A 1 122 ? 10.239  -3.094  25.937  1.00 100.00 ? 2465 LYS A C   1 
ATOM   938  O O   . LYS A 1 122 ? 10.479  -3.104  27.147  1.00 100.00 ? 2465 LYS A O   1 
ATOM   939  C CB  . LYS A 1 122 ? 11.996  -4.293  24.609  1.00 99.85  ? 2465 LYS A CB  1 
ATOM   940  N N   . CYS A 1 123 ? 9.694   -2.066  25.291  1.00 100.00 ? 2466 CYS A N   1 
ATOM   941  C CA  . CYS A 1 123 ? 9.306   -0.814  25.922  1.00 99.98  ? 2466 CYS A CA  1 
ATOM   942  C C   . CYS A 1 123 ? 8.031   -0.353  25.218  1.00 100.00 ? 2466 CYS A C   1 
ATOM   943  O O   . CYS A 1 123 ? 7.446   0.671   25.571  1.00 100.00 ? 2466 CYS A O   1 
ATOM   944  C CB  . CYS A 1 123 ? 10.402  0.239   25.734  1.00 99.57  ? 2466 CYS A CB  1 
ATOM   945  S SG  . CYS A 1 123 ? 12.054  -0.281  26.266  1.00 100.00 ? 2466 CYS A SG  1 
ATOM   946  N N   . ASP A 1 124 ? 7.613   -1.124  24.213  1.00 100.00 ? 2467 ASP A N   1 
ATOM   947  C CA  . ASP A 1 124 ? 6.413   -0.821  23.434  1.00 99.30  ? 2467 ASP A CA  1 
ATOM   948  C C   . ASP A 1 124 ? 6.494   0.617   22.926  1.00 98.83  ? 2467 ASP A C   1 
ATOM   949  O O   . ASP A 1 124 ? 6.002   1.547   23.569  1.00 99.11  ? 2467 ASP A O   1 
ATOM   950  C CB  . ASP A 1 124 ? 5.167   -1.016  24.303  1.00 99.99  ? 2467 ASP A CB  1 
ATOM   951  C CG  . ASP A 1 124 ? 3.883   -0.966  23.502  1.00 100.00 ? 2467 ASP A CG  1 
ATOM   952  O OD1 . ASP A 1 124 ? 3.766   -1.731  22.524  1.00 100.00 ? 2467 ASP A OD1 1 
ATOM   953  O OD2 . ASP A 1 124 ? 2.989   -0.168  23.852  1.00 100.00 ? 2467 ASP A OD2 1 
ATOM   954  N N   . ALA A 1 125 ? 7.118   0.789   21.763  1.00 97.97  ? 2468 ALA A N   1 
ATOM   955  C CA  . ALA A 1 125 ? 7.304   2.113   21.177  1.00 96.28  ? 2468 ALA A CA  1 
ATOM   956  C C   . ALA A 1 125 ? 6.240   2.546   20.179  1.00 94.27  ? 2468 ALA A C   1 
ATOM   957  O O   . ALA A 1 125 ? 6.104   1.968   19.101  1.00 94.37  ? 2468 ALA A O   1 
ATOM   958  C CB  . ALA A 1 125 ? 8.678   2.195   20.525  1.00 97.13  ? 2468 ALA A CB  1 
ATOM   959  N N   . ALA A 1 126 ? 5.496   3.579   20.549  1.00 92.39  ? 2469 ALA A N   1 
ATOM   960  C CA  . ALA A 1 126 ? 4.461   4.126   19.688  1.00 89.43  ? 2469 ALA A CA  1 
ATOM   961  C C   . ALA A 1 126 ? 5.072   5.311   18.950  1.00 86.45  ? 2469 ALA A C   1 
ATOM   962  O O   . ALA A 1 126 ? 4.432   5.925   18.099  1.00 86.41  ? 2469 ALA A O   1 
ATOM   963  C CB  . ALA A 1 126 ? 3.268   4.579   20.518  1.00 91.06  ? 2469 ALA A CB  1 
ATOM   964  N N   . LEU A 1 127 ? 6.316   5.635   19.293  1.00 82.76  ? 2470 LEU A N   1 
ATOM   965  C CA  . LEU A 1 127 ? 7.011   6.738   18.645  1.00 78.67  ? 2470 LEU A CA  1 
ATOM   966  C C   . LEU A 1 127 ? 7.663   6.189   17.397  1.00 76.44  ? 2470 LEU A C   1 
ATOM   967  O O   . LEU A 1 127 ? 8.290   6.923   16.629  1.00 76.09  ? 2470 LEU A O   1 
ATOM   968  C CB  . LEU A 1 127 ? 8.077   7.349   19.565  1.00 76.89  ? 2470 LEU A CB  1 
ATOM   969  C CG  . LEU A 1 127 ? 9.321   6.575   20.019  1.00 73.30  ? 2470 LEU A CG  1 
ATOM   970  C CD1 . LEU A 1 127 ? 10.202  6.156   18.837  1.00 71.39  ? 2470 LEU A CD1 1 
ATOM   971  C CD2 . LEU A 1 127 ? 10.109  7.481   20.952  1.00 65.14  ? 2470 LEU A CD2 1 
ATOM   972  N N   . LEU A 1 128 ? 7.529   4.881   17.213  1.00 73.61  ? 2471 LEU A N   1 
ATOM   973  C CA  . LEU A 1 128 ? 8.093   4.240   16.043  1.00 69.77  ? 2471 LEU A CA  1 
ATOM   974  C C   . LEU A 1 128 ? 7.296   4.747   14.851  1.00 67.40  ? 2471 LEU A C   1 
ATOM   975  O O   . LEU A 1 128 ? 7.841   4.937   13.761  1.00 66.51  ? 2471 LEU A O   1 
ATOM   976  C CB  . LEU A 1 128 ? 7.977   2.721   16.149  1.00 68.71  ? 2471 LEU A CB  1 
ATOM   977  C CG  . LEU A 1 128 ? 8.789   2.020   15.061  1.00 69.43  ? 2471 LEU A CG  1 
ATOM   978  C CD1 . LEU A 1 128 ? 10.239  2.448   15.195  1.00 71.58  ? 2471 LEU A CD1 1 
ATOM   979  C CD2 . LEU A 1 128 ? 8.662   0.513   15.171  1.00 70.98  ? 2471 LEU A CD2 1 
ATOM   980  N N   . GLN A 1 129 ? 6.002   4.972   15.073  1.00 65.25  ? 2472 GLN A N   1 
ATOM   981  C CA  . GLN A 1 129 ? 5.122   5.488   14.031  1.00 63.52  ? 2472 GLN A CA  1 
ATOM   982  C C   . GLN A 1 129 ? 5.761   6.767   13.514  1.00 61.44  ? 2472 GLN A C   1 
ATOM   983  O O   . GLN A 1 129 ? 5.986   6.928   12.311  1.00 61.37  ? 2472 GLN A O   1 
ATOM   984  C CB  . GLN A 1 129 ? 3.738   5.799   14.607  1.00 63.92  ? 2472 GLN A CB  1 
ATOM   985  C CG  . GLN A 1 129 ? 2.783   6.488   13.636  1.00 71.02  ? 2472 GLN A CG  1 
ATOM   986  C CD  . GLN A 1 129 ? 2.248   5.565   12.553  1.00 75.14  ? 2472 GLN A CD  1 
ATOM   987  O OE1 . GLN A 1 129 ? 1.637   6.016   11.582  1.00 77.82  ? 2472 GLN A OE1 1 
ATOM   988  N NE2 . GLN A 1 129 ? 2.464   4.268   12.722  1.00 78.11  ? 2472 GLN A NE2 1 
ATOM   989  N N   . SER A 1 130 ? 6.064   7.664   14.450  1.00 59.03  ? 2473 SER A N   1 
ATOM   990  C CA  . SER A 1 130 ? 6.688   8.951   14.156  1.00 55.29  ? 2473 SER A CA  1 
ATOM   991  C C   . SER A 1 130 ? 8.006   8.775   13.397  1.00 51.64  ? 2473 SER A C   1 
ATOM   992  O O   . SER A 1 130 ? 8.197   9.357   12.329  1.00 50.35  ? 2473 SER A O   1 
ATOM   993  C CB  . SER A 1 130 ? 6.934   9.709   15.466  1.00 56.90  ? 2473 SER A CB  1 
ATOM   994  O OG  . SER A 1 130 ? 7.321   11.051  15.224  1.00 61.47  ? 2473 SER A OG  1 
ATOM   995  N N   . PHE A 1 131 ? 8.912   7.976   13.947  1.00 48.53  ? 2474 PHE A N   1 
ATOM   996  C CA  . PHE A 1 131 ? 10.192  7.740   13.288  1.00 46.67  ? 2474 PHE A CA  1 
ATOM   997  C C   . PHE A 1 131 ? 10.042  7.318   11.827  1.00 46.48  ? 2474 PHE A C   1 
ATOM   998  O O   . PHE A 1 131 ? 10.818  7.741   10.973  1.00 46.62  ? 2474 PHE A O   1 
ATOM   999  C CB  . PHE A 1 131 ? 10.994  6.674   14.039  1.00 41.25  ? 2474 PHE A CB  1 
ATOM   1000 C CG  . PHE A 1 131 ? 12.203  6.202   13.294  1.00 35.05  ? 2474 PHE A CG  1 
ATOM   1001 C CD1 . PHE A 1 131 ? 12.110  5.156   12.382  1.00 40.34  ? 2474 PHE A CD1 1 
ATOM   1002 C CD2 . PHE A 1 131 ? 13.426  6.835   13.458  1.00 30.74  ? 2474 PHE A CD2 1 
ATOM   1003 C CE1 . PHE A 1 131 ? 13.225  4.750   11.638  1.00 42.65  ? 2474 PHE A CE1 1 
ATOM   1004 C CE2 . PHE A 1 131 ? 14.546  6.440   12.723  1.00 34.36  ? 2474 PHE A CE2 1 
ATOM   1005 C CZ  . PHE A 1 131 ? 14.444  5.393   11.809  1.00 39.12  ? 2474 PHE A CZ  1 
ATOM   1006 N N   . ILE A 1 132 ? 9.051   6.474   11.547  1.00 46.88  ? 2475 ILE A N   1 
ATOM   1007 C CA  . ILE A 1 132 ? 8.809   5.991   10.188  1.00 45.87  ? 2475 ILE A CA  1 
ATOM   1008 C C   . ILE A 1 132 ? 8.196   7.074   9.301   1.00 45.49  ? 2475 ILE A C   1 
ATOM   1009 O O   . ILE A 1 132 ? 8.713   7.364   8.219   1.00 42.96  ? 2475 ILE A O   1 
ATOM   1010 C CB  . ILE A 1 132 ? 7.875   4.739   10.190  1.00 46.03  ? 2475 ILE A CB  1 
ATOM   1011 C CG1 . ILE A 1 132 ? 8.587   3.548   10.836  1.00 41.71  ? 2475 ILE A CG1 1 
ATOM   1012 C CG2 . ILE A 1 132 ? 7.471   4.369   8.770   1.00 42.13  ? 2475 ILE A CG2 1 
ATOM   1013 C CD1 . ILE A 1 132 ? 9.818   3.089   10.096  1.00 36.91  ? 2475 ILE A CD1 1 
ATOM   1014 N N   . ASP A 1 133 ? 7.103   7.673   9.767   1.00 45.79  ? 2476 ASP A N   1 
ATOM   1015 C CA  . ASP A 1 133 ? 6.428   8.717   9.003   1.00 47.09  ? 2476 ASP A CA  1 
ATOM   1016 C C   . ASP A 1 133 ? 7.341   9.898   8.695   1.00 46.74  ? 2476 ASP A C   1 
ATOM   1017 O O   . ASP A 1 133 ? 7.214   10.541  7.655   1.00 46.77  ? 2476 ASP A O   1 
ATOM   1018 C CB  . ASP A 1 133 ? 5.181   9.201   9.747   1.00 52.03  ? 2476 ASP A CB  1 
ATOM   1019 C CG  . ASP A 1 133 ? 4.116   8.121   9.864   1.00 61.03  ? 2476 ASP A CG  1 
ATOM   1020 O OD1 . ASP A 1 133 ? 3.793   7.479   8.838   1.00 66.39  ? 2476 ASP A OD1 1 
ATOM   1021 O OD2 . ASP A 1 133 ? 3.594   7.915   10.980  1.00 67.81  ? 2476 ASP A OD2 1 
ATOM   1022 N N   . THR A 1 134 ? 8.264   10.176  9.602   1.00 47.07  ? 2477 THR A N   1 
ATOM   1023 C CA  . THR A 1 134 ? 9.207   11.273  9.431   1.00 46.33  ? 2477 THR A CA  1 
ATOM   1024 C C   . THR A 1 134 ? 10.109  10.989  8.240   1.00 46.98  ? 2477 THR A C   1 
ATOM   1025 O O   . THR A 1 134 ? 10.795  11.877  7.737   1.00 46.34  ? 2477 THR A O   1 
ATOM   1026 C CB  . THR A 1 134 ? 10.074  11.433  10.709  1.00 44.69  ? 2477 THR A CB  1 
ATOM   1027 O OG1 . THR A 1 134 ? 9.255   11.931  11.772  1.00 43.86  ? 2477 THR A OG1 1 
ATOM   1028 C CG2 . THR A 1 134 ? 11.245  12.374  10.480  1.00 38.14  ? 2477 THR A CG2 1 
ATOM   1029 N N   . ARG A 1 135 ? 10.082  9.750   7.766   1.00 48.38  ? 2478 ARG A N   1 
ATOM   1030 C CA  . ARG A 1 135 ? 10.949  9.363   6.666   1.00 48.97  ? 2478 ARG A CA  1 
ATOM   1031 C C   . ARG A 1 135 ? 10.296  8.764   5.418   1.00 50.74  ? 2478 ARG A C   1 
ATOM   1032 O O   . ARG A 1 135 ? 10.945  8.023   4.678   1.00 48.71  ? 2478 ARG A O   1 
ATOM   1033 C CB  . ARG A 1 135 ? 12.014  8.414   7.217   1.00 46.48  ? 2478 ARG A CB  1 
ATOM   1034 C CG  . ARG A 1 135 ? 12.818  9.046   8.336   1.00 39.67  ? 2478 ARG A CG  1 
ATOM   1035 C CD  . ARG A 1 135 ? 13.787  8.084   8.997   1.00 41.15  ? 2478 ARG A CD  1 
ATOM   1036 N NE  . ARG A 1 135 ? 14.711  8.781   9.897   1.00 41.27  ? 2478 ARG A NE  1 
ATOM   1037 C CZ  . ARG A 1 135 ? 14.346  9.483   10.968  1.00 39.00  ? 2478 ARG A CZ  1 
ATOM   1038 N NH1 . ARG A 1 135 ? 13.066  9.593   11.304  1.00 40.96  ? 2478 ARG A NH1 1 
ATOM   1039 N NH2 . ARG A 1 135 ? 15.263  10.095  11.697  1.00 36.56  ? 2478 ARG A NH2 1 
ATOM   1040 N N   . PHE A 1 136 ? 9.031   9.099   5.174   1.00 53.21  ? 2479 PHE A N   1 
ATOM   1041 C CA  . PHE A 1 136 ? 8.318   8.587   4.002   1.00 56.47  ? 2479 PHE A CA  1 
ATOM   1042 C C   . PHE A 1 136 ? 9.122   8.816   2.720   1.00 56.27  ? 2479 PHE A C   1 
ATOM   1043 O O   . PHE A 1 136 ? 9.093   8.005   1.794   1.00 55.94  ? 2479 PHE A O   1 
ATOM   1044 C CB  . PHE A 1 136 ? 6.930   9.249   3.887   1.00 62.21  ? 2479 PHE A CB  1 
ATOM   1045 C CG  . PHE A 1 136 ? 6.968   10.757  3.815   1.00 72.06  ? 2479 PHE A CG  1 
ATOM   1046 C CD1 . PHE A 1 136 ? 7.443   11.410  2.680   1.00 76.98  ? 2479 PHE A CD1 1 
ATOM   1047 C CD2 . PHE A 1 136 ? 6.547   11.528  4.896   1.00 78.30  ? 2479 PHE A CD2 1 
ATOM   1048 C CE1 . PHE A 1 136 ? 7.500   12.807  2.625   1.00 80.20  ? 2479 PHE A CE1 1 
ATOM   1049 C CE2 . PHE A 1 136 ? 6.601   12.926  4.851   1.00 80.24  ? 2479 PHE A CE2 1 
ATOM   1050 C CZ  . PHE A 1 136 ? 7.079   13.563  3.714   1.00 80.79  ? 2479 PHE A CZ  1 
ATOM   1051 N N   . SER A 1 137 ? 9.852   9.922   2.682   1.00 56.27  ? 2480 SER A N   1 
ATOM   1052 C CA  . SER A 1 137 ? 10.662  10.275  1.525   1.00 56.44  ? 2480 SER A CA  1 
ATOM   1053 C C   . SER A 1 137 ? 11.914  9.401   1.398   1.00 57.20  ? 2480 SER A C   1 
ATOM   1054 O O   . SER A 1 137 ? 12.617  9.458   0.387   1.00 58.05  ? 2480 SER A O   1 
ATOM   1055 C CB  . SER A 1 137 ? 11.079  11.747  1.625   1.00 56.41  ? 2480 SER A CB  1 
ATOM   1056 O OG  . SER A 1 137 ? 11.855  11.988  2.794   1.00 49.02  ? 2480 SER A OG  1 
ATOM   1057 N N   . GLU A 1 138 ? 12.184  8.586   2.417   1.00 57.06  ? 2481 GLU A N   1 
ATOM   1058 C CA  . GLU A 1 138 ? 13.372  7.739   2.415   1.00 54.77  ? 2481 GLU A CA  1 
ATOM   1059 C C   . GLU A 1 138 ? 13.192  6.277   2.011   1.00 53.01  ? 2481 GLU A C   1 
ATOM   1060 O O   . GLU A 1 138 ? 12.082  5.732   2.001   1.00 50.78  ? 2481 GLU A O   1 
ATOM   1061 C CB  . GLU A 1 138 ? 14.046  7.791   3.786   1.00 54.55  ? 2481 GLU A CB  1 
ATOM   1062 C CG  . GLU A 1 138 ? 14.425  9.185   4.243   1.00 59.74  ? 2481 GLU A CG  1 
ATOM   1063 C CD  . GLU A 1 138 ? 15.112  9.990   3.160   1.00 61.66  ? 2481 GLU A CD  1 
ATOM   1064 O OE1 . GLU A 1 138 ? 16.114  9.501   2.592   1.00 63.98  ? 2481 GLU A OE1 1 
ATOM   1065 O OE2 . GLU A 1 138 ? 14.646  11.115  2.882   1.00 62.13  ? 2481 GLU A OE2 1 
ATOM   1066 N N   . THR A 1 139 ? 14.321  5.652   1.694   1.00 51.55  ? 2482 THR A N   1 
ATOM   1067 C CA  . THR A 1 139 ? 14.367  4.257   1.282   1.00 51.38  ? 2482 THR A CA  1 
ATOM   1068 C C   . THR A 1 139 ? 14.746  3.333   2.430   1.00 50.32  ? 2482 THR A C   1 
ATOM   1069 O O   . THR A 1 139 ? 15.782  3.511   3.070   1.00 51.60  ? 2482 THR A O   1 
ATOM   1070 C CB  . THR A 1 139 ? 15.385  4.042   0.139   1.00 51.74  ? 2482 THR A CB  1 
ATOM   1071 O OG1 . THR A 1 139 ? 15.492  2.646   -0.150  1.00 52.82  ? 2482 THR A OG1 1 
ATOM   1072 C CG2 . THR A 1 139 ? 16.753  4.566   0.536   1.00 55.48  ? 2482 THR A CG2 1 
ATOM   1073 N N   . PHE A 1 140 ? 13.896  2.346   2.691   1.00 49.04  ? 2483 PHE A N   1 
ATOM   1074 C CA  . PHE A 1 140 ? 14.151  1.376   3.747   1.00 47.86  ? 2483 PHE A CA  1 
ATOM   1075 C C   . PHE A 1 140 ? 14.545  0.053   3.105   1.00 47.37  ? 2483 PHE A C   1 
ATOM   1076 O O   . PHE A 1 140 ? 14.652  -0.053  1.881   1.00 46.97  ? 2483 PHE A O   1 
ATOM   1077 C CB  . PHE A 1 140 ? 12.903  1.167   4.605   1.00 45.86  ? 2483 PHE A CB  1 
ATOM   1078 C CG  . PHE A 1 140 ? 12.615  2.296   5.556   1.00 45.22  ? 2483 PHE A CG  1 
ATOM   1079 C CD1 . PHE A 1 140 ? 12.571  3.616   5.108   1.00 42.84  ? 2483 PHE A CD1 1 
ATOM   1080 C CD2 . PHE A 1 140 ? 12.352  2.033   6.899   1.00 42.50  ? 2483 PHE A CD2 1 
ATOM   1081 C CE1 . PHE A 1 140 ? 12.270  4.654   5.981   1.00 37.52  ? 2483 PHE A CE1 1 
ATOM   1082 C CE2 . PHE A 1 140 ? 12.048  3.065   7.780   1.00 38.96  ? 2483 PHE A CE2 1 
ATOM   1083 C CZ  . PHE A 1 140 ? 12.008  4.377   7.320   1.00 41.48  ? 2483 PHE A CZ  1 
ATOM   1084 N N   . GLN A 1 141 ? 14.779  -0.948  3.944   1.00 46.73  ? 2484 GLN A N   1 
ATOM   1085 C CA  . GLN A 1 141 ? 15.143  -2.268  3.467   1.00 46.59  ? 2484 GLN A CA  1 
ATOM   1086 C C   . GLN A 1 141 ? 14.430  -3.337  4.266   1.00 46.37  ? 2484 GLN A C   1 
ATOM   1087 O O   . GLN A 1 141 ? 14.168  -3.177  5.455   1.00 45.40  ? 2484 GLN A O   1 
ATOM   1088 C CB  . GLN A 1 141 ? 16.659  -2.484  3.522   1.00 45.34  ? 2484 GLN A CB  1 
ATOM   1089 C CG  . GLN A 1 141 ? 17.367  -1.918  2.309   1.00 52.18  ? 2484 GLN A CG  1 
ATOM   1090 C CD  . GLN A 1 141 ? 18.772  -2.455  2.136   1.00 59.33  ? 2484 GLN A CD  1 
ATOM   1091 O OE1 . GLN A 1 141 ? 19.645  -2.223  2.968   1.00 64.82  ? 2484 GLN A OE1 1 
ATOM   1092 N NE2 . GLN A 1 141 ? 18.997  -3.182  1.045   1.00 62.69  ? 2484 GLN A NE2 1 
ATOM   1093 N N   . VAL A 1 142 ? 14.101  -4.423  3.583   1.00 46.92  ? 2485 VAL A N   1 
ATOM   1094 C CA  . VAL A 1 142 ? 13.412  -5.537  4.199   1.00 46.92  ? 2485 VAL A CA  1 
ATOM   1095 C C   . VAL A 1 142 ? 13.997  -6.868  3.751   1.00 48.35  ? 2485 VAL A C   1 
ATOM   1096 O O   . VAL A 1 142 ? 14.548  -7.002  2.650   1.00 46.93  ? 2485 VAL A O   1 
ATOM   1097 C CB  . VAL A 1 142 ? 11.905  -5.534  3.839   1.00 45.04  ? 2485 VAL A CB  1 
ATOM   1098 C CG1 . VAL A 1 142 ? 11.144  -4.595  4.748   1.00 45.68  ? 2485 VAL A CG1 1 
ATOM   1099 C CG2 . VAL A 1 142 ? 11.724  -5.101  2.396   1.00 39.30  ? 2485 VAL A CG2 1 
ATOM   1100 N N   . GLU A 1 143 ? 13.898  -7.845  4.638   1.00 50.13  ? 2486 GLU A N   1 
ATOM   1101 C CA  . GLU A 1 143 ? 14.343  -9.186  4.340   1.00 51.82  ? 2486 GLU A CA  1 
ATOM   1102 C C   . GLU A 1 143 ? 13.082  -9.987  4.655   1.00 51.32  ? 2486 GLU A C   1 
ATOM   1103 O O   . GLU A 1 143 ? 12.634  -10.047 5.809   1.00 51.27  ? 2486 GLU A O   1 
ATOM   1104 C CB  . GLU A 1 143 ? 15.540  -9.586  5.222   1.00 54.84  ? 2486 GLU A CB  1 
ATOM   1105 C CG  . GLU A 1 143 ? 15.229  -10.075 6.624   1.00 62.85  ? 2486 GLU A CG  1 
ATOM   1106 C CD  . GLU A 1 143 ? 16.366  -10.913 7.193   1.00 67.25  ? 2486 GLU A CD  1 
ATOM   1107 O OE1 . GLU A 1 143 ? 16.869  -11.791 6.456   1.00 65.78  ? 2486 GLU A OE1 1 
ATOM   1108 O OE2 . GLU A 1 143 ? 16.750  -10.705 8.366   1.00 66.07  ? 2486 GLU A OE2 1 
ATOM   1109 N N   . ILE A 1 144 ? 12.479  -10.547 3.609   1.00 51.20  ? 2487 ILE A N   1 
ATOM   1110 C CA  . ILE A 1 144 ? 11.239  -11.303 3.759   1.00 51.21  ? 2487 ILE A CA  1 
ATOM   1111 C C   . ILE A 1 144 ? 11.491  -12.663 4.375   1.00 49.47  ? 2487 ILE A C   1 
ATOM   1112 O O   . ILE A 1 144 ? 12.071  -13.542 3.742   1.00 52.59  ? 2487 ILE A O   1 
ATOM   1113 C CB  . ILE A 1 144 ? 10.509  -11.506 2.400   1.00 54.69  ? 2487 ILE A CB  1 
ATOM   1114 C CG1 . ILE A 1 144 ? 10.267  -10.162 1.706   1.00 57.84  ? 2487 ILE A CG1 1 
ATOM   1115 C CG2 . ILE A 1 144 ? 9.162   -12.177 2.635   1.00 55.01  ? 2487 ILE A CG2 1 
ATOM   1116 C CD1 . ILE A 1 144 ? 11.505  -9.525  1.104   1.00 61.09  ? 2487 ILE A CD1 1 
ATOM   1117 N N   . LEU A 1 145 ? 11.045  -12.834 5.612   1.00 47.74  ? 2488 LEU A N   1 
ATOM   1118 C CA  . LEU A 1 145 ? 11.236  -14.097 6.299   1.00 47.43  ? 2488 LEU A CA  1 
ATOM   1119 C C   . LEU A 1 145 ? 10.259  -15.133 5.758   1.00 47.83  ? 2488 LEU A C   1 
ATOM   1120 O O   . LEU A 1 145 ? 10.579  -16.314 5.651   1.00 48.64  ? 2488 LEU A O   1 
ATOM   1121 C CB  . LEU A 1 145 ? 11.037  -13.908 7.807   1.00 45.70  ? 2488 LEU A CB  1 
ATOM   1122 C CG  . LEU A 1 145 ? 11.861  -12.776 8.451   1.00 50.14  ? 2488 LEU A CG  1 
ATOM   1123 C CD1 . LEU A 1 145 ? 11.725  -12.880 9.960   1.00 44.77  ? 2488 LEU A CD1 1 
ATOM   1124 C CD2 . LEU A 1 145 ? 13.348  -12.843 8.040   1.00 41.75  ? 2488 LEU A CD2 1 
ATOM   1125 N N   . ALA A 1 146 ? 9.070   -14.674 5.395   1.00 46.87  ? 2489 ALA A N   1 
ATOM   1126 C CA  . ALA A 1 146 ? 8.046   -15.555 4.873   1.00 44.78  ? 2489 ALA A CA  1 
ATOM   1127 C C   . ALA A 1 146 ? 6.828   -14.750 4.450   1.00 43.67  ? 2489 ALA A C   1 
ATOM   1128 O O   . ALA A 1 146 ? 6.772   -13.535 4.645   1.00 41.89  ? 2489 ALA A O   1 
ATOM   1129 C CB  . ALA A 1 146 ? 7.646   -16.568 5.942   1.00 41.83  ? 2489 ALA A CB  1 
ATOM   1130 N N   . THR A 1 147 ? 5.859   -15.439 3.859   1.00 41.68  ? 2490 THR A N   1 
ATOM   1131 C CA  . THR A 1 147 ? 4.624   -14.809 3.447   1.00 39.87  ? 2490 THR A CA  1 
ATOM   1132 C C   . THR A 1 147 ? 3.506   -15.748 3.880   1.00 40.37  ? 2490 THR A C   1 
ATOM   1133 O O   . THR A 1 147 ? 3.403   -16.887 3.421   1.00 39.99  ? 2490 THR A O   1 
ATOM   1134 C CB  . THR A 1 147 ? 4.588   -14.556 1.920   1.00 38.89  ? 2490 THR A CB  1 
ATOM   1135 O OG1 . THR A 1 147 ? 3.562   -15.355 1.320   1.00 45.20  ? 2490 THR A OG1 1 
ATOM   1136 C CG2 . THR A 1 147 ? 5.943   -14.873 1.293   1.00 32.40  ? 2490 THR A CG2 1 
ATOM   1137 N N   . LYS A 1 148 ? 2.688   -15.272 4.808   1.00 41.00  ? 2491 LYS A N   1 
ATOM   1138 C CA  . LYS A 1 148 ? 1.594   -16.069 5.322   1.00 41.14  ? 2491 LYS A CA  1 
ATOM   1139 C C   . LYS A 1 148 ? 0.576   -16.376 4.237   1.00 40.81  ? 2491 LYS A C   1 
ATOM   1140 O O   . LYS A 1 148 ? 0.573   -15.759 3.173   1.00 40.87  ? 2491 LYS A O   1 
ATOM   1141 C CB  . LYS A 1 148 ? 0.934   -15.348 6.496   1.00 44.61  ? 2491 LYS A CB  1 
ATOM   1142 C CG  . LYS A 1 148 ? 1.907   -15.009 7.637   1.00 46.41  ? 2491 LYS A CG  1 
ATOM   1143 C CD  . LYS A 1 148 ? 1.161   -14.576 8.895   1.00 47.76  ? 2491 LYS A CD  1 
ATOM   1144 C CE  . LYS A 1 148 ? 0.237   -13.404 8.592   1.00 53.95  ? 2491 LYS A CE  1 
ATOM   1145 N NZ  . LYS A 1 148 ? -0.640  -13.020 9.726   1.00 49.23  ? 2491 LYS A NZ  1 
ATOM   1146 N N   . GLY A 1 149 ? -0.286  -17.346 4.515   1.00 40.47  ? 2492 GLY A N   1 
ATOM   1147 C CA  . GLY A 1 149 ? -1.288  -17.749 3.550   1.00 40.53  ? 2492 GLY A CA  1 
ATOM   1148 C C   . GLY A 1 149 ? -2.195  -16.612 3.160   1.00 40.68  ? 2492 GLY A C   1 
ATOM   1149 O O   . GLY A 1 149 ? -3.063  -16.763 2.304   1.00 43.78  ? 2492 GLY A O   1 
ATOM   1150 N N   . THR A 1 150 ? -2.001  -15.468 3.795   1.00 40.95  ? 2493 THR A N   1 
ATOM   1151 C CA  . THR A 1 150 ? -2.812  -14.296 3.503   1.00 40.40  ? 2493 THR A CA  1 
ATOM   1152 C C   . THR A 1 150 ? -2.121  -13.396 2.482   1.00 39.65  ? 2493 THR A C   1 
ATOM   1153 O O   . THR A 1 150 ? -2.740  -12.518 1.898   1.00 40.25  ? 2493 THR A O   1 
ATOM   1154 C CB  . THR A 1 150 ? -3.097  -13.500 4.796   1.00 41.45  ? 2493 THR A CB  1 
ATOM   1155 O OG1 . THR A 1 150 ? -1.869  -13.249 5.490   1.00 43.19  ? 2493 THR A OG1 1 
ATOM   1156 C CG2 . THR A 1 150 ? -4.024  -14.282 5.699   1.00 35.70  ? 2493 THR A CG2 1 
ATOM   1157 N N   . GLY A 1 151 ? -0.833  -13.632 2.265   1.00 40.19  ? 2494 GLY A N   1 
ATOM   1158 C CA  . GLY A 1 151 ? -0.083  -12.830 1.318   1.00 41.10  ? 2494 GLY A CA  1 
ATOM   1159 C C   . GLY A 1 151 ? 0.863   -11.881 2.030   1.00 41.12  ? 2494 GLY A C   1 
ATOM   1160 O O   . GLY A 1 151 ? 1.829   -11.379 1.441   1.00 40.12  ? 2494 GLY A O   1 
ATOM   1161 N N   . THR A 1 152 ? 0.577   -11.639 3.308   1.00 40.67  ? 2495 THR A N   1 
ATOM   1162 C CA  . THR A 1 152 ? 1.390   -10.755 4.134   1.00 39.92  ? 2495 THR A CA  1 
ATOM   1163 C C   . THR A 1 152 ? 2.761   -11.328 4.445   1.00 38.85  ? 2495 THR A C   1 
ATOM   1164 O O   . THR A 1 152 ? 2.896   -12.452 4.929   1.00 38.23  ? 2495 THR A O   1 
ATOM   1165 C CB  . THR A 1 152 ? 0.702   -10.447 5.462   1.00 37.60  ? 2495 THR A CB  1 
ATOM   1166 O OG1 . THR A 1 152 ? -0.083  -11.578 5.853   1.00 44.56  ? 2495 THR A OG1 1 
ATOM   1167 C CG2 . THR A 1 152 ? -0.182  -9.244  5.336   1.00 33.94  ? 2495 THR A CG2 1 
ATOM   1168 N N   . HIS A 1 153 ? 3.779   -10.537 4.149   1.00 38.65  ? 2496 HIS A N   1 
ATOM   1169 C CA  . HIS A 1 153 ? 5.143   -10.926 4.419   1.00 39.52  ? 2496 HIS A CA  1 
ATOM   1170 C C   . HIS A 1 153 ? 5.387   -10.742 5.907   1.00 40.34  ? 2496 HIS A C   1 
ATOM   1171 O O   . HIS A 1 153 ? 4.812   -9.850  6.532   1.00 41.35  ? 2496 HIS A O   1 
ATOM   1172 C CB  . HIS A 1 153 ? 6.132   -10.008 3.688   1.00 39.22  ? 2496 HIS A CB  1 
ATOM   1173 C CG  . HIS A 1 153 ? 6.207   -10.214 2.212   1.00 41.65  ? 2496 HIS A CG  1 
ATOM   1174 N ND1 . HIS A 1 153 ? 6.356   -11.464 1.638   1.00 47.72  ? 2496 HIS A ND1 1 
ATOM   1175 C CD2 . HIS A 1 153 ? 6.242   -9.332  1.188   1.00 41.19  ? 2496 HIS A CD2 1 
ATOM   1176 C CE1 . HIS A 1 153 ? 6.482   -11.333 0.329   1.00 39.68  ? 2496 HIS A CE1 1 
ATOM   1177 N NE2 . HIS A 1 153 ? 6.418   -10.049 0.032   1.00 40.38  ? 2496 HIS A NE2 1 
ATOM   1178 N N   . VAL A 1 154 ? 6.216   -11.604 6.479   1.00 42.23  ? 2497 VAL A N   1 
ATOM   1179 C CA  . VAL A 1 154 ? 6.613   -11.445 7.872   1.00 42.54  ? 2497 VAL A CA  1 
ATOM   1180 C C   . VAL A 1 154 ? 8.030   -10.938 7.613   1.00 43.63  ? 2497 VAL A C   1 
ATOM   1181 O O   . VAL A 1 154 ? 8.787   -11.570 6.870   1.00 43.29  ? 2497 VAL A O   1 
ATOM   1182 C CB  . VAL A 1 154 ? 6.650   -12.776 8.633   1.00 41.60  ? 2497 VAL A CB  1 
ATOM   1183 C CG1 . VAL A 1 154 ? 7.183   -12.542 10.039  1.00 42.08  ? 2497 VAL A CG1 1 
ATOM   1184 C CG2 . VAL A 1 154 ? 5.256   -13.370 8.704   1.00 36.03  ? 2497 VAL A CG2 1 
ATOM   1185 N N   . VAL A 1 155 ? 8.397   -9.799  8.189   1.00 45.33  ? 2498 VAL A N   1 
ATOM   1186 C CA  . VAL A 1 155 ? 9.716   -9.254  7.895   1.00 46.62  ? 2498 VAL A CA  1 
ATOM   1187 C C   . VAL A 1 155 ? 10.521  -8.615  9.019   1.00 48.80  ? 2498 VAL A C   1 
ATOM   1188 O O   . VAL A 1 155 ? 10.063  -8.459  10.155  1.00 47.19  ? 2498 VAL A O   1 
ATOM   1189 C CB  . VAL A 1 155 ? 9.608   -8.181  6.785   1.00 45.44  ? 2498 VAL A CB  1 
ATOM   1190 C CG1 . VAL A 1 155 ? 8.832   -8.720  5.596   1.00 45.24  ? 2498 VAL A CG1 1 
ATOM   1191 C CG2 . VAL A 1 155 ? 8.926   -6.945  7.338   1.00 37.55  ? 2498 VAL A CG2 1 
ATOM   1192 N N   . ARG A 1 156 ? 11.749  -8.258  8.654   1.00 50.93  ? 2499 ARG A N   1 
ATOM   1193 C CA  . ARG A 1 156 ? 12.665  -7.555  9.533   1.00 53.80  ? 2499 ARG A CA  1 
ATOM   1194 C C   . ARG A 1 156 ? 12.803  -6.230  8.803   1.00 53.62  ? 2499 ARG A C   1 
ATOM   1195 O O   . ARG A 1 156 ? 12.972  -6.202  7.582   1.00 51.25  ? 2499 ARG A O   1 
ATOM   1196 C CB  . ARG A 1 156 ? 14.034  -8.233  9.605   1.00 58.62  ? 2499 ARG A CB  1 
ATOM   1197 C CG  . ARG A 1 156 ? 14.102  -9.481  10.459  1.00 70.39  ? 2499 ARG A CG  1 
ATOM   1198 C CD  . ARG A 1 156 ? 15.556  -9.873  10.688  1.00 82.60  ? 2499 ARG A CD  1 
ATOM   1199 N NE  . ARG A 1 156 ? 15.702  -11.206 11.267  1.00 91.75  ? 2499 ARG A NE  1 
ATOM   1200 C CZ  . ARG A 1 156 ? 15.218  -11.566 12.452  1.00 95.24  ? 2499 ARG A CZ  1 
ATOM   1201 N NH1 . ARG A 1 156 ? 14.551  -10.693 13.194  1.00 95.42  ? 2499 ARG A NH1 1 
ATOM   1202 N NH2 . ARG A 1 156 ? 15.406  -12.803 12.896  1.00 99.21  ? 2499 ARG A NH2 1 
ATOM   1203 N N   . LEU A 1 157 ? 12.721  -5.132  9.543   1.00 54.21  ? 2500 LEU A N   1 
ATOM   1204 C CA  . LEU A 1 157 ? 12.824  -3.815  8.935   1.00 53.79  ? 2500 LEU A CA  1 
ATOM   1205 C C   . LEU A 1 157 ? 14.179  -3.164  9.209   1.00 53.72  ? 2500 LEU A C   1 
ATOM   1206 O O   . LEU A 1 157 ? 14.664  -3.159  10.336  1.00 50.82  ? 2500 LEU A O   1 
ATOM   1207 C CB  . LEU A 1 157 ? 11.683  -2.934  9.452   1.00 55.43  ? 2500 LEU A CB  1 
ATOM   1208 C CG  . LEU A 1 157 ? 11.338  -1.641  8.711   1.00 51.34  ? 2500 LEU A CG  1 
ATOM   1209 C CD1 . LEU A 1 157 ? 11.337  -1.866  7.209   1.00 50.11  ? 2500 LEU A CD1 1 
ATOM   1210 C CD2 . LEU A 1 157 ? 9.979   -1.168  9.191   1.00 46.91  ? 2500 LEU A CD2 1 
ATOM   1211 N N   . PHE A 1 158 ? 14.787  -2.625  8.160   1.00 55.46  ? 2501 PHE A N   1 
ATOM   1212 C CA  . PHE A 1 158 ? 16.083  -1.978  8.281   1.00 58.70  ? 2501 PHE A CA  1 
ATOM   1213 C C   . PHE A 1 158 ? 16.101  -0.570  7.716   1.00 59.34  ? 2501 PHE A C   1 
ATOM   1214 O O   . PHE A 1 158 ? 15.482  -0.289  6.693   1.00 58.86  ? 2501 PHE A O   1 
ATOM   1215 C CB  . PHE A 1 158 ? 17.173  -2.795  7.575   1.00 62.36  ? 2501 PHE A CB  1 
ATOM   1216 C CG  . PHE A 1 158 ? 17.393  -4.157  8.166   1.00 68.73  ? 2501 PHE A CG  1 
ATOM   1217 C CD1 . PHE A 1 158 ? 16.778  -5.279  7.612   1.00 72.15  ? 2501 PHE A CD1 1 
ATOM   1218 C CD2 . PHE A 1 158 ? 18.191  -4.316  9.296   1.00 70.36  ? 2501 PHE A CD2 1 
ATOM   1219 C CE1 . PHE A 1 158 ? 16.957  -6.539  8.173   1.00 72.38  ? 2501 PHE A CE1 1 
ATOM   1220 C CE2 . PHE A 1 158 ? 18.377  -5.571  9.866   1.00 72.89  ? 2501 PHE A CE2 1 
ATOM   1221 C CZ  . PHE A 1 158 ? 17.757  -6.685  9.305   1.00 74.09  ? 2501 PHE A CZ  1 
ATOM   1222 N N   . TYR A 1 159 ? 16.810  0.316   8.403   1.00 61.06  ? 2502 TYR A N   1 
ATOM   1223 C CA  . TYR A 1 159 ? 16.955  1.687   7.949   1.00 62.93  ? 2502 TYR A CA  1 
ATOM   1224 C C   . TYR A 1 159 ? 18.442  1.998   7.979   1.00 64.24  ? 2502 TYR A C   1 
ATOM   1225 O O   . TYR A 1 159 ? 19.046  2.072   9.044   1.00 63.61  ? 2502 TYR A O   1 
ATOM   1226 C CB  . TYR A 1 159 ? 16.199  2.671   8.845   1.00 60.50  ? 2502 TYR A CB  1 
ATOM   1227 C CG  . TYR A 1 159 ? 16.240  4.068   8.276   1.00 62.45  ? 2502 TYR A CG  1 
ATOM   1228 C CD1 . TYR A 1 159 ? 15.702  4.333   7.016   1.00 64.32  ? 2502 TYR A CD1 1 
ATOM   1229 C CD2 . TYR A 1 159 ? 16.896  5.102   8.943   1.00 60.97  ? 2502 TYR A CD2 1 
ATOM   1230 C CE1 . TYR A 1 159 ? 15.825  5.588   6.426   1.00 62.68  ? 2502 TYR A CE1 1 
ATOM   1231 C CE2 . TYR A 1 159 ? 17.025  6.367   8.358   1.00 59.26  ? 2502 TYR A CE2 1 
ATOM   1232 C CZ  . TYR A 1 159 ? 16.489  6.599   7.096   1.00 61.36  ? 2502 TYR A CZ  1 
ATOM   1233 O OH  . TYR A 1 159 ? 16.627  7.830   6.485   1.00 60.61  ? 2502 TYR A OH  1 
ATOM   1234 N N   . GLN A 1 160 ? 19.035  2.158   6.804   1.00 66.19  ? 2503 GLN A N   1 
ATOM   1235 C CA  . GLN A 1 160 ? 20.459  2.450   6.702   1.00 68.71  ? 2503 GLN A CA  1 
ATOM   1236 C C   . GLN A 1 160 ? 21.311  1.415   7.437   1.00 68.86  ? 2503 GLN A C   1 
ATOM   1237 O O   . GLN A 1 160 ? 22.278  1.765   8.117   1.00 68.69  ? 2503 GLN A O   1 
ATOM   1238 C CB  . GLN A 1 160 ? 20.757  3.843   7.260   1.00 71.56  ? 2503 GLN A CB  1 
ATOM   1239 C CG  . GLN A 1 160 ? 20.066  4.974   6.529   1.00 76.55  ? 2503 GLN A CG  1 
ATOM   1240 C CD  . GLN A 1 160 ? 20.411  6.327   7.114   1.00 79.62  ? 2503 GLN A CD  1 
ATOM   1241 O OE1 . GLN A 1 160 ? 20.203  6.570   8.305   1.00 81.54  ? 2503 GLN A OE1 1 
ATOM   1242 N NE2 . GLN A 1 160 ? 20.943  7.217   6.280   1.00 79.33  ? 2503 GLN A NE2 1 
ATOM   1243 N N   . SER A 1 161 ? 20.939  0.145   7.304   1.00 68.98  ? 2504 SER A N   1 
ATOM   1244 C CA  . SER A 1 161 ? 21.667  -0.963  7.925   1.00 68.78  ? 2504 SER A CA  1 
ATOM   1245 C C   . SER A 1 161 ? 21.297  -1.230  9.380   1.00 67.36  ? 2504 SER A C   1 
ATOM   1246 O O   . SER A 1 161 ? 21.778  -2.191  9.971   1.00 68.01  ? 2504 SER A O   1 
ATOM   1247 C CB  . SER A 1 161 ? 23.187  -0.733  7.834   1.00 70.11  ? 2504 SER A CB  1 
ATOM   1248 O OG  . SER A 1 161 ? 23.616  -0.552  6.493   1.00 72.62  ? 2504 SER A OG  1 
ATOM   1249 N N   . LYS A 1 162 ? 20.443  -0.396  9.959   1.00 66.15  ? 2505 LYS A N   1 
ATOM   1250 C CA  . LYS A 1 162 ? 20.063  -0.590  11.353  1.00 65.34  ? 2505 LYS A CA  1 
ATOM   1251 C C   . LYS A 1 162 ? 18.650  -1.131  11.482  1.00 65.12  ? 2505 LYS A C   1 
ATOM   1252 O O   . LYS A 1 162 ? 17.734  -0.666  10.812  1.00 66.53  ? 2505 LYS A O   1 
ATOM   1253 C CB  . LYS A 1 162 ? 20.189  0.723   12.116  1.00 66.48  ? 2505 LYS A CB  1 
ATOM   1254 N N   . ASN A 1 163 ? 18.475  -2.117  12.351  1.00 65.28  ? 2506 ASN A N   1 
ATOM   1255 C CA  . ASN A 1 163 ? 17.164  -2.703  12.545  1.00 66.08  ? 2506 ASN A CA  1 
ATOM   1256 C C   . ASN A 1 163 ? 16.304  -1.796  13.407  1.00 67.30  ? 2506 ASN A C   1 
ATOM   1257 O O   . ASN A 1 163 ? 16.648  -1.480  14.541  1.00 67.71  ? 2506 ASN A O   1 
ATOM   1258 C CB  . ASN A 1 163 ? 17.289  -4.086  13.185  1.00 66.96  ? 2506 ASN A CB  1 
ATOM   1259 C CG  . ASN A 1 163 ? 15.948  -4.775  13.355  1.00 62.35  ? 2506 ASN A CG  1 
ATOM   1260 O OD1 . ASN A 1 163 ? 15.155  -4.411  14.220  1.00 53.38  ? 2506 ASN A OD1 1 
ATOM   1261 N ND2 . ASN A 1 163 ? 15.686  -5.771  12.517  1.00 63.90  ? 2506 ASN A ND2 1 
ATOM   1262 N N   . ILE A 1 164 ? 15.176  -1.387  12.846  1.00 69.38  ? 2507 ILE A N   1 
ATOM   1263 C CA  . ILE A 1 164 ? 14.231  -0.502  13.509  1.00 72.20  ? 2507 ILE A CA  1 
ATOM   1264 C C   . ILE A 1 164 ? 13.663  -1.040  14.824  1.00 74.19  ? 2507 ILE A C   1 
ATOM   1265 O O   . ILE A 1 164 ? 13.224  -0.261  15.667  1.00 74.08  ? 2507 ILE A O   1 
ATOM   1266 C CB  . ILE A 1 164 ? 13.067  -0.146  12.543  1.00 72.17  ? 2507 ILE A CB  1 
ATOM   1267 C CG1 . ILE A 1 164 ? 13.564  0.816   11.463  1.00 71.11  ? 2507 ILE A CG1 1 
ATOM   1268 C CG2 . ILE A 1 164 ? 11.915  0.491   13.300  1.00 74.18  ? 2507 ILE A CG2 1 
ATOM   1269 C CD1 . ILE A 1 164 ? 14.693  0.278   10.615  1.00 71.71  ? 2507 ILE A CD1 1 
ATOM   1270 N N   . SER A 1 165 ? 13.660  -2.359  15.007  1.00 76.49  ? 2508 SER A N   1 
ATOM   1271 C CA  . SER A 1 165 ? 13.144  -2.931  16.252  1.00 78.23  ? 2508 SER A CA  1 
ATOM   1272 C C   . SER A 1 165 ? 13.892  -2.288  17.414  1.00 79.49  ? 2508 SER A C   1 
ATOM   1273 O O   . SER A 1 165 ? 13.359  -2.141  18.509  1.00 78.14  ? 2508 SER A O   1 
ATOM   1274 C CB  . SER A 1 165 ? 13.339  -4.446  16.273  1.00 79.62  ? 2508 SER A CB  1 
ATOM   1275 N N   . GLU A 1 166 ? 15.137  -1.901  17.154  1.00 81.32  ? 2509 GLU A N   1 
ATOM   1276 C CA  . GLU A 1 166 ? 15.979  -1.249  18.144  1.00 84.34  ? 2509 GLU A CA  1 
ATOM   1277 C C   . GLU A 1 166 ? 15.258  -0.001  18.664  1.00 85.77  ? 2509 GLU A C   1 
ATOM   1278 O O   . GLU A 1 166 ? 15.644  0.579   19.678  1.00 86.97  ? 2509 GLU A O   1 
ATOM   1279 C CB  . GLU A 1 166 ? 17.316  -0.878  17.496  1.00 82.98  ? 2509 GLU A CB  1 
ATOM   1280 C CG  . GLU A 1 166 ? 18.321  -0.179  18.392  1.00 86.48  ? 2509 GLU A CG  1 
ATOM   1281 C CD  . GLU A 1 166 ? 17.997  1.285   18.616  1.00 89.02  ? 2509 GLU A CD  1 
ATOM   1282 O OE1 . GLU A 1 166 ? 17.678  1.981   17.628  1.00 90.41  ? 2509 GLU A OE1 1 
ATOM   1283 O OE2 . GLU A 1 166 ? 18.072  1.740   19.778  1.00 91.95  ? 2509 GLU A OE2 1 
ATOM   1284 N N   . LYS A 1 167 ? 14.199  0.397   17.965  1.00 87.50  ? 2510 LYS A N   1 
ATOM   1285 C CA  . LYS A 1 167 ? 13.416  1.565   18.346  1.00 89.03  ? 2510 LYS A CA  1 
ATOM   1286 C C   . LYS A 1 167 ? 12.199  1.172   19.180  1.00 90.61  ? 2510 LYS A C   1 
ATOM   1287 O O   . LYS A 1 167 ? 11.221  1.915   19.262  1.00 89.24  ? 2510 LYS A O   1 
ATOM   1288 C CB  . LYS A 1 167 ? 12.977  2.330   17.100  1.00 89.35  ? 2510 LYS A CB  1 
ATOM   1289 N N   . LEU A 1 168 ? 12.258  -0.008  19.787  1.00 92.78  ? 2511 LEU A N   1 
ATOM   1290 C CA  . LEU A 1 168 ? 11.178  -0.483  20.643  1.00 94.20  ? 2511 LEU A CA  1 
ATOM   1291 C C   . LEU A 1 168 ? 11.798  -0.761  22.008  1.00 96.43  ? 2511 LEU A C   1 
ATOM   1292 O O   . LEU A 1 168 ? 11.097  -1.026  22.984  1.00 96.44  ? 2511 LEU A O   1 
ATOM   1293 C CB  . LEU A 1 168 ? 10.534  -1.757  20.066  1.00 94.35  ? 2511 LEU A CB  1 
ATOM   1294 C CG  . LEU A 1 168 ? 11.292  -3.091  19.997  1.00 94.61  ? 2511 LEU A CG  1 
ATOM   1295 C CD1 . LEU A 1 168 ? 11.328  -3.771  21.359  1.00 91.02  ? 2511 LEU A CD1 1 
ATOM   1296 C CD2 . LEU A 1 168 ? 10.599  -3.995  18.992  1.00 95.59  ? 2511 LEU A CD2 1 
ATOM   1297 N N   . GLN A 1 169 ? 13.128  -0.685  22.054  1.00 97.75  ? 2512 GLN A N   1 
ATOM   1298 C CA  . GLN A 1 169 ? 13.900  -0.911  23.272  1.00 98.73  ? 2512 GLN A CA  1 
ATOM   1299 C C   . GLN A 1 169 ? 15.075  0.064   23.323  1.00 99.20  ? 2512 GLN A C   1 
ATOM   1300 O O   . GLN A 1 169 ? 15.315  0.807   22.369  1.00 99.61  ? 2512 GLN A O   1 
ATOM   1301 C CB  . GLN A 1 169 ? 14.410  -2.344  23.311  1.00 99.17  ? 2512 GLN A CB  1 
ATOM   1302 N N   . GLU A 1 170 ? 15.809  0.058   24.431  1.00 100.00 ? 2513 GLU A N   1 
ATOM   1303 C CA  . GLU A 1 170 ? 16.954  0.950   24.593  1.00 100.00 ? 2513 GLU A CA  1 
ATOM   1304 C C   . GLU A 1 170 ? 18.205  0.405   23.903  1.00 100.00 ? 2513 GLU A C   1 
ATOM   1305 O O   . GLU A 1 170 ? 19.254  0.314   24.577  1.00 99.59  ? 2513 GLU A O   1 
ATOM   1306 C CB  . GLU A 1 170 ? 17.233  1.176   26.076  1.00 100.00 ? 2513 GLU A CB  1 
ATOM   1307 N N   . ALA B 2 1   ? 7.635   11.017  -4.583  1.00 71.47  ? 10   ALA C N   1 
ATOM   1308 C CA  . ALA B 2 1   ? 6.385   10.186  -4.576  1.00 70.88  ? 10   ALA C CA  1 
ATOM   1309 C C   . ALA B 2 1   ? 6.632   8.884   -5.294  1.00 71.23  ? 10   ALA C C   1 
ATOM   1310 O O   . ALA B 2 1   ? 7.776   8.521   -5.532  1.00 69.52  ? 10   ALA C O   1 
ATOM   1311 C CB  . ALA B 2 1   ? 5.244   10.921  -5.261  1.00 75.10  ? 10   ALA C CB  1 
ATOM   1312 N N   . ARG B 2 2   ? 5.561   8.195   -5.692  1.00 69.92  ? 11   ARG C N   1 
ATOM   1313 C CA  . ARG B 2 2   ? 5.782   6.938   -6.363  1.00 70.08  ? 11   ARG C CA  1 
ATOM   1314 C C   . ARG B 2 2   ? 4.678   6.311   -7.188  1.00 70.84  ? 11   ARG C C   1 
ATOM   1315 O O   . ARG B 2 2   ? 3.766   5.669   -6.659  1.00 70.34  ? 11   ARG C O   1 
ATOM   1316 C CB  . ARG B 2 2   ? 6.279   5.921   -5.354  1.00 70.28  ? 11   ARG C CB  1 
ATOM   1317 C CG  . ARG B 2 2   ? 7.407   5.085   -5.893  1.00 74.60  ? 11   ARG C CG  1 
ATOM   1318 C CD  . ARG B 2 2   ? 7.950   5.640   -7.187  1.00 74.68  ? 11   ARG C CD  1 
ATOM   1319 N NE  . ARG B 2 2   ? 9.405   5.542   -7.255  1.00 79.71  ? 11   ARG C NE  1 
ATOM   1320 C CZ  . ARG B 2 2   ? 10.151  6.148   -8.175  1.00 80.80  ? 11   ARG C CZ  1 
ATOM   1321 N NH1 . ARG B 2 2   ? 9.574   6.895   -9.112  1.00 79.67  ? 11   ARG C NH1 1 
ATOM   1322 N NH2 . ARG B 2 2   ? 11.474  6.033   -8.141  1.00 78.55  ? 11   ARG C NH2 1 
ATOM   1323 N N   . GLY B 2 3   ? 4.802   6.473   -8.503  1.00 68.68  ? 12   GLY C N   1 
ATOM   1324 C CA  . GLY B 2 3   ? 3.835   5.911   -9.416  1.00 66.36  ? 12   GLY C CA  1 
ATOM   1325 C C   . GLY B 2 3   ? 2.483   6.459   -9.060  1.00 64.40  ? 12   GLY C C   1 
ATOM   1326 O O   . GLY B 2 3   ? 1.503   5.721   -9.025  1.00 61.86  ? 12   GLY C O   1 
HETATM 1327 N N   . 2MR B 2 4   ? 2.434   7.763   -8.802  1.00 62.14  ? 13   2MR C N   1 
HETATM 1328 C CA  . 2MR B 2 4   ? 1.187   8.407   -8.436  1.00 62.74  ? 13   2MR C CA  1 
HETATM 1329 C CB  . 2MR B 2 4   ? 1.427   9.397   -7.298  1.00 53.01  ? 13   2MR C CB  1 
HETATM 1330 C CG  . 2MR B 2 4   ? 1.370   8.774   -5.904  1.00 41.37  ? 13   2MR C CG  1 
HETATM 1331 C CD  . 2MR B 2 4   ? -0.044  8.319   -5.526  1.00 34.27  ? 13   2MR C CD  1 
HETATM 1332 N NE  . 2MR B 2 4   ? -0.115  7.774   -4.167  1.00 34.28  ? 13   2MR C NE  1 
HETATM 1333 C CZ  . 2MR B 2 4   ? -1.191  7.187   -3.638  1.00 30.00  ? 13   2MR C CZ  1 
HETATM 1334 N NH1 . 2MR B 2 4   ? -2.294  7.062   -4.353  1.00 30.00  ? 13   2MR C NH1 1 
HETATM 1335 C CQ1 . 2MR B 2 4   ? -3.238  5.977   -4.065  1.00 30.00  ? 13   2MR C CQ1 1 
HETATM 1336 N NH2 . 2MR B 2 4   ? -1.173  6.718   -2.389  1.00 30.00  ? 13   2MR C NH2 1 
HETATM 1337 C CQ2 . 2MR B 2 4   ? -0.013  6.926   -1.501  1.00 30.00  ? 13   2MR C CQ2 1 
HETATM 1338 C C   . 2MR B 2 4   ? 0.411   9.077   -9.575  1.00 64.60  ? 13   2MR C C   1 
HETATM 1339 O O   . 2MR B 2 4   ? -0.583  8.527   -10.044 1.00 66.31  ? 13   2MR C O   1 
ATOM   1340 N N   . GLY B 2 5   ? 0.828   10.252  -10.027 1.00 67.02  ? 14   GLY C N   1 
ATOM   1341 C CA  . GLY B 2 5   ? 0.061   10.870  -11.090 1.00 70.80  ? 14   GLY C CA  1 
ATOM   1342 C C   . GLY B 2 5   ? 0.554   12.188  -11.635 1.00 74.41  ? 14   GLY C C   1 
ATOM   1343 O O   . GLY B 2 5   ? 1.004   13.058  -10.886 1.00 74.06  ? 14   GLY C O   1 
ATOM   1344 N N   . ARG B 2 6   ? 0.453   12.327  -12.956 1.00 77.91  ? 15   ARG C N   1 
ATOM   1345 C CA  . ARG B 2 6   ? 0.879   13.532  -13.664 1.00 81.35  ? 15   ARG C CA  1 
ATOM   1346 C C   . ARG B 2 6   ? -0.084  13.846  -14.806 1.00 82.09  ? 15   ARG C C   1 
ATOM   1347 O O   . ARG B 2 6   ? 0.389   13.944  -15.956 1.00 81.99  ? 15   ARG C O   1 
ATOM   1348 C CB  . ARG B 2 6   ? 2.286   13.336  -14.232 1.00 82.39  ? 15   ARG C CB  1 
ATOM   1349 C CG  . ARG B 2 6   ? 3.247   14.468  -13.924 1.00 86.42  ? 15   ARG C CG  1 
ATOM   1350 C CD  . ARG B 2 6   ? 3.487   14.589  -12.427 1.00 91.30  ? 15   ARG C CD  1 
ATOM   1351 N NE  . ARG B 2 6   ? 3.841   13.307  -11.822 1.00 96.05  ? 15   ARG C NE  1 
ATOM   1352 C CZ  . ARG B 2 6   ? 4.913   12.589  -12.145 1.00 98.71  ? 15   ARG C CZ  1 
ATOM   1353 N NH1 . ARG B 2 6   ? 5.751   13.024  -13.076 1.00 99.23  ? 15   ARG C NH1 1 
ATOM   1354 N NH2 . ARG B 2 6   ? 5.146   11.431  -11.541 1.00 99.93  ? 15   ARG C NH2 1 
ATOM   1355 O OXT . ARG B 2 6   ? -1.298  13.990  -14.543 1.00 83.01  ? 15   ARG C OXT 1 
HETATM 1356 O O   . HOH C 3 .   ? -3.492  1.550   -6.232  1.00 30.00  ? 1    HOH A O   1 
HETATM 1357 O O   . HOH C 3 .   ? -14.909 8.394   -17.580 1.00 36.54  ? 2    HOH A O   1 
HETATM 1358 O O   . HOH C 3 .   ? 8.454   0.990   -15.568 1.00 36.00  ? 3    HOH A O   1 
HETATM 1359 O O   . HOH C 3 .   ? 11.980  -5.989  12.246  1.00 30.00  ? 4    HOH A O   1 
HETATM 1360 O O   . HOH C 3 .   ? 0.894   -2.606  14.931  1.00 58.17  ? 5    HOH A O   1 
HETATM 1361 O O   . HOH C 3 .   ? 8.117   3.124   -4.164  1.00 41.89  ? 6    HOH A O   1 
HETATM 1362 O O   . HOH C 3 .   ? -8.132  -5.200  -22.072 1.00 30.00  ? 7    HOH A O   1 
HETATM 1363 O O   . HOH C 3 .   ? -4.570  8.821   -27.680 1.00 73.38  ? 8    HOH A O   1 
HETATM 1364 O O   . HOH C 3 .   ? 16.340  -3.298  -5.167  1.00 33.68  ? 9    HOH A O   1 
HETATM 1365 O O   . HOH C 3 .   ? -18.681 7.067   -9.481  1.00 44.37  ? 10   HOH A O   1 
HETATM 1366 O O   . HOH C 3 .   ? 9.315   5.065   3.794   1.00 42.19  ? 11   HOH A O   1 
HETATM 1367 O O   . HOH C 3 .   ? 17.592  9.951   9.665   1.00 30.00  ? 12   HOH A O   1 
HETATM 1368 O O   . HOH C 3 .   ? 15.236  -8.490  14.431  1.00 43.47  ? 13   HOH A O   1 
HETATM 1369 O O   . HOH C 3 .   ? -2.889  1.905   -8.968  1.00 30.00  ? 14   HOH A O   1 
HETATM 1370 O O   . HOH C 3 .   ? 6.576   -6.907  -10.661 1.00 34.36  ? 15   HOH A O   1 
HETATM 1371 O O   . HOH C 3 .   ? -6.851  -1.875  5.584   1.00 44.14  ? 17   HOH A O   1 
HETATM 1372 O O   . HOH C 3 .   ? -4.599  0.383   4.896   1.00 46.26  ? 18   HOH A O   1 
HETATM 1373 O O   . HOH C 3 .   ? 0.358   -13.426 11.986  1.00 30.00  ? 19   HOH A O   1 
HETATM 1374 O O   . HOH C 3 .   ? 5.471   6.240   6.605   1.00 34.76  ? 20   HOH A O   1 
HETATM 1375 O O   . HOH C 3 .   ? 3.201   -12.047 20.061  1.00 33.72  ? 22   HOH A O   1 
HETATM 1376 O O   . HOH C 3 .   ? 22.490  -1.385  -0.187  1.00 62.26  ? 23   HOH A O   1 
HETATM 1377 O O   . HOH C 3 .   ? -0.128  13.253  2.351   1.00 68.18  ? 24   HOH A O   1 
HETATM 1378 O O   . HOH C 3 .   ? 0.214   16.262  3.668   1.00 51.42  ? 25   HOH A O   1 
HETATM 1379 O O   . HOH C 3 .   ? -1.942  11.423  2.469   1.00 54.56  ? 26   HOH A O   1 
HETATM 1380 O O   . HOH C 3 .   ? -2.930  10.590  -24.560 1.00 56.94  ? 29   HOH A O   1 
HETATM 1381 O O   . HOH C 3 .   ? -6.330  12.364  -24.744 1.00 49.31  ? 30   HOH A O   1 
HETATM 1382 O O   . HOH C 3 .   ? 5.448   -8.665  21.467  1.00 62.67  ? 31   HOH A O   1 
HETATM 1383 O O   . HOH C 3 .   ? 17.542  -13.379 4.571   1.00 55.98  ? 32   HOH A O   1 
HETATM 1384 O O   . HOH C 3 .   ? 21.978  -10.092 3.994   1.00 80.52  ? 33   HOH A O   1 
HETATM 1385 O O   . HOH C 3 .   ? 11.712  -16.332 2.743   1.00 51.59  ? 34   HOH A O   1 
HETATM 1386 O O   . HOH C 3 .   ? -10.441 -2.622  5.829   1.00 45.59  ? 35   HOH A O   1 
HETATM 1387 O O   . HOH C 3 .   ? -4.526  2.772   6.913   1.00 70.24  ? 36   HOH A O   1 
HETATM 1388 O O   . HOH C 3 .   ? -3.620  11.491  -20.830 1.00 62.82  ? 37   HOH A O   1 
HETATM 1389 O O   . HOH C 3 .   ? 17.568  -11.753 -1.977  1.00 88.47  ? 39   HOH A O   1 
HETATM 1390 O O   . HOH D 3 .   ? 3.228   7.261   -2.343  1.00 53.30  ? 21   HOH C O   1 
HETATM 1391 O O   . HOH D 3 .   ? 6.265   9.197   -9.720  1.00 59.44  ? 27   HOH C O   1 
HETATM 1392 O O   . HOH D 3 .   ? 4.166   11.099  -8.425  1.00 46.78  ? 28   HOH C O   1 
HETATM 1393 O O   . HOH D 3 .   ? 2.536   10.270  -14.499 1.00 38.25  ? 40   HOH C O   1 
# 
